data_1JVW
# 
_entry.id   1JVW 
# 
_audit_conform.dict_name       mmcif_pdbx.dic 
_audit_conform.dict_version    5.386 
_audit_conform.dict_location   http://mmcif.pdb.org/dictionaries/ascii/mmcif_pdbx.dic 
# 
loop_
_database_2.database_id 
_database_2.database_code 
_database_2.pdbx_database_accession 
_database_2.pdbx_DOI 
PDB   1JVW         pdb_00001jvw 10.2210/pdb1jvw/pdb 
RCSB  RCSB014244   ?            ?                   
WWPDB D_1000014244 ?            ?                   
# 
loop_
_pdbx_audit_revision_history.ordinal 
_pdbx_audit_revision_history.data_content_type 
_pdbx_audit_revision_history.major_revision 
_pdbx_audit_revision_history.minor_revision 
_pdbx_audit_revision_history.revision_date 
1 'Structure model' 1 0 2002-06-05 
2 'Structure model' 1 1 2008-04-27 
3 'Structure model' 1 2 2011-07-13 
4 'Structure model' 1 3 2024-02-07 
# 
_pdbx_audit_revision_details.ordinal             1 
_pdbx_audit_revision_details.revision_ordinal    1 
_pdbx_audit_revision_details.data_content_type   'Structure model' 
_pdbx_audit_revision_details.provider            repository 
_pdbx_audit_revision_details.type                'Initial release' 
_pdbx_audit_revision_details.description         ? 
_pdbx_audit_revision_details.details             ? 
# 
loop_
_pdbx_audit_revision_group.ordinal 
_pdbx_audit_revision_group.revision_ordinal 
_pdbx_audit_revision_group.data_content_type 
_pdbx_audit_revision_group.group 
1 2 'Structure model' 'Version format compliance' 
2 3 'Structure model' 'Version format compliance' 
3 4 'Structure model' 'Data collection'           
4 4 'Structure model' 'Database references'       
# 
loop_
_pdbx_audit_revision_category.ordinal 
_pdbx_audit_revision_category.revision_ordinal 
_pdbx_audit_revision_category.data_content_type 
_pdbx_audit_revision_category.category 
1 4 'Structure model' chem_comp_atom 
2 4 'Structure model' chem_comp_bond 
3 4 'Structure model' database_2     
4 4 'Structure model' diffrn_source  
# 
loop_
_pdbx_audit_revision_item.ordinal 
_pdbx_audit_revision_item.revision_ordinal 
_pdbx_audit_revision_item.data_content_type 
_pdbx_audit_revision_item.item 
1 4 'Structure model' '_database_2.pdbx_DOI'                 
2 4 'Structure model' '_database_2.pdbx_database_accession'  
3 4 'Structure model' '_diffrn_source.pdbx_synchrotron_site' 
# 
_pdbx_database_status.status_code                     REL 
_pdbx_database_status.entry_id                        1JVW 
_pdbx_database_status.recvd_initial_deposition_date   2001-08-31 
_pdbx_database_status.deposit_site                    RCSB 
_pdbx_database_status.process_site                    RCSB 
_pdbx_database_status.SG_entry                        . 
_pdbx_database_status.pdb_format_compatible           Y 
_pdbx_database_status.status_code_mr                  ? 
_pdbx_database_status.status_code_sf                  ? 
_pdbx_database_status.status_code_cs                  ? 
_pdbx_database_status.status_code_nmr_data            ? 
_pdbx_database_status.methods_development_category    ? 
# 
loop_
_audit_author.name 
_audit_author.pdbx_ordinal 
'Pereira, P.J.B.'      1 
'Vega, M.C.'           2 
'Gonzalez-Rey, E.'     3 
'Fernandez-Carazo, R.' 4 
'Macedo-Ribeiro, S.'   5 
'Gomis-Rueth, F.X.'    6 
'Gonzalez, A.'         7 
'Coll, M.'             8 
# 
_citation.id                        primary 
_citation.title                     
'Trypanosoma cruzi macrophage infectivity potentiator has a rotamase core and a highly exposed alpha-helix.' 
_citation.journal_abbrev            'EMBO Rep.' 
_citation.journal_volume            3 
_citation.page_first                88 
_citation.page_last                 94 
_citation.year                      2002 
_citation.journal_id_ASTM           ? 
_citation.country                   UK 
_citation.journal_id_ISSN           1469-221X 
_citation.journal_id_CSD            ? 
_citation.book_publisher            ? 
_citation.pdbx_database_id_PubMed   11751578 
_citation.pdbx_database_id_DOI      10.1093/embo-reports/kvf009 
# 
loop_
_citation_author.citation_id 
_citation_author.name 
_citation_author.ordinal 
_citation_author.identifier_ORCID 
primary 'Pereira, P.J.'        1 ? 
primary 'Vega, M.C.'           2 ? 
primary 'Gonzalez-Rey, E.'     3 ? 
primary 'Fernandez-Carazo, R.' 4 ? 
primary 'Macedo-Ribeiro, S.'   5 ? 
primary 'Gomis-Ruth, F.X.'     6 ? 
primary 'Gonzalez, A.'         7 ? 
primary 'Coll, M.'             8 ? 
# 
loop_
_entity.id 
_entity.type 
_entity.src_method 
_entity.pdbx_description 
_entity.formula_weight 
_entity.pdbx_number_of_molecules 
_entity.pdbx_ec 
_entity.pdbx_mutation 
_entity.pdbx_fragment 
_entity.details 
1 polymer man 'MACROPHAGE INFECTIVITY POTENTIATOR' 18863.271 1   5.2.1.8 ? ? ? 
2 water   nat water                                18.015    271 ?       ? ? ? 
# 
_entity_name_com.entity_id   1 
_entity_name_com.name        'TCMIP, Peptidyl-prolyl cis-trans isomerase, PPiase, Rotamase' 
# 
_entity_poly.entity_id                      1 
_entity_poly.type                           'polypeptide(L)' 
_entity_poly.nstd_linkage                   no 
_entity_poly.nstd_monomer                   no 
_entity_poly.pdbx_seq_one_letter_code       
;SGDAASHEERMNNYRKRVGRLFMEQKAAQPDAVKLPSGLVFQRIARGSGKRAPAIDDKCEVHYTGRLRDGTVFDSSRERG
KPTTFRPNEVIKGWTEALQLMREGDRWRLFIPYDLAYGVTGGGGMIPPYSPLEFDVELISIKDGGKGRTAEEVDEILRKA
EEDREDM
;
_entity_poly.pdbx_seq_one_letter_code_can   
;SGDAASHEERMNNYRKRVGRLFMEQKAAQPDAVKLPSGLVFQRIARGSGKRAPAIDDKCEVHYTGRLRDGTVFDSSRERG
KPTTFRPNEVIKGWTEALQLMREGDRWRLFIPYDLAYGVTGGGGMIPPYSPLEFDVELISIKDGGKGRTAEEVDEILRKA
EEDREDM
;
_entity_poly.pdbx_strand_id                 A 
_entity_poly.pdbx_target_identifier         ? 
# 
_pdbx_entity_nonpoly.entity_id   2 
_pdbx_entity_nonpoly.name        water 
_pdbx_entity_nonpoly.comp_id     HOH 
# 
loop_
_entity_poly_seq.entity_id 
_entity_poly_seq.num 
_entity_poly_seq.mon_id 
_entity_poly_seq.hetero 
1 1   SER n 
1 2   GLY n 
1 3   ASP n 
1 4   ALA n 
1 5   ALA n 
1 6   SER n 
1 7   HIS n 
1 8   GLU n 
1 9   GLU n 
1 10  ARG n 
1 11  MET n 
1 12  ASN n 
1 13  ASN n 
1 14  TYR n 
1 15  ARG n 
1 16  LYS n 
1 17  ARG n 
1 18  VAL n 
1 19  GLY n 
1 20  ARG n 
1 21  LEU n 
1 22  PHE n 
1 23  MET n 
1 24  GLU n 
1 25  GLN n 
1 26  LYS n 
1 27  ALA n 
1 28  ALA n 
1 29  GLN n 
1 30  PRO n 
1 31  ASP n 
1 32  ALA n 
1 33  VAL n 
1 34  LYS n 
1 35  LEU n 
1 36  PRO n 
1 37  SER n 
1 38  GLY n 
1 39  LEU n 
1 40  VAL n 
1 41  PHE n 
1 42  GLN n 
1 43  ARG n 
1 44  ILE n 
1 45  ALA n 
1 46  ARG n 
1 47  GLY n 
1 48  SER n 
1 49  GLY n 
1 50  LYS n 
1 51  ARG n 
1 52  ALA n 
1 53  PRO n 
1 54  ALA n 
1 55  ILE n 
1 56  ASP n 
1 57  ASP n 
1 58  LYS n 
1 59  CYS n 
1 60  GLU n 
1 61  VAL n 
1 62  HIS n 
1 63  TYR n 
1 64  THR n 
1 65  GLY n 
1 66  ARG n 
1 67  LEU n 
1 68  ARG n 
1 69  ASP n 
1 70  GLY n 
1 71  THR n 
1 72  VAL n 
1 73  PHE n 
1 74  ASP n 
1 75  SER n 
1 76  SER n 
1 77  ARG n 
1 78  GLU n 
1 79  ARG n 
1 80  GLY n 
1 81  LYS n 
1 82  PRO n 
1 83  THR n 
1 84  THR n 
1 85  PHE n 
1 86  ARG n 
1 87  PRO n 
1 88  ASN n 
1 89  GLU n 
1 90  VAL n 
1 91  ILE n 
1 92  LYS n 
1 93  GLY n 
1 94  TRP n 
1 95  THR n 
1 96  GLU n 
1 97  ALA n 
1 98  LEU n 
1 99  GLN n 
1 100 LEU n 
1 101 MET n 
1 102 ARG n 
1 103 GLU n 
1 104 GLY n 
1 105 ASP n 
1 106 ARG n 
1 107 TRP n 
1 108 ARG n 
1 109 LEU n 
1 110 PHE n 
1 111 ILE n 
1 112 PRO n 
1 113 TYR n 
1 114 ASP n 
1 115 LEU n 
1 116 ALA n 
1 117 TYR n 
1 118 GLY n 
1 119 VAL n 
1 120 THR n 
1 121 GLY n 
1 122 GLY n 
1 123 GLY n 
1 124 GLY n 
1 125 MET n 
1 126 ILE n 
1 127 PRO n 
1 128 PRO n 
1 129 TYR n 
1 130 SER n 
1 131 PRO n 
1 132 LEU n 
1 133 GLU n 
1 134 PHE n 
1 135 ASP n 
1 136 VAL n 
1 137 GLU n 
1 138 LEU n 
1 139 ILE n 
1 140 SER n 
1 141 ILE n 
1 142 LYS n 
1 143 ASP n 
1 144 GLY n 
1 145 GLY n 
1 146 LYS n 
1 147 GLY n 
1 148 ARG n 
1 149 THR n 
1 150 ALA n 
1 151 GLU n 
1 152 GLU n 
1 153 VAL n 
1 154 ASP n 
1 155 GLU n 
1 156 ILE n 
1 157 LEU n 
1 158 ARG n 
1 159 LYS n 
1 160 ALA n 
1 161 GLU n 
1 162 GLU n 
1 163 ASP n 
1 164 ARG n 
1 165 GLU n 
1 166 ASP n 
1 167 MET n 
# 
_entity_src_gen.entity_id                          1 
_entity_src_gen.pdbx_src_id                        1 
_entity_src_gen.pdbx_alt_source_flag               sample 
_entity_src_gen.pdbx_seq_type                      ? 
_entity_src_gen.pdbx_beg_seq_num                   ? 
_entity_src_gen.pdbx_end_seq_num                   ? 
_entity_src_gen.gene_src_common_name               ? 
_entity_src_gen.gene_src_genus                     Trypanosoma 
_entity_src_gen.pdbx_gene_src_gene                 ? 
_entity_src_gen.gene_src_species                   ? 
_entity_src_gen.gene_src_strain                    ? 
_entity_src_gen.gene_src_tissue                    ? 
_entity_src_gen.gene_src_tissue_fraction           ? 
_entity_src_gen.gene_src_details                   ? 
_entity_src_gen.pdbx_gene_src_fragment             ? 
_entity_src_gen.pdbx_gene_src_scientific_name      'Trypanosoma cruzi' 
_entity_src_gen.pdbx_gene_src_ncbi_taxonomy_id     5693 
_entity_src_gen.pdbx_gene_src_variant              ? 
_entity_src_gen.pdbx_gene_src_cell_line            ? 
_entity_src_gen.pdbx_gene_src_atcc                 ? 
_entity_src_gen.pdbx_gene_src_organ                ? 
_entity_src_gen.pdbx_gene_src_organelle            ? 
_entity_src_gen.pdbx_gene_src_cell                 ? 
_entity_src_gen.pdbx_gene_src_cellular_location    ? 
_entity_src_gen.host_org_common_name               ? 
_entity_src_gen.pdbx_host_org_scientific_name      'Escherichia coli' 
_entity_src_gen.pdbx_host_org_ncbi_taxonomy_id     562 
_entity_src_gen.host_org_genus                     Escherichia 
_entity_src_gen.pdbx_host_org_gene                 ? 
_entity_src_gen.pdbx_host_org_organ                ? 
_entity_src_gen.host_org_species                   ? 
_entity_src_gen.pdbx_host_org_tissue               ? 
_entity_src_gen.pdbx_host_org_tissue_fraction      ? 
_entity_src_gen.pdbx_host_org_strain               ? 
_entity_src_gen.pdbx_host_org_variant              ? 
_entity_src_gen.pdbx_host_org_cell_line            ? 
_entity_src_gen.pdbx_host_org_atcc                 ? 
_entity_src_gen.pdbx_host_org_culture_collection   ? 
_entity_src_gen.pdbx_host_org_cell                 ? 
_entity_src_gen.pdbx_host_org_organelle            ? 
_entity_src_gen.pdbx_host_org_cellular_location    ? 
_entity_src_gen.pdbx_host_org_vector_type          ? 
_entity_src_gen.pdbx_host_org_vector               ? 
_entity_src_gen.host_org_details                   ? 
_entity_src_gen.expression_system_id               ? 
_entity_src_gen.plasmid_name                       ? 
_entity_src_gen.plasmid_details                    ? 
_entity_src_gen.pdbx_description                   ? 
# 
loop_
_chem_comp.id 
_chem_comp.type 
_chem_comp.mon_nstd_flag 
_chem_comp.name 
_chem_comp.pdbx_synonyms 
_chem_comp.formula 
_chem_comp.formula_weight 
ALA 'L-peptide linking' y ALANINE         ? 'C3 H7 N O2'     89.093  
ARG 'L-peptide linking' y ARGININE        ? 'C6 H15 N4 O2 1' 175.209 
ASN 'L-peptide linking' y ASPARAGINE      ? 'C4 H8 N2 O3'    132.118 
ASP 'L-peptide linking' y 'ASPARTIC ACID' ? 'C4 H7 N O4'     133.103 
CYS 'L-peptide linking' y CYSTEINE        ? 'C3 H7 N O2 S'   121.158 
GLN 'L-peptide linking' y GLUTAMINE       ? 'C5 H10 N2 O3'   146.144 
GLU 'L-peptide linking' y 'GLUTAMIC ACID' ? 'C5 H9 N O4'     147.129 
GLY 'peptide linking'   y GLYCINE         ? 'C2 H5 N O2'     75.067  
HIS 'L-peptide linking' y HISTIDINE       ? 'C6 H10 N3 O2 1' 156.162 
HOH non-polymer         . WATER           ? 'H2 O'           18.015  
ILE 'L-peptide linking' y ISOLEUCINE      ? 'C6 H13 N O2'    131.173 
LEU 'L-peptide linking' y LEUCINE         ? 'C6 H13 N O2'    131.173 
LYS 'L-peptide linking' y LYSINE          ? 'C6 H15 N2 O2 1' 147.195 
MET 'L-peptide linking' y METHIONINE      ? 'C5 H11 N O2 S'  149.211 
PHE 'L-peptide linking' y PHENYLALANINE   ? 'C9 H11 N O2'    165.189 
PRO 'L-peptide linking' y PROLINE         ? 'C5 H9 N O2'     115.130 
SER 'L-peptide linking' y SERINE          ? 'C3 H7 N O3'     105.093 
THR 'L-peptide linking' y THREONINE       ? 'C4 H9 N O3'     119.119 
TRP 'L-peptide linking' y TRYPTOPHAN      ? 'C11 H12 N2 O2'  204.225 
TYR 'L-peptide linking' y TYROSINE        ? 'C9 H11 N O3'    181.189 
VAL 'L-peptide linking' y VALINE          ? 'C5 H11 N O2'    117.146 
# 
loop_
_pdbx_poly_seq_scheme.asym_id 
_pdbx_poly_seq_scheme.entity_id 
_pdbx_poly_seq_scheme.seq_id 
_pdbx_poly_seq_scheme.mon_id 
_pdbx_poly_seq_scheme.ndb_seq_num 
_pdbx_poly_seq_scheme.pdb_seq_num 
_pdbx_poly_seq_scheme.auth_seq_num 
_pdbx_poly_seq_scheme.pdb_mon_id 
_pdbx_poly_seq_scheme.auth_mon_id 
_pdbx_poly_seq_scheme.pdb_strand_id 
_pdbx_poly_seq_scheme.pdb_ins_code 
_pdbx_poly_seq_scheme.hetero 
A 1 1   SER 1   30  ?   ?   ?   A . n 
A 1 2   GLY 2   31  ?   ?   ?   A . n 
A 1 3   ASP 3   32  ?   ?   ?   A . n 
A 1 4   ALA 4   33  33  ALA ALA A . n 
A 1 5   ALA 5   34  34  ALA ALA A . n 
A 1 6   SER 6   35  35  SER SER A . n 
A 1 7   HIS 7   36  36  HIS HIS A . n 
A 1 8   GLU 8   37  37  GLU GLU A . n 
A 1 9   GLU 9   38  38  GLU GLU A . n 
A 1 10  ARG 10  39  39  ARG ARG A . n 
A 1 11  MET 11  40  40  MET MET A . n 
A 1 12  ASN 12  41  41  ASN ASN A . n 
A 1 13  ASN 13  42  42  ASN ASN A . n 
A 1 14  TYR 14  43  43  TYR TYR A . n 
A 1 15  ARG 15  44  44  ARG ARG A . n 
A 1 16  LYS 16  45  45  LYS LYS A . n 
A 1 17  ARG 17  46  46  ARG ARG A . n 
A 1 18  VAL 18  47  47  VAL VAL A . n 
A 1 19  GLY 19  48  48  GLY GLY A . n 
A 1 20  ARG 20  49  49  ARG ARG A . n 
A 1 21  LEU 21  50  50  LEU LEU A . n 
A 1 22  PHE 22  51  51  PHE PHE A . n 
A 1 23  MET 23  52  52  MET MET A . n 
A 1 24  GLU 24  53  53  GLU GLU A . n 
A 1 25  GLN 25  54  54  GLN GLN A . n 
A 1 26  LYS 26  55  55  LYS LYS A . n 
A 1 27  ALA 27  56  56  ALA ALA A . n 
A 1 28  ALA 28  57  57  ALA ALA A . n 
A 1 29  GLN 29  58  58  GLN GLN A . n 
A 1 30  PRO 30  59  59  PRO PRO A . n 
A 1 31  ASP 31  60  60  ASP ASP A . n 
A 1 32  ALA 32  61  61  ALA ALA A . n 
A 1 33  VAL 33  62  62  VAL VAL A . n 
A 1 34  LYS 34  63  63  LYS LYS A . n 
A 1 35  LEU 35  64  64  LEU LEU A . n 
A 1 36  PRO 36  65  65  PRO PRO A . n 
A 1 37  SER 37  66  66  SER SER A . n 
A 1 38  GLY 38  67  67  GLY GLY A . n 
A 1 39  LEU 39  68  68  LEU LEU A . n 
A 1 40  VAL 40  69  69  VAL VAL A . n 
A 1 41  PHE 41  70  70  PHE PHE A . n 
A 1 42  GLN 42  71  71  GLN GLN A . n 
A 1 43  ARG 43  72  72  ARG ARG A . n 
A 1 44  ILE 44  73  73  ILE ILE A . n 
A 1 45  ALA 45  74  74  ALA ALA A . n 
A 1 46  ARG 46  75  75  ARG ARG A . n 
A 1 47  GLY 47  76  76  GLY GLY A . n 
A 1 48  SER 48  77  77  SER SER A . n 
A 1 49  GLY 49  78  78  GLY GLY A . n 
A 1 50  LYS 50  79  79  LYS LYS A . n 
A 1 51  ARG 51  80  80  ARG ARG A . n 
A 1 52  ALA 52  81  81  ALA ALA A . n 
A 1 53  PRO 53  82  82  PRO PRO A . n 
A 1 54  ALA 54  83  83  ALA ALA A . n 
A 1 55  ILE 55  84  84  ILE ILE A . n 
A 1 56  ASP 56  85  85  ASP ASP A . n 
A 1 57  ASP 57  86  86  ASP ASP A . n 
A 1 58  LYS 58  87  87  LYS LYS A . n 
A 1 59  CYS 59  88  88  CYS CYS A . n 
A 1 60  GLU 60  89  89  GLU GLU A . n 
A 1 61  VAL 61  90  90  VAL VAL A . n 
A 1 62  HIS 62  91  91  HIS HIS A . n 
A 1 63  TYR 63  92  92  TYR TYR A . n 
A 1 64  THR 64  93  93  THR THR A . n 
A 1 65  GLY 65  94  94  GLY GLY A . n 
A 1 66  ARG 66  95  95  ARG ARG A . n 
A 1 67  LEU 67  96  96  LEU LEU A . n 
A 1 68  ARG 68  97  97  ARG ARG A . n 
A 1 69  ASP 69  98  98  ASP ASP A . n 
A 1 70  GLY 70  99  99  GLY GLY A . n 
A 1 71  THR 71  100 100 THR THR A . n 
A 1 72  VAL 72  101 101 VAL VAL A . n 
A 1 73  PHE 73  102 102 PHE PHE A . n 
A 1 74  ASP 74  103 103 ASP ASP A . n 
A 1 75  SER 75  104 104 SER SER A . n 
A 1 76  SER 76  105 105 SER SER A . n 
A 1 77  ARG 77  106 106 ARG ARG A . n 
A 1 78  GLU 78  107 107 GLU GLU A . n 
A 1 79  ARG 79  108 108 ARG ARG A . n 
A 1 80  GLY 80  109 109 GLY GLY A . n 
A 1 81  LYS 81  110 110 LYS LYS A . n 
A 1 82  PRO 82  111 111 PRO PRO A . n 
A 1 83  THR 83  112 112 THR THR A . n 
A 1 84  THR 84  113 113 THR THR A . n 
A 1 85  PHE 85  114 114 PHE PHE A . n 
A 1 86  ARG 86  115 115 ARG ARG A . n 
A 1 87  PRO 87  116 116 PRO PRO A . n 
A 1 88  ASN 88  117 117 ASN ASN A . n 
A 1 89  GLU 89  118 118 GLU GLU A . n 
A 1 90  VAL 90  119 119 VAL VAL A . n 
A 1 91  ILE 91  120 120 ILE ILE A . n 
A 1 92  LYS 92  121 121 LYS LYS A . n 
A 1 93  GLY 93  122 122 GLY GLY A . n 
A 1 94  TRP 94  123 123 TRP TRP A . n 
A 1 95  THR 95  124 124 THR THR A . n 
A 1 96  GLU 96  125 125 GLU GLU A . n 
A 1 97  ALA 97  126 126 ALA ALA A . n 
A 1 98  LEU 98  127 127 LEU LEU A . n 
A 1 99  GLN 99  128 128 GLN GLN A . n 
A 1 100 LEU 100 129 129 LEU LEU A . n 
A 1 101 MET 101 130 130 MET MET A . n 
A 1 102 ARG 102 131 131 ARG ARG A . n 
A 1 103 GLU 103 132 132 GLU GLU A . n 
A 1 104 GLY 104 133 133 GLY GLY A . n 
A 1 105 ASP 105 134 134 ASP ASP A . n 
A 1 106 ARG 106 135 135 ARG ARG A . n 
A 1 107 TRP 107 136 136 TRP TRP A . n 
A 1 108 ARG 108 137 137 ARG ARG A . n 
A 1 109 LEU 109 138 138 LEU LEU A . n 
A 1 110 PHE 110 139 139 PHE PHE A . n 
A 1 111 ILE 111 140 140 ILE ILE A . n 
A 1 112 PRO 112 141 141 PRO PRO A . n 
A 1 113 TYR 113 142 142 TYR TYR A . n 
A 1 114 ASP 114 143 143 ASP ASP A . n 
A 1 115 LEU 115 144 144 LEU LEU A . n 
A 1 116 ALA 116 145 145 ALA ALA A . n 
A 1 117 TYR 117 146 146 TYR TYR A . n 
A 1 118 GLY 118 147 147 GLY GLY A . n 
A 1 119 VAL 119 148 148 VAL VAL A . n 
A 1 120 THR 120 149 149 THR THR A . n 
A 1 121 GLY 121 150 150 GLY GLY A . n 
A 1 122 GLY 122 151 151 GLY GLY A . n 
A 1 123 GLY 123 152 152 GLY GLY A . n 
A 1 124 GLY 124 153 153 GLY GLY A . n 
A 1 125 MET 125 154 154 MET MET A . n 
A 1 126 ILE 126 155 155 ILE ILE A . n 
A 1 127 PRO 127 156 156 PRO PRO A . n 
A 1 128 PRO 128 157 157 PRO PRO A . n 
A 1 129 TYR 129 158 158 TYR TYR A . n 
A 1 130 SER 130 159 159 SER SER A . n 
A 1 131 PRO 131 160 160 PRO PRO A . n 
A 1 132 LEU 132 161 161 LEU LEU A . n 
A 1 133 GLU 133 162 162 GLU GLU A . n 
A 1 134 PHE 134 163 163 PHE PHE A . n 
A 1 135 ASP 135 164 164 ASP ASP A . n 
A 1 136 VAL 136 165 165 VAL VAL A . n 
A 1 137 GLU 137 166 166 GLU GLU A . n 
A 1 138 LEU 138 167 167 LEU LEU A . n 
A 1 139 ILE 139 168 168 ILE ILE A . n 
A 1 140 SER 140 169 169 SER SER A . n 
A 1 141 ILE 141 170 170 ILE ILE A . n 
A 1 142 LYS 142 171 171 LYS LYS A . n 
A 1 143 ASP 143 172 172 ASP ASP A . n 
A 1 144 GLY 144 173 173 GLY GLY A . n 
A 1 145 GLY 145 174 174 GLY GLY A . n 
A 1 146 LYS 146 175 175 LYS LYS A . n 
A 1 147 GLY 147 176 176 GLY GLY A . n 
A 1 148 ARG 148 177 177 ARG ARG A . n 
A 1 149 THR 149 178 178 THR THR A . n 
A 1 150 ALA 150 179 179 ALA ALA A . n 
A 1 151 GLU 151 180 180 GLU GLU A . n 
A 1 152 GLU 152 181 181 GLU GLU A . n 
A 1 153 VAL 153 182 182 VAL VAL A . n 
A 1 154 ASP 154 183 183 ASP ASP A . n 
A 1 155 GLU 155 184 184 GLU GLU A . n 
A 1 156 ILE 156 185 185 ILE ILE A . n 
A 1 157 LEU 157 186 186 LEU LEU A . n 
A 1 158 ARG 158 187 187 ARG ARG A . n 
A 1 159 LYS 159 188 188 LYS LYS A . n 
A 1 160 ALA 160 189 189 ALA ALA A . n 
A 1 161 GLU 161 190 190 GLU GLU A . n 
A 1 162 GLU 162 191 191 GLU GLU A . n 
A 1 163 ASP 163 192 192 ASP ASP A . n 
A 1 164 ARG 164 193 ?   ?   ?   A . n 
A 1 165 GLU 165 194 ?   ?   ?   A . n 
A 1 166 ASP 166 195 ?   ?   ?   A . n 
A 1 167 MET 167 196 ?   ?   ?   A . n 
# 
loop_
_pdbx_nonpoly_scheme.asym_id 
_pdbx_nonpoly_scheme.entity_id 
_pdbx_nonpoly_scheme.mon_id 
_pdbx_nonpoly_scheme.ndb_seq_num 
_pdbx_nonpoly_scheme.pdb_seq_num 
_pdbx_nonpoly_scheme.auth_seq_num 
_pdbx_nonpoly_scheme.pdb_mon_id 
_pdbx_nonpoly_scheme.auth_mon_id 
_pdbx_nonpoly_scheme.pdb_strand_id 
_pdbx_nonpoly_scheme.pdb_ins_code 
B 2 HOH 1   1001 1001 HOH HOH A . 
B 2 HOH 2   1002 1002 HOH HOH A . 
B 2 HOH 3   1003 1003 HOH HOH A . 
B 2 HOH 4   1004 1004 HOH HOH A . 
B 2 HOH 5   1005 1005 HOH HOH A . 
B 2 HOH 6   1006 1006 HOH HOH A . 
B 2 HOH 7   1007 1007 HOH HOH A . 
B 2 HOH 8   1008 1008 HOH HOH A . 
B 2 HOH 9   1009 1009 HOH HOH A . 
B 2 HOH 10  1010 1010 HOH HOH A . 
B 2 HOH 11  1011 1011 HOH HOH A . 
B 2 HOH 12  1012 1012 HOH HOH A . 
B 2 HOH 13  1013 1013 HOH HOH A . 
B 2 HOH 14  1014 1014 HOH HOH A . 
B 2 HOH 15  1015 1015 HOH HOH A . 
B 2 HOH 16  1016 1016 HOH HOH A . 
B 2 HOH 17  1017 1017 HOH HOH A . 
B 2 HOH 18  1018 1018 HOH HOH A . 
B 2 HOH 19  1019 1019 HOH HOH A . 
B 2 HOH 20  1020 1020 HOH HOH A . 
B 2 HOH 21  1021 1021 HOH HOH A . 
B 2 HOH 22  1022 1022 HOH HOH A . 
B 2 HOH 23  1023 1023 HOH HOH A . 
B 2 HOH 24  1024 1024 HOH HOH A . 
B 2 HOH 25  1025 1025 HOH HOH A . 
B 2 HOH 26  1026 1026 HOH HOH A . 
B 2 HOH 27  1027 1027 HOH HOH A . 
B 2 HOH 28  1028 1028 HOH HOH A . 
B 2 HOH 29  1029 1029 HOH HOH A . 
B 2 HOH 30  1030 1030 HOH HOH A . 
B 2 HOH 31  1031 1031 HOH HOH A . 
B 2 HOH 32  1032 1032 HOH HOH A . 
B 2 HOH 33  1033 1033 HOH HOH A . 
B 2 HOH 34  1034 1034 HOH HOH A . 
B 2 HOH 35  1035 1035 HOH HOH A . 
B 2 HOH 36  1036 1036 HOH HOH A . 
B 2 HOH 37  1037 1037 HOH HOH A . 
B 2 HOH 38  1038 1038 HOH HOH A . 
B 2 HOH 39  1039 1039 HOH HOH A . 
B 2 HOH 40  1040 1040 HOH HOH A . 
B 2 HOH 41  1041 1041 HOH HOH A . 
B 2 HOH 42  1042 1042 HOH HOH A . 
B 2 HOH 43  1043 1043 HOH HOH A . 
B 2 HOH 44  1044 1044 HOH HOH A . 
B 2 HOH 45  1045 1045 HOH HOH A . 
B 2 HOH 46  1046 1046 HOH HOH A . 
B 2 HOH 47  1047 1047 HOH HOH A . 
B 2 HOH 48  1048 1048 HOH HOH A . 
B 2 HOH 49  1049 1049 HOH HOH A . 
B 2 HOH 50  1050 1050 HOH HOH A . 
B 2 HOH 51  1051 1051 HOH HOH A . 
B 2 HOH 52  1052 1052 HOH HOH A . 
B 2 HOH 53  1053 1053 HOH HOH A . 
B 2 HOH 54  1054 1054 HOH HOH A . 
B 2 HOH 55  1055 1055 HOH HOH A . 
B 2 HOH 56  1056 1056 HOH HOH A . 
B 2 HOH 57  1057 1057 HOH HOH A . 
B 2 HOH 58  1058 1058 HOH HOH A . 
B 2 HOH 59  1059 1059 HOH HOH A . 
B 2 HOH 60  1060 1060 HOH HOH A . 
B 2 HOH 61  1061 1061 HOH HOH A . 
B 2 HOH 62  1062 1062 HOH HOH A . 
B 2 HOH 63  1063 1063 HOH HOH A . 
B 2 HOH 64  1064 1064 HOH HOH A . 
B 2 HOH 65  1065 1065 HOH HOH A . 
B 2 HOH 66  1066 1066 HOH HOH A . 
B 2 HOH 67  1067 1067 HOH HOH A . 
B 2 HOH 68  1068 1068 HOH HOH A . 
B 2 HOH 69  1069 1069 HOH HOH A . 
B 2 HOH 70  1070 1070 HOH HOH A . 
B 2 HOH 71  1071 1071 HOH HOH A . 
B 2 HOH 72  1072 1072 HOH HOH A . 
B 2 HOH 73  1073 1073 HOH HOH A . 
B 2 HOH 74  1074 1074 HOH HOH A . 
B 2 HOH 75  1075 1075 HOH HOH A . 
B 2 HOH 76  1076 1076 HOH HOH A . 
B 2 HOH 77  1077 1077 HOH HOH A . 
B 2 HOH 78  1078 1078 HOH HOH A . 
B 2 HOH 79  1079 1079 HOH HOH A . 
B 2 HOH 80  1080 1080 HOH HOH A . 
B 2 HOH 81  1081 1081 HOH HOH A . 
B 2 HOH 82  1082 1082 HOH HOH A . 
B 2 HOH 83  1083 1083 HOH HOH A . 
B 2 HOH 84  1084 1084 HOH HOH A . 
B 2 HOH 85  1085 1085 HOH HOH A . 
B 2 HOH 86  1086 1086 HOH HOH A . 
B 2 HOH 87  1087 1087 HOH HOH A . 
B 2 HOH 88  1088 1088 HOH HOH A . 
B 2 HOH 89  1089 1089 HOH HOH A . 
B 2 HOH 90  1090 1090 HOH HOH A . 
B 2 HOH 91  1091 1091 HOH HOH A . 
B 2 HOH 92  1092 1092 HOH HOH A . 
B 2 HOH 93  1093 1093 HOH HOH A . 
B 2 HOH 94  1094 1094 HOH HOH A . 
B 2 HOH 95  1095 1095 HOH HOH A . 
B 2 HOH 96  1096 1096 HOH HOH A . 
B 2 HOH 97  1097 1097 HOH HOH A . 
B 2 HOH 98  1098 1098 HOH HOH A . 
B 2 HOH 99  1099 1099 HOH HOH A . 
B 2 HOH 100 1100 1100 HOH HOH A . 
B 2 HOH 101 1101 1101 HOH HOH A . 
B 2 HOH 102 1102 1102 HOH HOH A . 
B 2 HOH 103 1103 1103 HOH HOH A . 
B 2 HOH 104 1104 1104 HOH HOH A . 
B 2 HOH 105 1105 1105 HOH HOH A . 
B 2 HOH 106 1106 1106 HOH HOH A . 
B 2 HOH 107 1107 1107 HOH HOH A . 
B 2 HOH 108 1108 1108 HOH HOH A . 
B 2 HOH 109 1109 1109 HOH HOH A . 
B 2 HOH 110 1110 1110 HOH HOH A . 
B 2 HOH 111 1111 1111 HOH HOH A . 
B 2 HOH 112 1112 1112 HOH HOH A . 
B 2 HOH 113 1113 1113 HOH HOH A . 
B 2 HOH 114 1114 1114 HOH HOH A . 
B 2 HOH 115 1115 1115 HOH HOH A . 
B 2 HOH 116 1116 1116 HOH HOH A . 
B 2 HOH 117 1117 1117 HOH HOH A . 
B 2 HOH 118 1118 1118 HOH HOH A . 
B 2 HOH 119 1119 1119 HOH HOH A . 
B 2 HOH 120 1120 1120 HOH HOH A . 
B 2 HOH 121 1121 1121 HOH HOH A . 
B 2 HOH 122 1122 1122 HOH HOH A . 
B 2 HOH 123 1123 1123 HOH HOH A . 
B 2 HOH 124 1124 1124 HOH HOH A . 
B 2 HOH 125 1125 1125 HOH HOH A . 
B 2 HOH 126 1126 1126 HOH HOH A . 
B 2 HOH 127 1127 1127 HOH HOH A . 
B 2 HOH 128 1128 1128 HOH HOH A . 
B 2 HOH 129 1129 1129 HOH HOH A . 
B 2 HOH 130 1130 1130 HOH HOH A . 
B 2 HOH 131 1131 1131 HOH HOH A . 
B 2 HOH 132 1132 1132 HOH HOH A . 
B 2 HOH 133 1133 1133 HOH HOH A . 
B 2 HOH 134 1134 1134 HOH HOH A . 
B 2 HOH 135 1135 1135 HOH HOH A . 
B 2 HOH 136 1136 1136 HOH HOH A . 
B 2 HOH 137 1137 1137 HOH HOH A . 
B 2 HOH 138 1138 1138 HOH HOH A . 
B 2 HOH 139 1139 1139 HOH HOH A . 
B 2 HOH 140 1140 1140 HOH HOH A . 
B 2 HOH 141 1141 1141 HOH HOH A . 
B 2 HOH 142 1142 1142 HOH HOH A . 
B 2 HOH 143 1143 1143 HOH HOH A . 
B 2 HOH 144 1144 1144 HOH HOH A . 
B 2 HOH 145 1145 1145 HOH HOH A . 
B 2 HOH 146 1146 1146 HOH HOH A . 
B 2 HOH 147 1147 1147 HOH HOH A . 
B 2 HOH 148 1148 1148 HOH HOH A . 
B 2 HOH 149 1149 1149 HOH HOH A . 
B 2 HOH 150 1150 1150 HOH HOH A . 
B 2 HOH 151 1151 1151 HOH HOH A . 
B 2 HOH 152 1152 1152 HOH HOH A . 
B 2 HOH 153 1153 1153 HOH HOH A . 
B 2 HOH 154 1155 1155 HOH HOH A . 
B 2 HOH 155 1156 1156 HOH HOH A . 
B 2 HOH 156 1157 1157 HOH HOH A . 
B 2 HOH 157 1158 1158 HOH HOH A . 
B 2 HOH 158 1159 1159 HOH HOH A . 
B 2 HOH 159 1160 1160 HOH HOH A . 
B 2 HOH 160 1161 1161 HOH HOH A . 
B 2 HOH 161 1162 1162 HOH HOH A . 
B 2 HOH 162 1163 1163 HOH HOH A . 
B 2 HOH 163 1164 1164 HOH HOH A . 
B 2 HOH 164 1165 1165 HOH HOH A . 
B 2 HOH 165 1166 1166 HOH HOH A . 
B 2 HOH 166 1167 1167 HOH HOH A . 
B 2 HOH 167 1168 1168 HOH HOH A . 
B 2 HOH 168 1169 1169 HOH HOH A . 
B 2 HOH 169 1170 1170 HOH HOH A . 
B 2 HOH 170 1171 1171 HOH HOH A . 
B 2 HOH 171 1172 1172 HOH HOH A . 
B 2 HOH 172 1173 1173 HOH HOH A . 
B 2 HOH 173 1174 1174 HOH HOH A . 
B 2 HOH 174 1175 1175 HOH HOH A . 
B 2 HOH 175 1176 1176 HOH HOH A . 
B 2 HOH 176 1177 1177 HOH HOH A . 
B 2 HOH 177 1178 1178 HOH HOH A . 
B 2 HOH 178 1179 1179 HOH HOH A . 
B 2 HOH 179 1180 1180 HOH HOH A . 
B 2 HOH 180 1181 1181 HOH HOH A . 
B 2 HOH 181 1182 1182 HOH HOH A . 
B 2 HOH 182 1183 1183 HOH HOH A . 
B 2 HOH 183 1184 1184 HOH HOH A . 
B 2 HOH 184 1185 1185 HOH HOH A . 
B 2 HOH 185 1186 1186 HOH HOH A . 
B 2 HOH 186 1187 1187 HOH HOH A . 
B 2 HOH 187 1188 1188 HOH HOH A . 
B 2 HOH 188 1189 1189 HOH HOH A . 
B 2 HOH 189 1190 1190 HOH HOH A . 
B 2 HOH 190 1191 1191 HOH HOH A . 
B 2 HOH 191 1192 1192 HOH HOH A . 
B 2 HOH 192 1193 1193 HOH HOH A . 
B 2 HOH 193 1194 1194 HOH HOH A . 
B 2 HOH 194 1195 1195 HOH HOH A . 
B 2 HOH 195 1196 1196 HOH HOH A . 
B 2 HOH 196 1197 1197 HOH HOH A . 
B 2 HOH 197 1198 1198 HOH HOH A . 
B 2 HOH 198 1199 1199 HOH HOH A . 
B 2 HOH 199 1200 1200 HOH HOH A . 
B 2 HOH 200 1201 1201 HOH HOH A . 
B 2 HOH 201 1202 1202 HOH HOH A . 
B 2 HOH 202 1203 1203 HOH HOH A . 
B 2 HOH 203 1204 1204 HOH HOH A . 
B 2 HOH 204 1205 1205 HOH HOH A . 
B 2 HOH 205 1206 1206 HOH HOH A . 
B 2 HOH 206 1207 1207 HOH HOH A . 
B 2 HOH 207 1208 1208 HOH HOH A . 
B 2 HOH 208 1209 1209 HOH HOH A . 
B 2 HOH 209 1210 1210 HOH HOH A . 
B 2 HOH 210 1211 1211 HOH HOH A . 
B 2 HOH 211 1212 1212 HOH HOH A . 
B 2 HOH 212 1213 1213 HOH HOH A . 
B 2 HOH 213 1214 1214 HOH HOH A . 
B 2 HOH 214 1215 1215 HOH HOH A . 
B 2 HOH 215 1216 1216 HOH HOH A . 
B 2 HOH 216 1217 1217 HOH HOH A . 
B 2 HOH 217 1218 1218 HOH HOH A . 
B 2 HOH 218 1219 1219 HOH HOH A . 
B 2 HOH 219 1220 1220 HOH HOH A . 
B 2 HOH 220 1221 1221 HOH HOH A . 
B 2 HOH 221 1222 1222 HOH HOH A . 
B 2 HOH 222 1223 1223 HOH HOH A . 
B 2 HOH 223 1224 1224 HOH HOH A . 
B 2 HOH 224 1225 1225 HOH HOH A . 
B 2 HOH 225 1226 1226 HOH HOH A . 
B 2 HOH 226 1227 1227 HOH HOH A . 
B 2 HOH 227 1228 1228 HOH HOH A . 
B 2 HOH 228 1229 1229 HOH HOH A . 
B 2 HOH 229 1230 1230 HOH HOH A . 
B 2 HOH 230 1231 1231 HOH HOH A . 
B 2 HOH 231 1232 1232 HOH HOH A . 
B 2 HOH 232 1233 1233 HOH HOH A . 
B 2 HOH 233 1234 1234 HOH HOH A . 
B 2 HOH 234 1235 1235 HOH HOH A . 
B 2 HOH 235 1236 1236 HOH HOH A . 
B 2 HOH 236 1237 1237 HOH HOH A . 
B 2 HOH 237 1238 1238 HOH HOH A . 
B 2 HOH 238 1239 1239 HOH HOH A . 
B 2 HOH 239 1240 1240 HOH HOH A . 
B 2 HOH 240 1241 1241 HOH HOH A . 
B 2 HOH 241 1242 1242 HOH HOH A . 
B 2 HOH 242 1243 1243 HOH HOH A . 
B 2 HOH 243 1244 1244 HOH HOH A . 
B 2 HOH 244 1245 1245 HOH HOH A . 
B 2 HOH 245 1246 1246 HOH HOH A . 
B 2 HOH 246 1247 1247 HOH HOH A . 
B 2 HOH 247 1248 1248 HOH HOH A . 
B 2 HOH 248 1250 1250 HOH HOH A . 
B 2 HOH 249 1251 1251 HOH HOH A . 
B 2 HOH 250 1252 1252 HOH HOH A . 
B 2 HOH 251 1253 1253 HOH HOH A . 
B 2 HOH 252 1254 1254 HOH HOH A . 
B 2 HOH 253 1255 1255 HOH HOH A . 
B 2 HOH 254 1256 1256 HOH HOH A . 
B 2 HOH 255 1257 1257 HOH HOH A . 
B 2 HOH 256 1258 1258 HOH HOH A . 
B 2 HOH 257 1259 1259 HOH HOH A . 
B 2 HOH 258 1260 1260 HOH HOH A . 
B 2 HOH 259 1261 1261 HOH HOH A . 
B 2 HOH 260 1262 1262 HOH HOH A . 
B 2 HOH 261 1263 1263 HOH HOH A . 
B 2 HOH 262 1264 1264 HOH HOH A . 
B 2 HOH 263 1265 1265 HOH HOH A . 
B 2 HOH 264 1266 1266 HOH HOH A . 
B 2 HOH 265 1267 1267 HOH HOH A . 
B 2 HOH 266 1268 1268 HOH HOH A . 
B 2 HOH 267 1269 1269 HOH HOH A . 
B 2 HOH 268 1270 1270 HOH HOH A . 
B 2 HOH 269 1271 1271 HOH HOH A . 
B 2 HOH 270 1272 1272 HOH HOH A . 
B 2 HOH 271 1273 1273 HOH HOH A . 
# 
loop_
_pdbx_unobs_or_zero_occ_atoms.id 
_pdbx_unobs_or_zero_occ_atoms.PDB_model_num 
_pdbx_unobs_or_zero_occ_atoms.polymer_flag 
_pdbx_unobs_or_zero_occ_atoms.occupancy_flag 
_pdbx_unobs_or_zero_occ_atoms.auth_asym_id 
_pdbx_unobs_or_zero_occ_atoms.auth_comp_id 
_pdbx_unobs_or_zero_occ_atoms.auth_seq_id 
_pdbx_unobs_or_zero_occ_atoms.PDB_ins_code 
_pdbx_unobs_or_zero_occ_atoms.auth_atom_id 
_pdbx_unobs_or_zero_occ_atoms.label_alt_id 
_pdbx_unobs_or_zero_occ_atoms.label_asym_id 
_pdbx_unobs_or_zero_occ_atoms.label_comp_id 
_pdbx_unobs_or_zero_occ_atoms.label_seq_id 
_pdbx_unobs_or_zero_occ_atoms.label_atom_id 
1 1 Y 0 A LYS 79  ? CD ? A LYS 50 CD 
2 1 Y 0 A LYS 79  ? CE ? A LYS 50 CE 
3 1 Y 0 A LYS 79  ? NZ ? A LYS 50 NZ 
4 1 Y 0 A LYS 87  ? CE ? A LYS 58 CE 
5 1 Y 0 A LYS 87  ? NZ ? A LYS 58 NZ 
6 1 Y 0 A LYS 110 ? CD ? A LYS 81 CD 
7 1 Y 0 A LYS 110 ? CE ? A LYS 81 CE 
8 1 Y 0 A LYS 110 ? NZ ? A LYS 81 NZ 
# 
loop_
_software.name 
_software.classification 
_software.version 
_software.citation_id 
_software.pdbx_ordinal 
AMoRE     phasing          .         ? 1 
SHELXL-97 refinement       .         ? 2 
MOSFLM    'data reduction' .         ? 3 
CCP4      'data scaling'   '(SCALA)' ? 4 
# 
_cell.entry_id           1JVW 
_cell.length_a           46.034 
_cell.length_b           34.587 
_cell.length_c           50.412 
_cell.angle_alpha        90.00 
_cell.angle_beta         91.57 
_cell.angle_gamma        90.00 
_cell.Z_PDB              2 
_cell.pdbx_unique_axis   ? 
# 
_symmetry.entry_id                         1JVW 
_symmetry.space_group_name_H-M             'P 1 21 1' 
_symmetry.pdbx_full_space_group_name_H-M   ? 
_symmetry.cell_setting                     ? 
_symmetry.Int_Tables_number                4 
# 
_exptl.entry_id          1JVW 
_exptl.method            'X-RAY DIFFRACTION' 
_exptl.crystals_number   1 
# 
_exptl_crystal.id                    1 
_exptl_crystal.density_meas          ? 
_exptl_crystal.density_Matthews      2.13 
_exptl_crystal.density_percent_sol   42.14 
_exptl_crystal.description           ? 
# 
_exptl_crystal_grow.crystal_id      1 
_exptl_crystal_grow.method          'SMALL TUBES' 
_exptl_crystal_grow.temp            277 
_exptl_crystal_grow.temp_details    ? 
_exptl_crystal_grow.pH              7.5 
_exptl_crystal_grow.pdbx_details    'PMSF, Tris/HCl, pH 7.5, SMALL TUBES, temperature 277K' 
_exptl_crystal_grow.pdbx_pH_range   . 
# 
_diffrn.id                     1 
_diffrn.ambient_temp           100 
_diffrn.ambient_temp_details   ? 
_diffrn.crystal_id             1 
# 
_diffrn_detector.diffrn_id              1 
_diffrn_detector.detector               'IMAGE PLATE' 
_diffrn_detector.type                   MARRESEARCH 
_diffrn_detector.pdbx_collection_date   1997-12-20 
_diffrn_detector.details                ? 
# 
_diffrn_radiation.diffrn_id                        1 
_diffrn_radiation.wavelength_id                    1 
_diffrn_radiation.pdbx_monochromatic_or_laue_m_l   M 
_diffrn_radiation.monochromator                    'SAGITALLY FOCUSED Si(111)' 
_diffrn_radiation.pdbx_diffrn_protocol             'SINGLE WAVELENGTH' 
_diffrn_radiation.pdbx_scattering_type             x-ray 
# 
_diffrn_radiation_wavelength.id           1 
_diffrn_radiation_wavelength.wavelength   0.885 
_diffrn_radiation_wavelength.wt           1.0 
# 
_diffrn_source.diffrn_id                   1 
_diffrn_source.source                      SYNCHROTRON 
_diffrn_source.type                        'EMBL/DESY, HAMBURG BEAMLINE BW7B' 
_diffrn_source.pdbx_synchrotron_site       'EMBL/DESY, HAMBURG' 
_diffrn_source.pdbx_synchrotron_beamline   BW7B 
_diffrn_source.pdbx_wavelength             ? 
_diffrn_source.pdbx_wavelength_list        0.885 
# 
_reflns.entry_id                     1JVW 
_reflns.observed_criterion_sigma_I   0.0 
_reflns.observed_criterion_sigma_F   0.0 
_reflns.d_resolution_low             19.2 
_reflns.d_resolution_high            1.7 
_reflns.number_obs                   17009 
_reflns.number_all                   ? 
_reflns.percent_possible_obs         95.9 
_reflns.pdbx_Rmerge_I_obs            ? 
_reflns.pdbx_Rsym_value              ? 
_reflns.pdbx_netI_over_sigmaI        ? 
_reflns.B_iso_Wilson_estimate        ? 
_reflns.pdbx_redundancy              ? 
_reflns.R_free_details               ? 
_reflns.limit_h_max                  ? 
_reflns.limit_h_min                  ? 
_reflns.limit_k_max                  ? 
_reflns.limit_k_min                  ? 
_reflns.limit_l_max                  ? 
_reflns.limit_l_min                  ? 
_reflns.observed_criterion_F_max     ? 
_reflns.observed_criterion_F_min     ? 
_reflns.pdbx_diffrn_id               1 
_reflns.pdbx_ordinal                 1 
# 
_reflns_shell.d_res_high             1.7 
_reflns_shell.d_res_low              1.79 
_reflns_shell.percent_possible_all   89.8 
_reflns_shell.Rmerge_I_obs           ? 
_reflns_shell.pdbx_Rsym_value        ? 
_reflns_shell.meanI_over_sigI_obs    ? 
_reflns_shell.pdbx_redundancy        ? 
_reflns_shell.percent_possible_obs   ? 
_reflns_shell.number_unique_all      ? 
_reflns_shell.pdbx_diffrn_id         ? 
_reflns_shell.pdbx_ordinal           1 
# 
_refine.entry_id                                 1JVW 
_refine.ls_number_reflns_obs                     16999 
_refine.ls_number_reflns_all                     16999 
_refine.pdbx_ls_sigma_I                          ? 
_refine.pdbx_ls_sigma_F                          0.0 
_refine.pdbx_data_cutoff_high_absF               ? 
_refine.pdbx_data_cutoff_low_absF                ? 
_refine.ls_d_res_low                             19.0 
_refine.ls_d_res_high                            1.7 
_refine.ls_percent_reflns_obs                    ? 
_refine.ls_R_factor_obs                          0.1790000 
_refine.ls_R_factor_all                          0.1790000 
_refine.ls_R_factor_R_work                       0.1760000 
_refine.ls_R_factor_R_free                       0.2310000 
_refine.ls_R_factor_R_free_error                 ? 
_refine.ls_R_factor_R_free_error_details         ? 
_refine.ls_percent_reflns_R_free                 ? 
_refine.ls_number_reflns_R_free                  863 
_refine.ls_number_parameters                     ? 
_refine.ls_number_restraints                     ? 
_refine.occupancy_min                            ? 
_refine.occupancy_max                            ? 
_refine.B_iso_mean                               ? 
_refine.aniso_B[1][1]                            ? 
_refine.aniso_B[2][2]                            ? 
_refine.aniso_B[3][3]                            ? 
_refine.aniso_B[1][2]                            ? 
_refine.aniso_B[1][3]                            ? 
_refine.aniso_B[2][3]                            ? 
_refine.solvent_model_details                    ? 
_refine.solvent_model_param_ksol                 ? 
_refine.solvent_model_param_bsol                 ? 
_refine.pdbx_ls_cross_valid_method               ? 
_refine.details                                  ? 
_refine.pdbx_starting_model                      ? 
_refine.pdbx_method_to_determine_struct          'MOLECULAR REPLACEMENT' 
_refine.pdbx_isotropic_thermal_model             ? 
_refine.pdbx_stereochemistry_target_values       'Engh & Huber' 
_refine.pdbx_stereochem_target_val_spec_case     ? 
_refine.pdbx_R_Free_selection_details            RANDOM 
_refine.pdbx_overall_ESU_R_Free                  ? 
_refine.overall_SU_B                             ? 
_refine.ls_redundancy_reflns_obs                 ? 
_refine.B_iso_min                                ? 
_refine.B_iso_max                                ? 
_refine.correlation_coeff_Fo_to_Fc               ? 
_refine.overall_SU_R_Cruickshank_DPI             ? 
_refine.overall_SU_R_free                        ? 
_refine.overall_SU_ML                            ? 
_refine.pdbx_overall_ESU_R                       ? 
_refine.pdbx_data_cutoff_high_rms_absF           ? 
_refine.correlation_coeff_Fo_to_Fc_free          ? 
_refine.pdbx_solvent_vdw_probe_radii             ? 
_refine.pdbx_solvent_ion_probe_radii             ? 
_refine.pdbx_solvent_shrinkage_radii             ? 
_refine.pdbx_refine_id                           'X-RAY DIFFRACTION' 
_refine.pdbx_diffrn_id                           1 
_refine.pdbx_TLS_residual_ADP_flag               ? 
_refine.pdbx_overall_phase_error                 ? 
_refine.pdbx_overall_SU_R_free_Cruickshank_DPI   ? 
_refine.pdbx_overall_SU_R_Blow_DPI               ? 
_refine.pdbx_overall_SU_R_free_Blow_DPI          ? 
# 
_refine_hist.pdbx_refine_id                   'X-RAY DIFFRACTION' 
_refine_hist.cycle_id                         LAST 
_refine_hist.pdbx_number_atoms_protein        1286 
_refine_hist.pdbx_number_atoms_nucleic_acid   0 
_refine_hist.pdbx_number_atoms_ligand         0 
_refine_hist.number_atoms_solvent             271 
_refine_hist.number_atoms_total               1557 
_refine_hist.d_res_high                       1.7 
_refine_hist.d_res_low                        19.0 
# 
loop_
_refine_ls_restr.type 
_refine_ls_restr.dev_ideal 
_refine_ls_restr.dev_ideal_target 
_refine_ls_restr.weight 
_refine_ls_restr.number 
_refine_ls_restr.pdbx_refine_id 
_refine_ls_restr.pdbx_restraint_function 
s_angle_d 1.572 ? ? ? 'X-RAY DIFFRACTION' ? 
s_bond_d  0.005 ? ? ? 'X-RAY DIFFRACTION' ? 
# 
_struct.entry_id                  1JVW 
_struct.title                     'TRYPANOSOMA CRUZI MACROPHAGE INFECTIVITY POTENTIATOR (TCMIP)' 
_struct.pdbx_model_details        ? 
_struct.pdbx_CASP_flag            ? 
_struct.pdbx_model_type_details   ? 
# 
_struct_keywords.entry_id        1JVW 
_struct_keywords.pdbx_keywords   ISOMERASE 
_struct_keywords.text            
'Macrophage Infectivity Potentiator, Trypanosoma cruzi, Chagas disease, X-ray crystal structure, rotamase, ISOMERASE' 
# 
loop_
_struct_asym.id 
_struct_asym.pdbx_blank_PDB_chainid_flag 
_struct_asym.pdbx_modified 
_struct_asym.entity_id 
_struct_asym.details 
A N N 1 ? 
B N N 2 ? 
# 
_struct_ref.id                         1 
_struct_ref.db_name                    UNP 
_struct_ref.db_code                    MIP_TRYCR 
_struct_ref.entity_id                  1 
_struct_ref.pdbx_seq_one_letter_code   
;MHRENYFSKIAFCLLGVLFLSCITSVQTVSGDAASHEERMNNYRKRVGRLFMEQKAAQPDAVKLPSGLVFQRIARGSGKR
APAIDDKCEVHYTGRLRDGTVFDSSRERGKPTTFRPNEVIKGWTEALQLMREGDRWRLFIPYDLAYGVTGGGGMIPPYSP
LEFDVELISIKDGGKGRTAEEVDEILRKAEEDREDM
;
_struct_ref.pdbx_align_begin           1 
_struct_ref.pdbx_db_accession          Q09734 
_struct_ref.pdbx_db_isoform            ? 
# 
_struct_ref_seq.align_id                      1 
_struct_ref_seq.ref_id                        1 
_struct_ref_seq.pdbx_PDB_id_code              1JVW 
_struct_ref_seq.pdbx_strand_id                A 
_struct_ref_seq.seq_align_beg                 1 
_struct_ref_seq.pdbx_seq_align_beg_ins_code   ? 
_struct_ref_seq.seq_align_end                 167 
_struct_ref_seq.pdbx_seq_align_end_ins_code   ? 
_struct_ref_seq.pdbx_db_accession             Q09734 
_struct_ref_seq.db_align_beg                  30 
_struct_ref_seq.pdbx_db_align_beg_ins_code    ? 
_struct_ref_seq.db_align_end                  196 
_struct_ref_seq.pdbx_db_align_end_ins_code    ? 
_struct_ref_seq.pdbx_auth_seq_align_beg       30 
_struct_ref_seq.pdbx_auth_seq_align_end       196 
# 
_pdbx_struct_assembly.id                   1 
_pdbx_struct_assembly.details              author_defined_assembly 
_pdbx_struct_assembly.method_details       ? 
_pdbx_struct_assembly.oligomeric_details   monomeric 
_pdbx_struct_assembly.oligomeric_count     1 
# 
_pdbx_struct_assembly_gen.assembly_id       1 
_pdbx_struct_assembly_gen.oper_expression   1 
_pdbx_struct_assembly_gen.asym_id_list      A,B 
# 
_pdbx_struct_oper_list.id                   1 
_pdbx_struct_oper_list.type                 'identity operation' 
_pdbx_struct_oper_list.name                 1_555 
_pdbx_struct_oper_list.symmetry_operation   x,y,z 
_pdbx_struct_oper_list.matrix[1][1]         1.0000000000 
_pdbx_struct_oper_list.matrix[1][2]         0.0000000000 
_pdbx_struct_oper_list.matrix[1][3]         0.0000000000 
_pdbx_struct_oper_list.vector[1]            0.0000000000 
_pdbx_struct_oper_list.matrix[2][1]         0.0000000000 
_pdbx_struct_oper_list.matrix[2][2]         1.0000000000 
_pdbx_struct_oper_list.matrix[2][3]         0.0000000000 
_pdbx_struct_oper_list.vector[2]            0.0000000000 
_pdbx_struct_oper_list.matrix[3][1]         0.0000000000 
_pdbx_struct_oper_list.matrix[3][2]         0.0000000000 
_pdbx_struct_oper_list.matrix[3][3]         1.0000000000 
_pdbx_struct_oper_list.vector[3]            0.0000000000 
# 
loop_
_struct_conf.conf_type_id 
_struct_conf.id 
_struct_conf.pdbx_PDB_helix_id 
_struct_conf.beg_label_comp_id 
_struct_conf.beg_label_asym_id 
_struct_conf.beg_label_seq_id 
_struct_conf.pdbx_beg_PDB_ins_code 
_struct_conf.end_label_comp_id 
_struct_conf.end_label_asym_id 
_struct_conf.end_label_seq_id 
_struct_conf.pdbx_end_PDB_ins_code 
_struct_conf.beg_auth_comp_id 
_struct_conf.beg_auth_asym_id 
_struct_conf.beg_auth_seq_id 
_struct_conf.end_auth_comp_id 
_struct_conf.end_auth_asym_id 
_struct_conf.end_auth_seq_id 
_struct_conf.pdbx_PDB_helix_class 
_struct_conf.details 
_struct_conf.pdbx_PDB_helix_length 
HELX_P HELX_P1 1 SER A 6   ? GLN A 29  ? SER A 35  GLN A 58  1 ? 24 
HELX_P HELX_P2 2 SER A 76  ? GLY A 80  ? SER A 105 GLY A 109 1 ? 5  
HELX_P HELX_P3 3 ARG A 86  ? VAL A 90  ? ARG A 115 VAL A 119 5 ? 5  
HELX_P HELX_P4 4 ILE A 91  ? GLN A 99  ? ILE A 120 GLN A 128 1 ? 9  
HELX_P HELX_P5 5 PRO A 112 ? ALA A 116 ? PRO A 141 ALA A 145 5 ? 5  
HELX_P HELX_P6 6 ASP A 143 ? GLY A 145 ? ASP A 172 GLY A 174 5 ? 3  
HELX_P HELX_P7 7 THR A 149 ? ASP A 163 ? THR A 178 ASP A 192 1 ? 15 
# 
_struct_conf_type.id          HELX_P 
_struct_conf_type.criteria    ? 
_struct_conf_type.reference   ? 
# 
loop_
_struct_sheet.id 
_struct_sheet.type 
_struct_sheet.number_strands 
_struct_sheet.details 
A ? 6 ? 
B ? 6 ? 
# 
loop_
_struct_sheet_order.sheet_id 
_struct_sheet_order.range_id_1 
_struct_sheet_order.range_id_2 
_struct_sheet_order.offset 
_struct_sheet_order.sense 
A 1 2 ? anti-parallel 
A 2 3 ? anti-parallel 
A 3 4 ? anti-parallel 
A 4 5 ? anti-parallel 
A 5 6 ? anti-parallel 
B 1 2 ? anti-parallel 
B 2 3 ? anti-parallel 
B 3 4 ? anti-parallel 
B 4 5 ? anti-parallel 
B 5 6 ? anti-parallel 
# 
loop_
_struct_sheet_range.sheet_id 
_struct_sheet_range.id 
_struct_sheet_range.beg_label_comp_id 
_struct_sheet_range.beg_label_asym_id 
_struct_sheet_range.beg_label_seq_id 
_struct_sheet_range.pdbx_beg_PDB_ins_code 
_struct_sheet_range.end_label_comp_id 
_struct_sheet_range.end_label_asym_id 
_struct_sheet_range.end_label_seq_id 
_struct_sheet_range.pdbx_end_PDB_ins_code 
_struct_sheet_range.beg_auth_comp_id 
_struct_sheet_range.beg_auth_asym_id 
_struct_sheet_range.beg_auth_seq_id 
_struct_sheet_range.end_auth_comp_id 
_struct_sheet_range.end_auth_asym_id 
_struct_sheet_range.end_auth_seq_id 
A 1 ALA A 32  ? LYS A 34  ? ALA A 61  LYS A 63  
A 2 VAL A 40  ? ALA A 45  ? VAL A 69  ALA A 74  
A 3 ARG A 106 ? ILE A 111 ? ARG A 135 ILE A 140 
A 4 LEU A 132 ? ILE A 141 ? LEU A 161 ILE A 170 
A 5 CYS A 59  ? ARG A 66  ? CYS A 88  ARG A 95  
A 6 VAL A 72  ? SER A 75  ? VAL A 101 SER A 104 
B 1 ALA A 32  ? LYS A 34  ? ALA A 61  LYS A 63  
B 2 VAL A 40  ? ALA A 45  ? VAL A 69  ALA A 74  
B 3 ARG A 106 ? ILE A 111 ? ARG A 135 ILE A 140 
B 4 LEU A 132 ? ILE A 141 ? LEU A 161 ILE A 170 
B 5 CYS A 59  ? ARG A 66  ? CYS A 88  ARG A 95  
B 6 THR A 83  ? PHE A 85  ? THR A 112 PHE A 114 
# 
loop_
_pdbx_struct_sheet_hbond.sheet_id 
_pdbx_struct_sheet_hbond.range_id_1 
_pdbx_struct_sheet_hbond.range_id_2 
_pdbx_struct_sheet_hbond.range_1_label_atom_id 
_pdbx_struct_sheet_hbond.range_1_label_comp_id 
_pdbx_struct_sheet_hbond.range_1_label_asym_id 
_pdbx_struct_sheet_hbond.range_1_label_seq_id 
_pdbx_struct_sheet_hbond.range_1_PDB_ins_code 
_pdbx_struct_sheet_hbond.range_1_auth_atom_id 
_pdbx_struct_sheet_hbond.range_1_auth_comp_id 
_pdbx_struct_sheet_hbond.range_1_auth_asym_id 
_pdbx_struct_sheet_hbond.range_1_auth_seq_id 
_pdbx_struct_sheet_hbond.range_2_label_atom_id 
_pdbx_struct_sheet_hbond.range_2_label_comp_id 
_pdbx_struct_sheet_hbond.range_2_label_asym_id 
_pdbx_struct_sheet_hbond.range_2_label_seq_id 
_pdbx_struct_sheet_hbond.range_2_PDB_ins_code 
_pdbx_struct_sheet_hbond.range_2_auth_atom_id 
_pdbx_struct_sheet_hbond.range_2_auth_comp_id 
_pdbx_struct_sheet_hbond.range_2_auth_asym_id 
_pdbx_struct_sheet_hbond.range_2_auth_seq_id 
A 1 2 N VAL A 33  ? N VAL A 62  O PHE A 41  ? O PHE A 70  
A 2 3 N VAL A 40  ? N VAL A 69  O PHE A 110 ? O PHE A 139 
A 3 4 N TRP A 107 ? N TRP A 136 O VAL A 136 ? O VAL A 165 
A 4 5 O GLU A 133 ? O GLU A 162 N ARG A 66  ? N ARG A 95  
A 5 6 N GLY A 65  ? N GLY A 94  O ASP A 74  ? O ASP A 103 
B 1 2 N VAL A 33  ? N VAL A 62  O PHE A 41  ? O PHE A 70  
B 2 3 N VAL A 40  ? N VAL A 69  O PHE A 110 ? O PHE A 139 
B 3 4 N TRP A 107 ? N TRP A 136 O VAL A 136 ? O VAL A 165 
B 4 5 O GLU A 133 ? O GLU A 162 N ARG A 66  ? N ARG A 95  
B 5 6 N CYS A 59  ? N CYS A 88  O PHE A 85  ? O PHE A 114 
# 
_pdbx_validate_torsion.id              1 
_pdbx_validate_torsion.PDB_model_num   1 
_pdbx_validate_torsion.auth_comp_id    ALA 
_pdbx_validate_torsion.auth_asym_id    A 
_pdbx_validate_torsion.auth_seq_id     145 
_pdbx_validate_torsion.PDB_ins_code    ? 
_pdbx_validate_torsion.label_alt_id    ? 
_pdbx_validate_torsion.phi             -122.09 
_pdbx_validate_torsion.psi             -114.57 
# 
loop_
_pdbx_unobs_or_zero_occ_residues.id 
_pdbx_unobs_or_zero_occ_residues.PDB_model_num 
_pdbx_unobs_or_zero_occ_residues.polymer_flag 
_pdbx_unobs_or_zero_occ_residues.occupancy_flag 
_pdbx_unobs_or_zero_occ_residues.auth_asym_id 
_pdbx_unobs_or_zero_occ_residues.auth_comp_id 
_pdbx_unobs_or_zero_occ_residues.auth_seq_id 
_pdbx_unobs_or_zero_occ_residues.PDB_ins_code 
_pdbx_unobs_or_zero_occ_residues.label_asym_id 
_pdbx_unobs_or_zero_occ_residues.label_comp_id 
_pdbx_unobs_or_zero_occ_residues.label_seq_id 
1 1 Y 1 A SER 30  ? A SER 1   
2 1 Y 1 A GLY 31  ? A GLY 2   
3 1 Y 1 A ASP 32  ? A ASP 3   
4 1 Y 1 A ARG 193 ? A ARG 164 
5 1 Y 1 A GLU 194 ? A GLU 165 
6 1 Y 1 A ASP 195 ? A ASP 166 
7 1 Y 1 A MET 196 ? A MET 167 
# 
loop_
_chem_comp_atom.comp_id 
_chem_comp_atom.atom_id 
_chem_comp_atom.type_symbol 
_chem_comp_atom.pdbx_aromatic_flag 
_chem_comp_atom.pdbx_stereo_config 
_chem_comp_atom.pdbx_ordinal 
ALA N    N N N 1   
ALA CA   C N S 2   
ALA C    C N N 3   
ALA O    O N N 4   
ALA CB   C N N 5   
ALA OXT  O N N 6   
ALA H    H N N 7   
ALA H2   H N N 8   
ALA HA   H N N 9   
ALA HB1  H N N 10  
ALA HB2  H N N 11  
ALA HB3  H N N 12  
ALA HXT  H N N 13  
ARG N    N N N 14  
ARG CA   C N S 15  
ARG C    C N N 16  
ARG O    O N N 17  
ARG CB   C N N 18  
ARG CG   C N N 19  
ARG CD   C N N 20  
ARG NE   N N N 21  
ARG CZ   C N N 22  
ARG NH1  N N N 23  
ARG NH2  N N N 24  
ARG OXT  O N N 25  
ARG H    H N N 26  
ARG H2   H N N 27  
ARG HA   H N N 28  
ARG HB2  H N N 29  
ARG HB3  H N N 30  
ARG HG2  H N N 31  
ARG HG3  H N N 32  
ARG HD2  H N N 33  
ARG HD3  H N N 34  
ARG HE   H N N 35  
ARG HH11 H N N 36  
ARG HH12 H N N 37  
ARG HH21 H N N 38  
ARG HH22 H N N 39  
ARG HXT  H N N 40  
ASN N    N N N 41  
ASN CA   C N S 42  
ASN C    C N N 43  
ASN O    O N N 44  
ASN CB   C N N 45  
ASN CG   C N N 46  
ASN OD1  O N N 47  
ASN ND2  N N N 48  
ASN OXT  O N N 49  
ASN H    H N N 50  
ASN H2   H N N 51  
ASN HA   H N N 52  
ASN HB2  H N N 53  
ASN HB3  H N N 54  
ASN HD21 H N N 55  
ASN HD22 H N N 56  
ASN HXT  H N N 57  
ASP N    N N N 58  
ASP CA   C N S 59  
ASP C    C N N 60  
ASP O    O N N 61  
ASP CB   C N N 62  
ASP CG   C N N 63  
ASP OD1  O N N 64  
ASP OD2  O N N 65  
ASP OXT  O N N 66  
ASP H    H N N 67  
ASP H2   H N N 68  
ASP HA   H N N 69  
ASP HB2  H N N 70  
ASP HB3  H N N 71  
ASP HD2  H N N 72  
ASP HXT  H N N 73  
CYS N    N N N 74  
CYS CA   C N R 75  
CYS C    C N N 76  
CYS O    O N N 77  
CYS CB   C N N 78  
CYS SG   S N N 79  
CYS OXT  O N N 80  
CYS H    H N N 81  
CYS H2   H N N 82  
CYS HA   H N N 83  
CYS HB2  H N N 84  
CYS HB3  H N N 85  
CYS HG   H N N 86  
CYS HXT  H N N 87  
GLN N    N N N 88  
GLN CA   C N S 89  
GLN C    C N N 90  
GLN O    O N N 91  
GLN CB   C N N 92  
GLN CG   C N N 93  
GLN CD   C N N 94  
GLN OE1  O N N 95  
GLN NE2  N N N 96  
GLN OXT  O N N 97  
GLN H    H N N 98  
GLN H2   H N N 99  
GLN HA   H N N 100 
GLN HB2  H N N 101 
GLN HB3  H N N 102 
GLN HG2  H N N 103 
GLN HG3  H N N 104 
GLN HE21 H N N 105 
GLN HE22 H N N 106 
GLN HXT  H N N 107 
GLU N    N N N 108 
GLU CA   C N S 109 
GLU C    C N N 110 
GLU O    O N N 111 
GLU CB   C N N 112 
GLU CG   C N N 113 
GLU CD   C N N 114 
GLU OE1  O N N 115 
GLU OE2  O N N 116 
GLU OXT  O N N 117 
GLU H    H N N 118 
GLU H2   H N N 119 
GLU HA   H N N 120 
GLU HB2  H N N 121 
GLU HB3  H N N 122 
GLU HG2  H N N 123 
GLU HG3  H N N 124 
GLU HE2  H N N 125 
GLU HXT  H N N 126 
GLY N    N N N 127 
GLY CA   C N N 128 
GLY C    C N N 129 
GLY O    O N N 130 
GLY OXT  O N N 131 
GLY H    H N N 132 
GLY H2   H N N 133 
GLY HA2  H N N 134 
GLY HA3  H N N 135 
GLY HXT  H N N 136 
HIS N    N N N 137 
HIS CA   C N S 138 
HIS C    C N N 139 
HIS O    O N N 140 
HIS CB   C N N 141 
HIS CG   C Y N 142 
HIS ND1  N Y N 143 
HIS CD2  C Y N 144 
HIS CE1  C Y N 145 
HIS NE2  N Y N 146 
HIS OXT  O N N 147 
HIS H    H N N 148 
HIS H2   H N N 149 
HIS HA   H N N 150 
HIS HB2  H N N 151 
HIS HB3  H N N 152 
HIS HD1  H N N 153 
HIS HD2  H N N 154 
HIS HE1  H N N 155 
HIS HE2  H N N 156 
HIS HXT  H N N 157 
HOH O    O N N 158 
HOH H1   H N N 159 
HOH H2   H N N 160 
ILE N    N N N 161 
ILE CA   C N S 162 
ILE C    C N N 163 
ILE O    O N N 164 
ILE CB   C N S 165 
ILE CG1  C N N 166 
ILE CG2  C N N 167 
ILE CD1  C N N 168 
ILE OXT  O N N 169 
ILE H    H N N 170 
ILE H2   H N N 171 
ILE HA   H N N 172 
ILE HB   H N N 173 
ILE HG12 H N N 174 
ILE HG13 H N N 175 
ILE HG21 H N N 176 
ILE HG22 H N N 177 
ILE HG23 H N N 178 
ILE HD11 H N N 179 
ILE HD12 H N N 180 
ILE HD13 H N N 181 
ILE HXT  H N N 182 
LEU N    N N N 183 
LEU CA   C N S 184 
LEU C    C N N 185 
LEU O    O N N 186 
LEU CB   C N N 187 
LEU CG   C N N 188 
LEU CD1  C N N 189 
LEU CD2  C N N 190 
LEU OXT  O N N 191 
LEU H    H N N 192 
LEU H2   H N N 193 
LEU HA   H N N 194 
LEU HB2  H N N 195 
LEU HB3  H N N 196 
LEU HG   H N N 197 
LEU HD11 H N N 198 
LEU HD12 H N N 199 
LEU HD13 H N N 200 
LEU HD21 H N N 201 
LEU HD22 H N N 202 
LEU HD23 H N N 203 
LEU HXT  H N N 204 
LYS N    N N N 205 
LYS CA   C N S 206 
LYS C    C N N 207 
LYS O    O N N 208 
LYS CB   C N N 209 
LYS CG   C N N 210 
LYS CD   C N N 211 
LYS CE   C N N 212 
LYS NZ   N N N 213 
LYS OXT  O N N 214 
LYS H    H N N 215 
LYS H2   H N N 216 
LYS HA   H N N 217 
LYS HB2  H N N 218 
LYS HB3  H N N 219 
LYS HG2  H N N 220 
LYS HG3  H N N 221 
LYS HD2  H N N 222 
LYS HD3  H N N 223 
LYS HE2  H N N 224 
LYS HE3  H N N 225 
LYS HZ1  H N N 226 
LYS HZ2  H N N 227 
LYS HZ3  H N N 228 
LYS HXT  H N N 229 
MET N    N N N 230 
MET CA   C N S 231 
MET C    C N N 232 
MET O    O N N 233 
MET CB   C N N 234 
MET CG   C N N 235 
MET SD   S N N 236 
MET CE   C N N 237 
MET OXT  O N N 238 
MET H    H N N 239 
MET H2   H N N 240 
MET HA   H N N 241 
MET HB2  H N N 242 
MET HB3  H N N 243 
MET HG2  H N N 244 
MET HG3  H N N 245 
MET HE1  H N N 246 
MET HE2  H N N 247 
MET HE3  H N N 248 
MET HXT  H N N 249 
PHE N    N N N 250 
PHE CA   C N S 251 
PHE C    C N N 252 
PHE O    O N N 253 
PHE CB   C N N 254 
PHE CG   C Y N 255 
PHE CD1  C Y N 256 
PHE CD2  C Y N 257 
PHE CE1  C Y N 258 
PHE CE2  C Y N 259 
PHE CZ   C Y N 260 
PHE OXT  O N N 261 
PHE H    H N N 262 
PHE H2   H N N 263 
PHE HA   H N N 264 
PHE HB2  H N N 265 
PHE HB3  H N N 266 
PHE HD1  H N N 267 
PHE HD2  H N N 268 
PHE HE1  H N N 269 
PHE HE2  H N N 270 
PHE HZ   H N N 271 
PHE HXT  H N N 272 
PRO N    N N N 273 
PRO CA   C N S 274 
PRO C    C N N 275 
PRO O    O N N 276 
PRO CB   C N N 277 
PRO CG   C N N 278 
PRO CD   C N N 279 
PRO OXT  O N N 280 
PRO H    H N N 281 
PRO HA   H N N 282 
PRO HB2  H N N 283 
PRO HB3  H N N 284 
PRO HG2  H N N 285 
PRO HG3  H N N 286 
PRO HD2  H N N 287 
PRO HD3  H N N 288 
PRO HXT  H N N 289 
SER N    N N N 290 
SER CA   C N S 291 
SER C    C N N 292 
SER O    O N N 293 
SER CB   C N N 294 
SER OG   O N N 295 
SER OXT  O N N 296 
SER H    H N N 297 
SER H2   H N N 298 
SER HA   H N N 299 
SER HB2  H N N 300 
SER HB3  H N N 301 
SER HG   H N N 302 
SER HXT  H N N 303 
THR N    N N N 304 
THR CA   C N S 305 
THR C    C N N 306 
THR O    O N N 307 
THR CB   C N R 308 
THR OG1  O N N 309 
THR CG2  C N N 310 
THR OXT  O N N 311 
THR H    H N N 312 
THR H2   H N N 313 
THR HA   H N N 314 
THR HB   H N N 315 
THR HG1  H N N 316 
THR HG21 H N N 317 
THR HG22 H N N 318 
THR HG23 H N N 319 
THR HXT  H N N 320 
TRP N    N N N 321 
TRP CA   C N S 322 
TRP C    C N N 323 
TRP O    O N N 324 
TRP CB   C N N 325 
TRP CG   C Y N 326 
TRP CD1  C Y N 327 
TRP CD2  C Y N 328 
TRP NE1  N Y N 329 
TRP CE2  C Y N 330 
TRP CE3  C Y N 331 
TRP CZ2  C Y N 332 
TRP CZ3  C Y N 333 
TRP CH2  C Y N 334 
TRP OXT  O N N 335 
TRP H    H N N 336 
TRP H2   H N N 337 
TRP HA   H N N 338 
TRP HB2  H N N 339 
TRP HB3  H N N 340 
TRP HD1  H N N 341 
TRP HE1  H N N 342 
TRP HE3  H N N 343 
TRP HZ2  H N N 344 
TRP HZ3  H N N 345 
TRP HH2  H N N 346 
TRP HXT  H N N 347 
TYR N    N N N 348 
TYR CA   C N S 349 
TYR C    C N N 350 
TYR O    O N N 351 
TYR CB   C N N 352 
TYR CG   C Y N 353 
TYR CD1  C Y N 354 
TYR CD2  C Y N 355 
TYR CE1  C Y N 356 
TYR CE2  C Y N 357 
TYR CZ   C Y N 358 
TYR OH   O N N 359 
TYR OXT  O N N 360 
TYR H    H N N 361 
TYR H2   H N N 362 
TYR HA   H N N 363 
TYR HB2  H N N 364 
TYR HB3  H N N 365 
TYR HD1  H N N 366 
TYR HD2  H N N 367 
TYR HE1  H N N 368 
TYR HE2  H N N 369 
TYR HH   H N N 370 
TYR HXT  H N N 371 
VAL N    N N N 372 
VAL CA   C N S 373 
VAL C    C N N 374 
VAL O    O N N 375 
VAL CB   C N N 376 
VAL CG1  C N N 377 
VAL CG2  C N N 378 
VAL OXT  O N N 379 
VAL H    H N N 380 
VAL H2   H N N 381 
VAL HA   H N N 382 
VAL HB   H N N 383 
VAL HG11 H N N 384 
VAL HG12 H N N 385 
VAL HG13 H N N 386 
VAL HG21 H N N 387 
VAL HG22 H N N 388 
VAL HG23 H N N 389 
VAL HXT  H N N 390 
# 
loop_
_chem_comp_bond.comp_id 
_chem_comp_bond.atom_id_1 
_chem_comp_bond.atom_id_2 
_chem_comp_bond.value_order 
_chem_comp_bond.pdbx_aromatic_flag 
_chem_comp_bond.pdbx_stereo_config 
_chem_comp_bond.pdbx_ordinal 
ALA N   CA   sing N N 1   
ALA N   H    sing N N 2   
ALA N   H2   sing N N 3   
ALA CA  C    sing N N 4   
ALA CA  CB   sing N N 5   
ALA CA  HA   sing N N 6   
ALA C   O    doub N N 7   
ALA C   OXT  sing N N 8   
ALA CB  HB1  sing N N 9   
ALA CB  HB2  sing N N 10  
ALA CB  HB3  sing N N 11  
ALA OXT HXT  sing N N 12  
ARG N   CA   sing N N 13  
ARG N   H    sing N N 14  
ARG N   H2   sing N N 15  
ARG CA  C    sing N N 16  
ARG CA  CB   sing N N 17  
ARG CA  HA   sing N N 18  
ARG C   O    doub N N 19  
ARG C   OXT  sing N N 20  
ARG CB  CG   sing N N 21  
ARG CB  HB2  sing N N 22  
ARG CB  HB3  sing N N 23  
ARG CG  CD   sing N N 24  
ARG CG  HG2  sing N N 25  
ARG CG  HG3  sing N N 26  
ARG CD  NE   sing N N 27  
ARG CD  HD2  sing N N 28  
ARG CD  HD3  sing N N 29  
ARG NE  CZ   sing N N 30  
ARG NE  HE   sing N N 31  
ARG CZ  NH1  sing N N 32  
ARG CZ  NH2  doub N N 33  
ARG NH1 HH11 sing N N 34  
ARG NH1 HH12 sing N N 35  
ARG NH2 HH21 sing N N 36  
ARG NH2 HH22 sing N N 37  
ARG OXT HXT  sing N N 38  
ASN N   CA   sing N N 39  
ASN N   H    sing N N 40  
ASN N   H2   sing N N 41  
ASN CA  C    sing N N 42  
ASN CA  CB   sing N N 43  
ASN CA  HA   sing N N 44  
ASN C   O    doub N N 45  
ASN C   OXT  sing N N 46  
ASN CB  CG   sing N N 47  
ASN CB  HB2  sing N N 48  
ASN CB  HB3  sing N N 49  
ASN CG  OD1  doub N N 50  
ASN CG  ND2  sing N N 51  
ASN ND2 HD21 sing N N 52  
ASN ND2 HD22 sing N N 53  
ASN OXT HXT  sing N N 54  
ASP N   CA   sing N N 55  
ASP N   H    sing N N 56  
ASP N   H2   sing N N 57  
ASP CA  C    sing N N 58  
ASP CA  CB   sing N N 59  
ASP CA  HA   sing N N 60  
ASP C   O    doub N N 61  
ASP C   OXT  sing N N 62  
ASP CB  CG   sing N N 63  
ASP CB  HB2  sing N N 64  
ASP CB  HB3  sing N N 65  
ASP CG  OD1  doub N N 66  
ASP CG  OD2  sing N N 67  
ASP OD2 HD2  sing N N 68  
ASP OXT HXT  sing N N 69  
CYS N   CA   sing N N 70  
CYS N   H    sing N N 71  
CYS N   H2   sing N N 72  
CYS CA  C    sing N N 73  
CYS CA  CB   sing N N 74  
CYS CA  HA   sing N N 75  
CYS C   O    doub N N 76  
CYS C   OXT  sing N N 77  
CYS CB  SG   sing N N 78  
CYS CB  HB2  sing N N 79  
CYS CB  HB3  sing N N 80  
CYS SG  HG   sing N N 81  
CYS OXT HXT  sing N N 82  
GLN N   CA   sing N N 83  
GLN N   H    sing N N 84  
GLN N   H2   sing N N 85  
GLN CA  C    sing N N 86  
GLN CA  CB   sing N N 87  
GLN CA  HA   sing N N 88  
GLN C   O    doub N N 89  
GLN C   OXT  sing N N 90  
GLN CB  CG   sing N N 91  
GLN CB  HB2  sing N N 92  
GLN CB  HB3  sing N N 93  
GLN CG  CD   sing N N 94  
GLN CG  HG2  sing N N 95  
GLN CG  HG3  sing N N 96  
GLN CD  OE1  doub N N 97  
GLN CD  NE2  sing N N 98  
GLN NE2 HE21 sing N N 99  
GLN NE2 HE22 sing N N 100 
GLN OXT HXT  sing N N 101 
GLU N   CA   sing N N 102 
GLU N   H    sing N N 103 
GLU N   H2   sing N N 104 
GLU CA  C    sing N N 105 
GLU CA  CB   sing N N 106 
GLU CA  HA   sing N N 107 
GLU C   O    doub N N 108 
GLU C   OXT  sing N N 109 
GLU CB  CG   sing N N 110 
GLU CB  HB2  sing N N 111 
GLU CB  HB3  sing N N 112 
GLU CG  CD   sing N N 113 
GLU CG  HG2  sing N N 114 
GLU CG  HG3  sing N N 115 
GLU CD  OE1  doub N N 116 
GLU CD  OE2  sing N N 117 
GLU OE2 HE2  sing N N 118 
GLU OXT HXT  sing N N 119 
GLY N   CA   sing N N 120 
GLY N   H    sing N N 121 
GLY N   H2   sing N N 122 
GLY CA  C    sing N N 123 
GLY CA  HA2  sing N N 124 
GLY CA  HA3  sing N N 125 
GLY C   O    doub N N 126 
GLY C   OXT  sing N N 127 
GLY OXT HXT  sing N N 128 
HIS N   CA   sing N N 129 
HIS N   H    sing N N 130 
HIS N   H2   sing N N 131 
HIS CA  C    sing N N 132 
HIS CA  CB   sing N N 133 
HIS CA  HA   sing N N 134 
HIS C   O    doub N N 135 
HIS C   OXT  sing N N 136 
HIS CB  CG   sing N N 137 
HIS CB  HB2  sing N N 138 
HIS CB  HB3  sing N N 139 
HIS CG  ND1  sing Y N 140 
HIS CG  CD2  doub Y N 141 
HIS ND1 CE1  doub Y N 142 
HIS ND1 HD1  sing N N 143 
HIS CD2 NE2  sing Y N 144 
HIS CD2 HD2  sing N N 145 
HIS CE1 NE2  sing Y N 146 
HIS CE1 HE1  sing N N 147 
HIS NE2 HE2  sing N N 148 
HIS OXT HXT  sing N N 149 
HOH O   H1   sing N N 150 
HOH O   H2   sing N N 151 
ILE N   CA   sing N N 152 
ILE N   H    sing N N 153 
ILE N   H2   sing N N 154 
ILE CA  C    sing N N 155 
ILE CA  CB   sing N N 156 
ILE CA  HA   sing N N 157 
ILE C   O    doub N N 158 
ILE C   OXT  sing N N 159 
ILE CB  CG1  sing N N 160 
ILE CB  CG2  sing N N 161 
ILE CB  HB   sing N N 162 
ILE CG1 CD1  sing N N 163 
ILE CG1 HG12 sing N N 164 
ILE CG1 HG13 sing N N 165 
ILE CG2 HG21 sing N N 166 
ILE CG2 HG22 sing N N 167 
ILE CG2 HG23 sing N N 168 
ILE CD1 HD11 sing N N 169 
ILE CD1 HD12 sing N N 170 
ILE CD1 HD13 sing N N 171 
ILE OXT HXT  sing N N 172 
LEU N   CA   sing N N 173 
LEU N   H    sing N N 174 
LEU N   H2   sing N N 175 
LEU CA  C    sing N N 176 
LEU CA  CB   sing N N 177 
LEU CA  HA   sing N N 178 
LEU C   O    doub N N 179 
LEU C   OXT  sing N N 180 
LEU CB  CG   sing N N 181 
LEU CB  HB2  sing N N 182 
LEU CB  HB3  sing N N 183 
LEU CG  CD1  sing N N 184 
LEU CG  CD2  sing N N 185 
LEU CG  HG   sing N N 186 
LEU CD1 HD11 sing N N 187 
LEU CD1 HD12 sing N N 188 
LEU CD1 HD13 sing N N 189 
LEU CD2 HD21 sing N N 190 
LEU CD2 HD22 sing N N 191 
LEU CD2 HD23 sing N N 192 
LEU OXT HXT  sing N N 193 
LYS N   CA   sing N N 194 
LYS N   H    sing N N 195 
LYS N   H2   sing N N 196 
LYS CA  C    sing N N 197 
LYS CA  CB   sing N N 198 
LYS CA  HA   sing N N 199 
LYS C   O    doub N N 200 
LYS C   OXT  sing N N 201 
LYS CB  CG   sing N N 202 
LYS CB  HB2  sing N N 203 
LYS CB  HB3  sing N N 204 
LYS CG  CD   sing N N 205 
LYS CG  HG2  sing N N 206 
LYS CG  HG3  sing N N 207 
LYS CD  CE   sing N N 208 
LYS CD  HD2  sing N N 209 
LYS CD  HD3  sing N N 210 
LYS CE  NZ   sing N N 211 
LYS CE  HE2  sing N N 212 
LYS CE  HE3  sing N N 213 
LYS NZ  HZ1  sing N N 214 
LYS NZ  HZ2  sing N N 215 
LYS NZ  HZ3  sing N N 216 
LYS OXT HXT  sing N N 217 
MET N   CA   sing N N 218 
MET N   H    sing N N 219 
MET N   H2   sing N N 220 
MET CA  C    sing N N 221 
MET CA  CB   sing N N 222 
MET CA  HA   sing N N 223 
MET C   O    doub N N 224 
MET C   OXT  sing N N 225 
MET CB  CG   sing N N 226 
MET CB  HB2  sing N N 227 
MET CB  HB3  sing N N 228 
MET CG  SD   sing N N 229 
MET CG  HG2  sing N N 230 
MET CG  HG3  sing N N 231 
MET SD  CE   sing N N 232 
MET CE  HE1  sing N N 233 
MET CE  HE2  sing N N 234 
MET CE  HE3  sing N N 235 
MET OXT HXT  sing N N 236 
PHE N   CA   sing N N 237 
PHE N   H    sing N N 238 
PHE N   H2   sing N N 239 
PHE CA  C    sing N N 240 
PHE CA  CB   sing N N 241 
PHE CA  HA   sing N N 242 
PHE C   O    doub N N 243 
PHE C   OXT  sing N N 244 
PHE CB  CG   sing N N 245 
PHE CB  HB2  sing N N 246 
PHE CB  HB3  sing N N 247 
PHE CG  CD1  doub Y N 248 
PHE CG  CD2  sing Y N 249 
PHE CD1 CE1  sing Y N 250 
PHE CD1 HD1  sing N N 251 
PHE CD2 CE2  doub Y N 252 
PHE CD2 HD2  sing N N 253 
PHE CE1 CZ   doub Y N 254 
PHE CE1 HE1  sing N N 255 
PHE CE2 CZ   sing Y N 256 
PHE CE2 HE2  sing N N 257 
PHE CZ  HZ   sing N N 258 
PHE OXT HXT  sing N N 259 
PRO N   CA   sing N N 260 
PRO N   CD   sing N N 261 
PRO N   H    sing N N 262 
PRO CA  C    sing N N 263 
PRO CA  CB   sing N N 264 
PRO CA  HA   sing N N 265 
PRO C   O    doub N N 266 
PRO C   OXT  sing N N 267 
PRO CB  CG   sing N N 268 
PRO CB  HB2  sing N N 269 
PRO CB  HB3  sing N N 270 
PRO CG  CD   sing N N 271 
PRO CG  HG2  sing N N 272 
PRO CG  HG3  sing N N 273 
PRO CD  HD2  sing N N 274 
PRO CD  HD3  sing N N 275 
PRO OXT HXT  sing N N 276 
SER N   CA   sing N N 277 
SER N   H    sing N N 278 
SER N   H2   sing N N 279 
SER CA  C    sing N N 280 
SER CA  CB   sing N N 281 
SER CA  HA   sing N N 282 
SER C   O    doub N N 283 
SER C   OXT  sing N N 284 
SER CB  OG   sing N N 285 
SER CB  HB2  sing N N 286 
SER CB  HB3  sing N N 287 
SER OG  HG   sing N N 288 
SER OXT HXT  sing N N 289 
THR N   CA   sing N N 290 
THR N   H    sing N N 291 
THR N   H2   sing N N 292 
THR CA  C    sing N N 293 
THR CA  CB   sing N N 294 
THR CA  HA   sing N N 295 
THR C   O    doub N N 296 
THR C   OXT  sing N N 297 
THR CB  OG1  sing N N 298 
THR CB  CG2  sing N N 299 
THR CB  HB   sing N N 300 
THR OG1 HG1  sing N N 301 
THR CG2 HG21 sing N N 302 
THR CG2 HG22 sing N N 303 
THR CG2 HG23 sing N N 304 
THR OXT HXT  sing N N 305 
TRP N   CA   sing N N 306 
TRP N   H    sing N N 307 
TRP N   H2   sing N N 308 
TRP CA  C    sing N N 309 
TRP CA  CB   sing N N 310 
TRP CA  HA   sing N N 311 
TRP C   O    doub N N 312 
TRP C   OXT  sing N N 313 
TRP CB  CG   sing N N 314 
TRP CB  HB2  sing N N 315 
TRP CB  HB3  sing N N 316 
TRP CG  CD1  doub Y N 317 
TRP CG  CD2  sing Y N 318 
TRP CD1 NE1  sing Y N 319 
TRP CD1 HD1  sing N N 320 
TRP CD2 CE2  doub Y N 321 
TRP CD2 CE3  sing Y N 322 
TRP NE1 CE2  sing Y N 323 
TRP NE1 HE1  sing N N 324 
TRP CE2 CZ2  sing Y N 325 
TRP CE3 CZ3  doub Y N 326 
TRP CE3 HE3  sing N N 327 
TRP CZ2 CH2  doub Y N 328 
TRP CZ2 HZ2  sing N N 329 
TRP CZ3 CH2  sing Y N 330 
TRP CZ3 HZ3  sing N N 331 
TRP CH2 HH2  sing N N 332 
TRP OXT HXT  sing N N 333 
TYR N   CA   sing N N 334 
TYR N   H    sing N N 335 
TYR N   H2   sing N N 336 
TYR CA  C    sing N N 337 
TYR CA  CB   sing N N 338 
TYR CA  HA   sing N N 339 
TYR C   O    doub N N 340 
TYR C   OXT  sing N N 341 
TYR CB  CG   sing N N 342 
TYR CB  HB2  sing N N 343 
TYR CB  HB3  sing N N 344 
TYR CG  CD1  doub Y N 345 
TYR CG  CD2  sing Y N 346 
TYR CD1 CE1  sing Y N 347 
TYR CD1 HD1  sing N N 348 
TYR CD2 CE2  doub Y N 349 
TYR CD2 HD2  sing N N 350 
TYR CE1 CZ   doub Y N 351 
TYR CE1 HE1  sing N N 352 
TYR CE2 CZ   sing Y N 353 
TYR CE2 HE2  sing N N 354 
TYR CZ  OH   sing N N 355 
TYR OH  HH   sing N N 356 
TYR OXT HXT  sing N N 357 
VAL N   CA   sing N N 358 
VAL N   H    sing N N 359 
VAL N   H2   sing N N 360 
VAL CA  C    sing N N 361 
VAL CA  CB   sing N N 362 
VAL CA  HA   sing N N 363 
VAL C   O    doub N N 364 
VAL C   OXT  sing N N 365 
VAL CB  CG1  sing N N 366 
VAL CB  CG2  sing N N 367 
VAL CB  HB   sing N N 368 
VAL CG1 HG11 sing N N 369 
VAL CG1 HG12 sing N N 370 
VAL CG1 HG13 sing N N 371 
VAL CG2 HG21 sing N N 372 
VAL CG2 HG22 sing N N 373 
VAL CG2 HG23 sing N N 374 
VAL OXT HXT  sing N N 375 
# 
_atom_sites.entry_id                    1JVW 
_atom_sites.fract_transf_matrix[1][1]   0.00757651 
_atom_sites.fract_transf_matrix[1][2]   0.01763486 
_atom_sites.fract_transf_matrix[1][3]   -0.01019072 
_atom_sites.fract_transf_matrix[2][1]   -0.02244231 
_atom_sites.fract_transf_matrix[2][2]   0.01533633 
_atom_sites.fract_transf_matrix[2][3]   0.00985402 
_atom_sites.fract_transf_matrix[3][1]   0.01060989 
_atom_sites.fract_transf_matrix[3][2]   0.00530427 
_atom_sites.fract_transf_matrix[3][3]   0.01590847 
_atom_sites.fract_transf_vector[1]      0.279551 
_atom_sites.fract_transf_vector[2]      0.006821 
_atom_sites.fract_transf_vector[3]      0.244079 
# 
loop_
_atom_type.symbol 
C 
N 
O 
S 
# 
loop_
_atom_site.group_PDB 
_atom_site.id 
_atom_site.type_symbol 
_atom_site.label_atom_id 
_atom_site.label_alt_id 
_atom_site.label_comp_id 
_atom_site.label_asym_id 
_atom_site.label_entity_id 
_atom_site.label_seq_id 
_atom_site.pdbx_PDB_ins_code 
_atom_site.Cartn_x 
_atom_site.Cartn_y 
_atom_site.Cartn_z 
_atom_site.occupancy 
_atom_site.B_iso_or_equiv 
_atom_site.pdbx_formal_charge 
_atom_site.auth_seq_id 
_atom_site.auth_comp_id 
_atom_site.auth_asym_id 
_atom_site.auth_atom_id 
_atom_site.pdbx_PDB_model_num 
ATOM   1    N N   . ALA A 1 4   ? -29.889 13.949  -10.909 1.00 36.11 ? 33   ALA A N   1 
ATOM   2    C CA  . ALA A 1 4   ? -31.045 13.644  -10.071 1.00 28.94 ? 33   ALA A CA  1 
ATOM   3    C C   . ALA A 1 4   ? -30.659 13.613  -8.597  1.00 25.62 ? 33   ALA A C   1 
ATOM   4    O O   . ALA A 1 4   ? -29.485 13.445  -8.265  1.00 26.26 ? 33   ALA A O   1 
ATOM   5    C CB  . ALA A 1 4   ? -31.673 12.327  -10.499 1.00 28.58 ? 33   ALA A CB  1 
ATOM   6    N N   . ALA A 1 5   ? -31.638 13.790  -7.714  1.00 24.96 ? 34   ALA A N   1 
ATOM   7    C CA  . ALA A 1 5   ? -31.383 13.940  -6.289  1.00 23.11 ? 34   ALA A CA  1 
ATOM   8    C C   . ALA A 1 5   ? -30.542 12.817  -5.703  1.00 22.55 ? 34   ALA A C   1 
ATOM   9    O O   . ALA A 1 5   ? -29.661 13.013  -4.864  1.00 20.66 ? 34   ALA A O   1 
ATOM   10   C CB  . ALA A 1 5   ? -32.709 14.016  -5.536  1.00 20.93 ? 34   ALA A CB  1 
ATOM   11   N N   . SER A 1 6   ? -30.828 11.580  -6.113  1.00 23.18 ? 35   SER A N   1 
ATOM   12   C CA  . SER A 1 6   ? -30.136 10.463  -5.466  1.00 18.72 ? 35   SER A CA  1 
ATOM   13   C C   . SER A 1 6   ? -28.946 9.985   -6.289  1.00 17.95 ? 35   SER A C   1 
ATOM   14   O O   . SER A 1 6   ? -28.376 8.927   -6.007  1.00 18.72 ? 35   SER A O   1 
ATOM   15   C CB  . SER A 1 6   ? -31.128 9.319   -5.223  1.00 19.41 ? 35   SER A CB  1 
ATOM   16   O OG  . SER A 1 6   ? -31.504 8.760   -6.474  1.00 24.18 ? 35   SER A OG  1 
ATOM   17   N N   . HIS A 1 7   ? -28.573 10.764  -7.302  1.00 15.12 ? 36   HIS A N   1 
ATOM   18   C CA  . HIS A 1 7   ? -27.479 10.394  -8.193  1.00 15.36 ? 36   HIS A CA  1 
ATOM   19   C C   . HIS A 1 7   ? -26.152 10.191  -7.476  1.00 13.48 ? 36   HIS A C   1 
ATOM   20   O O   . HIS A 1 7   ? -25.469 9.176   -7.692  1.00 17.58 ? 36   HIS A O   1 
ATOM   21   C CB  . HIS A 1 7   ? -27.306 11.457  -9.292  1.00 18.03 ? 36   HIS A CB  1 
ATOM   22   C CG  . HIS A 1 7   ? -26.093 11.173  -10.133 1.00 26.36 ? 36   HIS A CG  1 
ATOM   23   N ND1 . HIS A 1 7   ? -26.049 10.138  -11.040 1.00 27.25 ? 36   HIS A ND1 1 
ATOM   24   C CD2 . HIS A 1 7   ? -24.882 11.773  -10.195 1.00 26.26 ? 36   HIS A CD2 1 
ATOM   25   C CE1 . HIS A 1 7   ? -24.865 10.112  -11.628 1.00 29.03 ? 36   HIS A CE1 1 
ATOM   26   N NE2 . HIS A 1 7   ? -24.139 11.099  -11.132 1.00 27.90 ? 36   HIS A NE2 1 
ATOM   27   N N   . GLU A 1 8   ? -25.747 11.122  -6.625  1.00 13.61 ? 37   GLU A N   1 
ATOM   28   C CA  . GLU A 1 8   ? -24.457 10.994  -5.939  1.00 13.72 ? 37   GLU A CA  1 
ATOM   29   C C   . GLU A 1 8   ? -24.411 9.715   -5.115  1.00 15.25 ? 37   GLU A C   1 
ATOM   30   O O   . GLU A 1 8   ? -23.454 8.935   -5.153  1.00 16.15 ? 37   GLU A O   1 
ATOM   31   C CB  . GLU A 1 8   ? -24.200 12.228  -5.061  1.00 10.98 ? 37   GLU A CB  1 
ATOM   32   C CG  . GLU A 1 8   ? -22.785 12.240  -4.492  1.00 12.90 ? 37   GLU A CG  1 
ATOM   33   C CD  . GLU A 1 8   ? -22.274 13.606  -4.100  1.00 17.45 ? 37   GLU A CD  1 
ATOM   34   O OE1 . GLU A 1 8   ? -22.996 14.623  -4.216  1.00 18.91 ? 37   GLU A OE1 1 
ATOM   35   O OE2 . GLU A 1 8   ? -21.094 13.689  -3.685  1.00 19.53 ? 37   GLU A OE2 1 
ATOM   36   N N   . GLU A 1 9   ? -25.478 9.490   -4.349  1.00 11.75 ? 38   GLU A N   1 
ATOM   37   C CA  . GLU A 1 9   ? -25.562 8.270   -3.537  1.00 15.89 ? 38   GLU A CA  1 
ATOM   38   C C   . GLU A 1 9   ? -25.401 7.038   -4.414  1.00 15.44 ? 38   GLU A C   1 
ATOM   39   O O   . GLU A 1 9   ? -24.590 6.151   -4.135  1.00 15.92 ? 38   GLU A O   1 
ATOM   40   C CB  . GLU A 1 9   ? -26.907 8.267   -2.805  1.00 19.77 ? 38   GLU A CB  1 
ATOM   41   C CG  . GLU A 1 9   ? -27.235 7.003   -2.040  1.00 24.51 ? 38   GLU A CG  1 
ATOM   42   C CD  . GLU A 1 9   ? -28.431 7.185   -1.121  1.00 33.63 ? 38   GLU A CD  1 
ATOM   43   O OE1 . GLU A 1 9   ? -28.959 8.315   -1.053  1.00 43.26 ? 38   GLU A OE1 1 
ATOM   44   O OE2 . GLU A 1 9   ? -28.837 6.204   -0.461  1.00 42.80 ? 38   GLU A OE2 1 
ATOM   45   N N   . ARG A 1 10  ? -26.167 6.967   -5.508  1.00 14.94 ? 39   ARG A N   1 
ATOM   46   C CA  . ARG A 1 10  ? -26.138 5.748   -6.320  1.00 16.41 ? 39   ARG A CA  1 
ATOM   47   C C   . ARG A 1 10  ? -24.780 5.532   -6.971  1.00 16.78 ? 39   ARG A C   1 
ATOM   48   O O   . ARG A 1 10  ? -24.289 4.405   -7.087  1.00 11.97 ? 39   ARG A O   1 
ATOM   49   C CB  . ARG A 1 10  ? -27.242 5.794   -7.374  1.00 21.15 ? 39   ARG A CB  1 
ATOM   50   C CG  . ARG A 1 10  ? -28.646 5.863   -6.777  1.00 21.93 ? 39   ARG A CG  1 
ATOM   51   C CD  . ARG A 1 10  ? -29.646 6.137   -7.894  1.00 29.13 ? 39   ARG A CD  1 
ATOM   52   N NE  . ARG A 1 10  ? -30.950 5.534   -7.667  1.00 38.35 ? 39   ARG A NE  1 
ATOM   53   C CZ  . ARG A 1 10  ? -31.715 5.636   -6.592  1.00 41.75 ? 39   ARG A CZ  1 
ATOM   54   N NH1 . ARG A 1 10  ? -31.331 6.346   -5.540  1.00 46.14 ? 39   ARG A NH1 1 
ATOM   55   N NH2 . ARG A 1 10  ? -32.892 5.017   -6.554  1.00 43.08 ? 39   ARG A NH2 1 
ATOM   56   N N   . MET A 1 11  ? -24.157 6.617   -7.419  1.00 15.28 ? 40   MET A N   1 
ATOM   57   C CA  . MET A 1 11  ? -22.833 6.493   -8.031  1.00 14.04 ? 40   MET A CA  1 
ATOM   58   C C   . MET A 1 11  ? -21.805 5.990   -7.028  1.00 11.67 ? 40   MET A C   1 
ATOM   59   O O   . MET A 1 11  ? -20.930 5.174   -7.325  1.00 13.04 ? 40   MET A O   1 
ATOM   60   C CB  . MET A 1 11  ? -22.393 7.847   -8.586  1.00 13.34 ? 40   MET A CB  1 
ATOM   61   C CG  . MET A 1 11  ? -21.024 7.805   -9.255  1.00 15.56 ? 40   MET A CG  1 
ATOM   62   S SD  . MET A 1 11  ? -20.671 9.378   -10.091 1.00 22.28 ? 40   MET A SD  1 
ATOM   63   C CE  . MET A 1 11  ? -20.720 10.513  -8.721  1.00 13.52 ? 40   MET A CE  1 
ATOM   64   N N   . ASN A 1 12  ? -21.910 6.487   -5.792  1.00 12.27 ? 41   ASN A N   1 
ATOM   65   C CA  . ASN A 1 12  ? -20.936 6.065   -4.778  1.00 13.02 ? 41   ASN A CA  1 
ATOM   66   C C   . ASN A 1 12  ? -21.259 4.650   -4.326  1.00 11.32 ? 41   ASN A C   1 
ATOM   67   O O   . ASN A 1 12  ? -20.353 3.895   -3.970  1.00 11.80 ? 41   ASN A O   1 
ATOM   68   C CB  . ASN A 1 12  ? -20.876 7.071   -3.630  1.00 12.44 ? 41   ASN A CB  1 
ATOM   69   C CG  . ASN A 1 12  ? -20.091 8.316   -4.021  1.00 17.20 ? 41   ASN A CG  1 
ATOM   70   O OD1 . ASN A 1 12  ? -19.255 8.269   -4.932  1.00 12.96 ? 41   ASN A OD1 1 
ATOM   71   N ND2 . ASN A 1 12  ? -20.340 9.440   -3.349  1.00 15.26 ? 41   ASN A ND2 1 
ATOM   72   N N   . ASN A 1 13  ? -22.538 4.265   -4.377  1.00 10.09 ? 42   ASN A N   1 
ATOM   73   C CA  . ASN A 1 13  ? -22.866 2.853   -4.121  1.00 14.14 ? 42   ASN A CA  1 
ATOM   74   C C   . ASN A 1 13  ? -22.216 1.932   -5.157  1.00 12.82 ? 42   ASN A C   1 
ATOM   75   O O   . ASN A 1 13  ? -21.684 0.873   -4.789  1.00 11.32 ? 42   ASN A O   1 
ATOM   76   C CB  . ASN A 1 13  ? -24.376 2.643   -4.111  1.00 15.81 ? 42   ASN A CB  1 
ATOM   77   C CG  . ASN A 1 13  ? -25.054 3.127   -2.847  1.00 19.13 ? 42   ASN A CG  1 
ATOM   78   O OD1 . ASN A 1 13  ? -26.288 3.132   -2.771  1.00 38.78 ? 42   ASN A OD1 1 
ATOM   79   N ND2 . ASN A 1 13  ? -24.303 3.528   -1.835  1.00 16.68 ? 42   ASN A ND2 1 
ATOM   80   N N   . TYR A 1 14  ? -22.229 2.328   -6.424  1.00 14.30 ? 43   TYR A N   1 
ATOM   81   C CA  . TYR A 1 14  ? -21.562 1.599   -7.500  1.00 11.16 ? 43   TYR A CA  1 
ATOM   82   C C   . TYR A 1 14  ? -20.063 1.517   -7.217  1.00 8.81  ? 43   TYR A C   1 
ATOM   83   O O   . TYR A 1 14  ? -19.428 0.462   -7.222  1.00 10.81 ? 43   TYR A O   1 
ATOM   84   C CB  . TYR A 1 14  ? -21.814 2.253   -8.871  1.00 14.33 ? 43   TYR A CB  1 
ATOM   85   C CG  . TYR A 1 14  ? -21.030 1.562   -9.974  1.00 14.90 ? 43   TYR A CG  1 
ATOM   86   C CD1 . TYR A 1 14  ? -21.482 0.359   -10.503 1.00 18.01 ? 43   TYR A CD1 1 
ATOM   87   C CD2 . TYR A 1 14  ? -19.843 2.081   -10.474 1.00 17.42 ? 43   TYR A CD2 1 
ATOM   88   C CE1 . TYR A 1 14  ? -20.781 -0.288  -11.503 1.00 18.63 ? 43   TYR A CE1 1 
ATOM   89   C CE2 . TYR A 1 14  ? -19.133 1.438   -11.474 1.00 17.39 ? 43   TYR A CE2 1 
ATOM   90   C CZ  . TYR A 1 14  ? -19.608 0.252   -11.984 1.00 17.66 ? 43   TYR A CZ  1 
ATOM   91   O OH  . TYR A 1 14  ? -18.923 -0.415  -12.980 1.00 17.91 ? 43   TYR A OH  1 
ATOM   92   N N   . ARG A 1 15  ? -19.477 2.682   -6.908  1.00 8.87  ? 44   ARG A N   1 
ATOM   93   C CA  . ARG A 1 15  ? -18.053 2.736   -6.610  1.00 9.22  ? 44   ARG A CA  1 
ATOM   94   C C   . ARG A 1 15  ? -17.672 1.819   -5.464  1.00 10.81 ? 44   ARG A C   1 
ATOM   95   O O   . ARG A 1 15  ? -16.668 1.102   -5.509  1.00 13.83 ? 44   ARG A O   1 
ATOM   96   C CB  . ARG A 1 15  ? -17.618 4.173   -6.285  1.00 8.10  ? 44   ARG A CB  1 
ATOM   97   C CG  . ARG A 1 15  ? -17.570 5.053   -7.536  1.00 9.98  ? 44   ARG A CG  1 
ATOM   98   C CD  . ARG A 1 15  ? -17.612 6.528   -7.159  1.00 9.08  ? 44   ARG A CD  1 
ATOM   99   N NE  . ARG A 1 15  ? -17.250 7.369   -8.312  1.00 10.27 ? 44   ARG A NE  1 
ATOM   100  C CZ  . ARG A 1 15  ? -17.329 8.701   -8.282  1.00 11.79 ? 44   ARG A CZ  1 
ATOM   101  N NH1 . ARG A 1 15  ? -17.763 9.318   -7.193  1.00 7.13  ? 44   ARG A NH1 1 
ATOM   102  N NH2 . ARG A 1 15  ? -16.986 9.446   -9.329  1.00 11.55 ? 44   ARG A NH2 1 
ATOM   103  N N   . LYS A 1 16  ? -18.458 1.833   -4.394  1.00 8.65  ? 45   LYS A N   1 
ATOM   104  C CA  . LYS A 1 16  ? -18.139 0.958   -3.269  1.00 9.90  ? 45   LYS A CA  1 
ATOM   105  C C   . LYS A 1 16  ? -18.264 -0.517  -3.638  1.00 8.52  ? 45   LYS A C   1 
ATOM   106  O O   . LYS A 1 16  ? -17.473 -1.350  -3.194  1.00 12.05 ? 45   LYS A O   1 
ATOM   107  C CB  . LYS A 1 16  ? -19.056 1.303   -2.096  1.00 13.70 ? 45   LYS A CB  1 
ATOM   108  C CG  . LYS A 1 16  ? -18.635 2.593   -1.400  1.00 17.12 ? 45   LYS A CG  1 
ATOM   109  C CD  . LYS A 1 16  ? -19.577 2.889   -0.235  1.00 22.62 ? 45   LYS A CD  1 
ATOM   110  C CE  . LYS A 1 16  ? -20.800 3.651   -0.724  1.00 30.44 ? 45   LYS A CE  1 
ATOM   111  N NZ  . LYS A 1 16  ? -21.439 4.431   0.372   1.00 40.13 ? 45   LYS A NZ  1 
ATOM   112  N N   . ARG A 1 17  ? -19.235 -0.872  -4.469  1.00 10.82 ? 46   ARG A N   1 
ATOM   113  C CA  . ARG A 1 17  ? -19.397 -2.271  -4.855  1.00 14.05 ? 46   ARG A CA  1 
ATOM   114  C C   . ARG A 1 17  ? -18.253 -2.805  -5.698  1.00 11.42 ? 46   ARG A C   1 
ATOM   115  O O   . ARG A 1 17  ? -17.659 -3.847  -5.398  1.00 10.91 ? 46   ARG A O   1 
ATOM   116  C CB  . ARG A 1 17  ? -20.715 -2.444  -5.636  1.00 16.26 ? 46   ARG A CB  1 
ATOM   117  C CG  . ARG A 1 17  ? -20.913 -3.886  -6.089  1.00 15.94 ? 46   ARG A CG  1 
ATOM   118  C CD  . ARG A 1 17  ? -22.275 -4.078  -6.745  1.00 20.77 ? 46   ARG A CD  1 
ATOM   119  N NE  . ARG A 1 17  ? -23.357 -3.746  -5.827  1.00 26.61 ? 46   ARG A NE  1 
ATOM   120  C CZ  . ARG A 1 17  ? -23.924 -4.589  -4.970  1.00 31.10 ? 46   ARG A CZ  1 
ATOM   121  N NH1 . ARG A 1 17  ? -23.527 -5.853  -4.889  1.00 26.77 ? 46   ARG A NH1 1 
ATOM   122  N NH2 . ARG A 1 17  ? -24.904 -4.158  -4.183  1.00 31.87 ? 46   ARG A NH2 1 
ATOM   123  N N   . VAL A 1 18  ? -17.921 -2.129  -6.803  1.00 12.21 ? 47   VAL A N   1 
ATOM   124  C CA  . VAL A 1 18  ? -16.840 -2.660  -7.642  1.00 9.91  ? 47   VAL A CA  1 
ATOM   125  C C   . VAL A 1 18  ? -15.505 -2.492  -6.931  1.00 11.28 ? 47   VAL A C   1 
ATOM   126  O O   . VAL A 1 18  ? -14.572 -3.267  -7.132  1.00 10.71 ? 47   VAL A O   1 
ATOM   127  C CB  . VAL A 1 18  ? -16.832 -2.031  -9.042  1.00 10.12 ? 47   VAL A CB  1 
ATOM   128  C CG1 . VAL A 1 18  ? -18.158 -2.304  -9.738  1.00 13.24 ? 47   VAL A CG1 1 
ATOM   129  C CG2 . VAL A 1 18  ? -16.573 -0.530  -8.977  1.00 14.88 ? 47   VAL A CG2 1 
ATOM   130  N N   . GLY A 1 19  ? -15.392 -1.522  -6.030  1.00 9.55  ? 48   GLY A N   1 
ATOM   131  C CA  . GLY A 1 19  ? -14.140 -1.361  -5.288  1.00 10.59 ? 48   GLY A CA  1 
ATOM   132  C C   . GLY A 1 19  ? -13.999 -2.526  -4.310  1.00 11.33 ? 48   GLY A C   1 
ATOM   133  O O   . GLY A 1 19  ? -12.928 -3.097  -4.133  1.00 12.24 ? 48   GLY A O   1 
ATOM   134  N N   . ARG A 1 20  ? -15.112 -2.907  -3.691  1.00 9.99  ? 49   ARG A N   1 
ATOM   135  C CA  . ARG A 1 20  ? -15.105 -4.041  -2.764  1.00 14.15 ? 49   ARG A CA  1 
ATOM   136  C C   . ARG A 1 20  ? -14.808 -5.343  -3.502  1.00 12.55 ? 49   ARG A C   1 
ATOM   137  O O   . ARG A 1 20  ? -14.064 -6.192  -3.005  1.00 13.27 ? 49   ARG A O   1 
ATOM   138  C CB  . ARG A 1 20  ? -16.455 -4.122  -2.048  1.00 12.40 ? 49   ARG A CB  1 
ATOM   139  C CG  . ARG A 1 20  ? -16.528 -5.207  -0.987  1.00 14.47 ? 49   ARG A CG  1 
ATOM   140  C CD  . ARG A 1 20  ? -17.745 -5.021  -0.073  1.00 15.86 ? 49   ARG A CD  1 
ATOM   141  N NE  . ARG A 1 20  ? -18.116 -6.305  0.531   1.00 16.20 ? 49   ARG A NE  1 
ATOM   142  C CZ  . ARG A 1 20  ? -19.127 -6.480  1.378   1.00 16.86 ? 49   ARG A CZ  1 
ATOM   143  N NH1 . ARG A 1 20  ? -19.880 -5.451  1.749   1.00 18.02 ? 49   ARG A NH1 1 
ATOM   144  N NH2 . ARG A 1 20  ? -19.367 -7.696  1.854   1.00 21.28 ? 49   ARG A NH2 1 
ATOM   145  N N   . LEU A 1 21  ? -15.371 -5.483  -4.699  1.00 11.08 ? 50   LEU A N   1 
ATOM   146  C CA  . LEU A 1 21  ? -15.069 -6.643  -5.549  1.00 13.95 ? 50   LEU A CA  1 
ATOM   147  C C   . LEU A 1 21  ? -13.566 -6.775  -5.780  1.00 12.21 ? 50   LEU A C   1 
ATOM   148  O O   . LEU A 1 21  ? -12.962 -7.835  -5.602  1.00 14.51 ? 50   LEU A O   1 
ATOM   149  C CB  . LEU A 1 21  ? -15.798 -6.522  -6.883  1.00 13.51 ? 50   LEU A CB  1 
ATOM   150  C CG  . LEU A 1 21  ? -15.691 -7.738  -7.809  1.00 15.68 ? 50   LEU A CG  1 
ATOM   151  C CD1 . LEU A 1 21  ? -16.220 -8.977  -7.107  1.00 20.58 ? 50   LEU A CD1 1 
ATOM   152  C CD2 . LEU A 1 21  ? -16.416 -7.485  -9.126  1.00 16.58 ? 50   LEU A CD2 1 
ATOM   153  N N   . PHE A 1 22  ? -12.943 -5.669  -6.183  1.00 11.86 ? 51   PHE A N   1 
ATOM   154  C CA  . PHE A 1 22  ? -11.497 -5.638  -6.399  1.00 11.84 ? 51   PHE A CA  1 
ATOM   155  C C   . PHE A 1 22  ? -10.732 -6.119  -5.176  1.00 14.33 ? 51   PHE A C   1 
ATOM   156  O O   . PHE A 1 22  ? -9.884  -7.015  -5.252  1.00 17.15 ? 51   PHE A O   1 
ATOM   157  C CB  . PHE A 1 22  ? -11.091 -4.211  -6.784  1.00 8.88  ? 51   PHE A CB  1 
ATOM   158  C CG  . PHE A 1 22  ? -9.605  -4.035  -7.055  1.00 10.20 ? 51   PHE A CG  1 
ATOM   159  C CD1 . PHE A 1 22  ? -9.091  -4.428  -8.284  1.00 13.00 ? 51   PHE A CD1 1 
ATOM   160  C CD2 . PHE A 1 22  ? -8.768  -3.482  -6.105  1.00 11.48 ? 51   PHE A CD2 1 
ATOM   161  C CE1 . PHE A 1 22  ? -7.747  -4.270  -8.560  1.00 11.64 ? 51   PHE A CE1 1 
ATOM   162  C CE2 . PHE A 1 22  ? -7.418  -3.330  -6.372  1.00 12.41 ? 51   PHE A CE2 1 
ATOM   163  C CZ  . PHE A 1 22  ? -6.925  -3.717  -7.601  1.00 11.67 ? 51   PHE A CZ  1 
ATOM   164  N N   . MET A 1 23  ? -11.032 -5.550  -4.012  1.00 7.43  ? 52   MET A N   1 
ATOM   165  C CA  . MET A 1 23  ? -10.301 -5.884  -2.789  1.00 10.78 ? 52   MET A CA  1 
ATOM   166  C C   . MET A 1 23  ? -10.496 -7.347  -2.425  1.00 14.99 ? 52   MET A C   1 
ATOM   167  O O   . MET A 1 23  ? -9.593  -8.054  -1.981  1.00 17.84 ? 52   MET A O   1 
ATOM   168  C CB  . MET A 1 23  ? -10.768 -4.999  -1.630  1.00 9.65  ? 52   MET A CB  1 
ATOM   169  C CG  . MET A 1 23  ? -10.302 -3.552  -1.757  1.00 10.70 ? 52   MET A CG  1 
ATOM   170  S SD  . MET A 1 23  ? -8.525  -3.361  -1.670  1.00 12.53 ? 52   MET A SD  1 
ATOM   171  C CE  . MET A 1 23  ? -8.074  -4.171  -0.152  1.00 8.04  ? 52   MET A CE  1 
ATOM   172  N N   . GLU A 1 24  ? -11.735 -7.817  -2.590  1.00 16.25 ? 53   GLU A N   1 
ATOM   173  C CA  . GLU A 1 24  ? -12.001 -9.192  -2.154  1.00 16.11 ? 53   GLU A CA  1 
ATOM   174  C C   . GLU A 1 24  ? -11.302 -10.177 -3.072  1.00 14.81 ? 53   GLU A C   1 
ATOM   175  O O   . GLU A 1 24  ? -10.735 -11.166 -2.594  1.00 19.63 ? 53   GLU A O   1 
ATOM   176  C CB  . GLU A 1 24  ? -13.520 -9.413  -2.077  1.00 15.78 ? 53   GLU A CB  1 
ATOM   177  C CG  . GLU A 1 24  ? -14.097 -8.751  -0.834  1.00 14.42 ? 53   GLU A CG  1 
ATOM   178  C CD  . GLU A 1 24  ? -15.571 -9.007  -0.617  1.00 19.37 ? 53   GLU A CD  1 
ATOM   179  O OE1 . GLU A 1 24  ? -16.241 -9.513  -1.539  1.00 24.64 ? 53   GLU A OE1 1 
ATOM   180  O OE2 . GLU A 1 24  ? -16.051 -8.662  0.481   1.00 25.22 ? 53   GLU A OE2 1 
ATOM   181  N N   . GLN A 1 25  ? -11.299 -9.936  -4.380  1.00 16.91 ? 54   GLN A N   1 
ATOM   182  C CA  . GLN A 1 25  ? -10.597 -10.848 -5.274  1.00 18.51 ? 54   GLN A CA  1 
ATOM   183  C C   . GLN A 1 25  ? -9.093  -10.839 -5.006  1.00 21.41 ? 54   GLN A C   1 
ATOM   184  O O   . GLN A 1 25  ? -8.457  -11.893 -5.080  1.00 18.88 ? 54   GLN A O   1 
ATOM   185  C CB  . GLN A 1 25  ? -10.813 -10.498 -6.743  1.00 21.23 ? 54   GLN A CB  1 
ATOM   186  C CG  . GLN A 1 25  ? -12.262 -10.510 -7.199  1.00 23.76 ? 54   GLN A CG  1 
ATOM   187  C CD  . GLN A 1 25  ? -12.385 -9.853  -8.566  1.00 26.59 ? 54   GLN A CD  1 
ATOM   188  O OE1 . GLN A 1 25  ? -11.600 -8.953  -8.880  1.00 34.58 ? 54   GLN A OE1 1 
ATOM   189  N NE2 . GLN A 1 25  ? -13.347 -10.314 -9.357  1.00 24.35 ? 54   GLN A NE2 1 
ATOM   190  N N   . LYS A 1 26  ? -8.534  -9.665  -4.713  1.00 18.07 ? 55   LYS A N   1 
ATOM   191  C CA  . LYS A 1 26  ? -7.096  -9.600  -4.441  1.00 17.69 ? 55   LYS A CA  1 
ATOM   192  C C   . LYS A 1 26  ? -6.745  -10.305 -3.134  1.00 17.11 ? 55   LYS A C   1 
ATOM   193  O O   . LYS A 1 26  ? -5.702  -10.956 -3.044  1.00 23.07 ? 55   LYS A O   1 
ATOM   194  C CB  . LYS A 1 26  ? -6.592  -8.156  -4.388  1.00 22.56 ? 55   LYS A CB  1 
ATOM   195  C CG  . LYS A 1 26  ? -6.630  -7.427  -5.715  1.00 25.50 ? 55   LYS A CG  1 
ATOM   196  C CD  . LYS A 1 26  ? -6.091  -8.272  -6.860  1.00 27.32 ? 55   LYS A CD  1 
ATOM   197  C CE  . LYS A 1 26  ? -6.294  -7.568  -8.193  1.00 28.72 ? 55   LYS A CE  1 
ATOM   198  N NZ  . LYS A 1 26  ? -5.419  -8.104  -9.271  1.00 29.60 ? 55   LYS A NZ  1 
ATOM   199  N N   . ALA A 1 27  ? -7.599  -10.190 -2.126  1.00 15.32 ? 56   ALA A N   1 
ATOM   200  C CA  . ALA A 1 27  ? -7.364  -10.821 -0.835  1.00 13.92 ? 56   ALA A CA  1 
ATOM   201  C C   . ALA A 1 27  ? -7.483  -12.344 -0.950  1.00 14.64 ? 56   ALA A C   1 
ATOM   202  O O   . ALA A 1 27  ? -6.855  -13.047 -0.164  1.00 24.83 ? 56   ALA A O   1 
ATOM   203  C CB  . ALA A 1 27  ? -8.297  -10.276 0.231   1.00 23.34 ? 56   ALA A CB  1 
ATOM   204  N N   . ALA A 1 28  ? -8.254  -12.805 -1.923  1.00 15.63 ? 57   ALA A N   1 
ATOM   205  C CA  . ALA A 1 28  ? -8.506  -14.226 -2.132  1.00 15.57 ? 57   ALA A CA  1 
ATOM   206  C C   . ALA A 1 28  ? -7.318  -14.966 -2.740  1.00 21.88 ? 57   ALA A C   1 
ATOM   207  O O   . ALA A 1 28  ? -7.243  -16.197 -2.675  1.00 18.74 ? 57   ALA A O   1 
ATOM   208  C CB  . ALA A 1 28  ? -9.738  -14.433 -3.010  1.00 12.36 ? 57   ALA A CB  1 
ATOM   209  N N   . GLN A 1 29  ? -6.379  -14.240 -3.322  1.00 19.56 ? 58   GLN A N   1 
ATOM   210  C CA  . GLN A 1 29  ? -5.097  -14.800 -3.752  1.00 19.68 ? 58   GLN A CA  1 
ATOM   211  C C   . GLN A 1 29  ? -4.372  -15.491 -2.604  1.00 19.34 ? 58   GLN A C   1 
ATOM   212  O O   . GLN A 1 29  ? -4.202  -14.974 -1.497  1.00 16.78 ? 58   GLN A O   1 
ATOM   213  C CB  . GLN A 1 29  ? -4.254  -13.673 -4.348  1.00 16.73 ? 58   GLN A CB  1 
ATOM   214  C CG  . GLN A 1 29  ? -4.823  -13.078 -5.627  1.00 19.71 ? 58   GLN A CG  1 
ATOM   215  C CD  . GLN A 1 29  ? -3.917  -12.011 -6.212  1.00 25.04 ? 58   GLN A CD  1 
ATOM   216  O OE1 . GLN A 1 29  ? -3.297  -12.214 -7.254  1.00 30.76 ? 58   GLN A OE1 1 
ATOM   217  N NE2 . GLN A 1 29  ? -3.830  -10.879 -5.522  1.00 26.28 ? 58   GLN A NE2 1 
ATOM   218  N N   . PRO A 1 30  ? -3.942  -16.734 -2.832  1.00 18.83 ? 59   PRO A N   1 
ATOM   219  C CA  . PRO A 1 30  ? -3.489  -17.582 -1.730  1.00 23.76 ? 59   PRO A CA  1 
ATOM   220  C C   . PRO A 1 30  ? -2.262  -17.019 -1.025  1.00 22.99 ? 59   PRO A C   1 
ATOM   221  O O   . PRO A 1 30  ? -2.051  -17.262 0.166   1.00 31.77 ? 59   PRO A O   1 
ATOM   222  C CB  . PRO A 1 30  ? -3.140  -18.915 -2.397  1.00 24.02 ? 59   PRO A CB  1 
ATOM   223  C CG  . PRO A 1 30  ? -3.671  -18.852 -3.785  1.00 21.10 ? 59   PRO A CG  1 
ATOM   224  C CD  . PRO A 1 30  ? -3.849  -17.406 -4.132  1.00 21.83 ? 59   PRO A CD  1 
ATOM   225  N N   . ASP A 1 31  ? -1.452  -16.252 -1.750  1.00 17.38 ? 60   ASP A N   1 
ATOM   226  C CA  . ASP A 1 31  ? -0.257  -15.684 -1.132  1.00 21.11 ? 60   ASP A CA  1 
ATOM   227  C C   . ASP A 1 31  ? -0.446  -14.231 -0.724  1.00 20.89 ? 60   ASP A C   1 
ATOM   228  O O   . ASP A 1 31  ? 0.482   -13.559 -0.279  1.00 19.78 ? 60   ASP A O   1 
ATOM   229  C CB  . ASP A 1 31  ? 0.911   -15.811 -2.118  1.00 21.87 ? 60   ASP A CB  1 
ATOM   230  C CG  . ASP A 1 31  ? 0.731   -14.847 -3.277  1.00 27.74 ? 60   ASP A CG  1 
ATOM   231  O OD1 . ASP A 1 31  ? -0.433  -14.625 -3.665  1.00 30.14 ? 60   ASP A OD1 1 
ATOM   232  O OD2 . ASP A 1 31  ? 1.743   -14.317 -3.780  1.00 36.44 ? 60   ASP A OD2 1 
ATOM   233  N N   . ALA A 1 32  ? -1.665  -13.712 -0.872  1.00 18.40 ? 61   ALA A N   1 
ATOM   234  C CA  . ALA A 1 32  ? -1.965  -12.386 -0.340  1.00 14.87 ? 61   ALA A CA  1 
ATOM   235  C C   . ALA A 1 32  ? -2.242  -12.473 1.160   1.00 19.64 ? 61   ALA A C   1 
ATOM   236  O O   . ALA A 1 32  ? -2.852  -13.426 1.655   1.00 29.00 ? 61   ALA A O   1 
ATOM   237  C CB  . ALA A 1 32  ? -3.139  -11.775 -1.088  1.00 14.02 ? 61   ALA A CB  1 
ATOM   238  N N   . VAL A 1 33  ? -1.777  -11.476 1.894   1.00 17.54 ? 62   VAL A N   1 
ATOM   239  C CA  . VAL A 1 33  ? -1.965  -11.423 3.341   1.00 18.39 ? 62   VAL A CA  1 
ATOM   240  C C   . VAL A 1 33  ? -2.818  -10.228 3.732   1.00 16.87 ? 62   VAL A C   1 
ATOM   241  O O   . VAL A 1 33  ? -2.518  -9.093  3.348   1.00 16.42 ? 62   VAL A O   1 
ATOM   242  C CB  . VAL A 1 33  ? -0.589  -11.355 4.028   1.00 20.13 ? 62   VAL A CB  1 
ATOM   243  C CG1 . VAL A 1 33  ? -0.722  -11.242 5.532   1.00 26.47 ? 62   VAL A CG1 1 
ATOM   244  C CG2 . VAL A 1 33  ? 0.218   -12.594 3.647   1.00 24.23 ? 62   VAL A CG2 1 
ATOM   245  N N   . LYS A 1 34  ? -3.896  -10.472 4.470   1.00 18.61 ? 63   LYS A N   1 
ATOM   246  C CA  . LYS A 1 34  ? -4.770  -9.370  4.884   1.00 18.92 ? 63   LYS A CA  1 
ATOM   247  C C   . LYS A 1 34  ? -4.515  -9.019  6.339   1.00 19.37 ? 63   LYS A C   1 
ATOM   248  O O   . LYS A 1 34  ? -4.557  -9.875  7.227   1.00 21.52 ? 63   LYS A O   1 
ATOM   249  C CB  . LYS A 1 34  ? -6.233  -9.737  4.624   1.00 19.89 ? 63   LYS A CB  1 
ATOM   250  C CG  . LYS A 1 34  ? -7.219  -8.659  5.024   1.00 25.08 ? 63   LYS A CG  1 
ATOM   251  C CD  . LYS A 1 34  ? -8.663  -9.026  4.726   1.00 30.22 ? 63   LYS A CD  1 
ATOM   252  C CE  . LYS A 1 34  ? -9.557  -7.804  4.893   1.00 30.32 ? 63   LYS A CE  1 
ATOM   253  N NZ  . LYS A 1 34  ? -10.865 -8.148  5.512   1.00 42.25 ? 63   LYS A NZ  1 
ATOM   254  N N   . LEU A 1 35  ? -4.202  -7.756  6.606   1.00 12.47 ? 64   LEU A N   1 
ATOM   255  C CA  . LEU A 1 35  ? -3.960  -7.296  7.965   1.00 14.40 ? 64   LEU A CA  1 
ATOM   256  C C   . LEU A 1 35  ? -5.273  -6.810  8.566   1.00 13.78 ? 64   LEU A C   1 
ATOM   257  O O   . LEU A 1 35  ? -6.208  -6.512  7.820   1.00 16.84 ? 64   LEU A O   1 
ATOM   258  C CB  . LEU A 1 35  ? -2.878  -6.205  7.963   1.00 17.32 ? 64   LEU A CB  1 
ATOM   259  C CG  . LEU A 1 35  ? -1.511  -6.683  7.459   1.00 19.36 ? 64   LEU A CG  1 
ATOM   260  C CD1 . LEU A 1 35  ? -0.538  -5.538  7.257   1.00 21.03 ? 64   LEU A CD1 1 
ATOM   261  C CD2 . LEU A 1 35  ? -0.922  -7.721  8.405   1.00 19.35 ? 64   LEU A CD2 1 
ATOM   262  N N   . PRO A 1 36  ? -5.346  -6.771  9.892   1.00 17.78 ? 65   PRO A N   1 
ATOM   263  C CA  . PRO A 1 36  ? -6.551  -6.334  10.595  1.00 19.09 ? 65   PRO A CA  1 
ATOM   264  C C   . PRO A 1 36  ? -7.052  -4.970  10.144  1.00 17.50 ? 65   PRO A C   1 
ATOM   265  O O   . PRO A 1 36  ? -8.259  -4.713  10.163  1.00 16.55 ? 65   PRO A O   1 
ATOM   266  C CB  . PRO A 1 36  ? -6.085  -6.257  12.057  1.00 21.59 ? 65   PRO A CB  1 
ATOM   267  C CG  . PRO A 1 36  ? -5.006  -7.289  12.136  1.00 21.25 ? 65   PRO A CG  1 
ATOM   268  C CD  . PRO A 1 36  ? -4.274  -7.176  10.819  1.00 17.54 ? 65   PRO A CD  1 
ATOM   269  N N   . SER A 1 37  ? -6.155  -4.079  9.739   1.00 15.49 ? 66   SER A N   1 
ATOM   270  C CA  . SER A 1 37  ? -6.572  -2.768  9.257   1.00 16.19 ? 66   SER A CA  1 
ATOM   271  C C   . SER A 1 37  ? -7.402  -2.827  7.985   1.00 12.98 ? 66   SER A C   1 
ATOM   272  O O   . SER A 1 37  ? -8.127  -1.877  7.665   1.00 18.15 ? 66   SER A O   1 
ATOM   273  C CB  . SER A 1 37  ? -5.323  -1.918  8.940   1.00 19.82 ? 66   SER A CB  1 
ATOM   274  O OG  . SER A 1 37  ? -4.637  -2.549  7.868   1.00 13.07 ? 66   SER A OG  1 
ATOM   275  N N   . GLY A 1 38  ? -7.238  -3.889  7.204   1.00 11.11 ? 67   GLY A N   1 
ATOM   276  C CA  . GLY A 1 38  ? -7.824  -3.957  5.876   1.00 13.85 ? 67   GLY A CA  1 
ATOM   277  C C   . GLY A 1 38  ? -6.761  -3.954  4.784   1.00 12.57 ? 67   GLY A C   1 
ATOM   278  O O   . GLY A 1 38  ? -7.069  -4.290  3.640   1.00 12.80 ? 67   GLY A O   1 
ATOM   279  N N   . LEU A 1 39  ? -5.538  -3.569  5.144   1.00 13.63 ? 68   LEU A N   1 
ATOM   280  C CA  . LEU A 1 39  ? -4.449  -3.569  4.163   1.00 11.02 ? 68   LEU A CA  1 
ATOM   281  C C   . LEU A 1 39  ? -4.180  -4.997  3.703   1.00 15.79 ? 68   LEU A C   1 
ATOM   282  O O   . LEU A 1 39  ? -4.141  -5.906  4.535   1.00 14.38 ? 68   LEU A O   1 
ATOM   283  C CB  . LEU A 1 39  ? -3.185  -2.924  4.741   1.00 10.23 ? 68   LEU A CB  1 
ATOM   284  C CG  . LEU A 1 39  ? -1.936  -2.967  3.847   1.00 12.21 ? 68   LEU A CG  1 
ATOM   285  C CD1 . LEU A 1 39  ? -2.111  -2.043  2.643   1.00 9.68  ? 68   LEU A CD1 1 
ATOM   286  C CD2 . LEU A 1 39  ? -0.688  -2.602  4.631   1.00 11.02 ? 68   LEU A CD2 1 
ATOM   287  N N   . VAL A 1 40  ? -4.004  -5.191  2.403   1.00 12.26 ? 69   VAL A N   1 
ATOM   288  C CA  . VAL A 1 40  ? -3.667  -6.490  1.823   1.00 10.29 ? 69   VAL A CA  1 
ATOM   289  C C   . VAL A 1 40  ? -2.324  -6.360  1.108   1.00 13.19 ? 69   VAL A C   1 
ATOM   290  O O   . VAL A 1 40  ? -2.097  -5.345  0.447   1.00 13.13 ? 69   VAL A O   1 
ATOM   291  C CB  . VAL A 1 40  ? -4.731  -6.987  0.841   1.00 10.63 ? 69   VAL A CB  1 
ATOM   292  C CG1 . VAL A 1 40  ? -4.377  -8.360  0.279   1.00 11.37 ? 69   VAL A CG1 1 
ATOM   293  C CG2 . VAL A 1 40  ? -6.100  -7.070  1.514   1.00 11.69 ? 69   VAL A CG2 1 
ATOM   294  N N   . PHE A 1 41  ? -1.452  -7.358  1.243   1.00 11.77 ? 70   PHE A N   1 
ATOM   295  C CA  . PHE A 1 41  ? -0.203  -7.276  0.481   1.00 11.41 ? 70   PHE A CA  1 
ATOM   296  C C   . PHE A 1 41  ? 0.164   -8.636  -0.100  1.00 12.95 ? 70   PHE A C   1 
ATOM   297  O O   . PHE A 1 41  ? -0.276  -9.684  0.372   1.00 13.90 ? 70   PHE A O   1 
ATOM   298  C CB  . PHE A 1 41  ? 0.920   -6.711  1.346   1.00 11.08 ? 70   PHE A CB  1 
ATOM   299  C CG  . PHE A 1 41  ? 1.435   -7.590  2.469   1.00 15.08 ? 70   PHE A CG  1 
ATOM   300  C CD1 . PHE A 1 41  ? 0.850   -7.553  3.724   1.00 17.35 ? 70   PHE A CD1 1 
ATOM   301  C CD2 . PHE A 1 41  ? 2.509   -8.442  2.266   1.00 18.12 ? 70   PHE A CD2 1 
ATOM   302  C CE1 . PHE A 1 41  ? 1.314   -8.348  4.753   1.00 18.58 ? 70   PHE A CE1 1 
ATOM   303  C CE2 . PHE A 1 41  ? 2.985   -9.241  3.286   1.00 20.01 ? 70   PHE A CE2 1 
ATOM   304  C CZ  . PHE A 1 41  ? 2.393   -9.190  4.536   1.00 21.20 ? 70   PHE A CZ  1 
ATOM   305  N N   . GLN A 1 42  ? 1.003   -8.581  -1.118  1.00 13.15 ? 71   GLN A N   1 
ATOM   306  C CA  . GLN A 1 42  ? 1.565   -9.723  -1.821  1.00 12.27 ? 71   GLN A CA  1 
ATOM   307  C C   . GLN A 1 42  ? 3.061   -9.532  -1.964  1.00 14.26 ? 71   GLN A C   1 
ATOM   308  O O   . GLN A 1 42  ? 3.528   -8.488  -2.445  1.00 17.64 ? 71   GLN A O   1 
ATOM   309  C CB  . GLN A 1 42  ? 0.918   -9.787  -3.205  1.00 22.99 ? 71   GLN A CB  1 
ATOM   310  C CG  . GLN A 1 42  ? 0.550   -11.178 -3.677  1.00 26.42 ? 71   GLN A CG  1 
ATOM   311  C CD  . GLN A 1 42  ? -0.307  -11.104 -4.931  1.00 27.80 ? 71   GLN A CD  1 
ATOM   312  O OE1 . GLN A 1 42  ? -0.553  -10.013 -5.449  1.00 16.86 ? 71   GLN A OE1 1 
ATOM   313  N NE2 . GLN A 1 42  ? -0.730  -12.268 -5.397  1.00 24.35 ? 71   GLN A NE2 1 
ATOM   314  N N   . ARG A 1 43  ? 3.880   -10.502 -1.561  1.00 11.54 ? 72   ARG A N   1 
ATOM   315  C CA  . ARG A 1 43  ? 5.310   -10.218 -1.700  1.00 12.42 ? 72   ARG A CA  1 
ATOM   316  C C   . ARG A 1 43  ? 5.769   -10.537 -3.120  1.00 17.11 ? 72   ARG A C   1 
ATOM   317  O O   . ARG A 1 43  ? 5.473   -11.581 -3.694  1.00 19.31 ? 72   ARG A O   1 
ATOM   318  C CB  . ARG A 1 43  ? 6.161   -10.983 -0.703  1.00 10.01 ? 72   ARG A CB  1 
ATOM   319  C CG  . ARG A 1 43  ? 5.692   -10.955 0.751   1.00 11.43 ? 72   ARG A CG  1 
ATOM   320  C CD  . ARG A 1 43  ? 6.408   -12.054 1.511   1.00 15.02 ? 72   ARG A CD  1 
ATOM   321  N NE  . ARG A 1 43  ? 6.238   -12.032 2.960   1.00 16.34 ? 72   ARG A NE  1 
ATOM   322  C CZ  . ARG A 1 43  ? 5.242   -12.648 3.590   1.00 19.44 ? 72   ARG A CZ  1 
ATOM   323  N NH1 . ARG A 1 43  ? 4.326   -13.306 2.886   1.00 22.76 ? 72   ARG A NH1 1 
ATOM   324  N NH2 . ARG A 1 43  ? 5.150   -12.605 4.912   1.00 15.00 ? 72   ARG A NH2 1 
ATOM   325  N N   . ILE A 1 44  ? 6.519   -9.594  -3.676  1.00 15.03 ? 73   ILE A N   1 
ATOM   326  C CA  . ILE A 1 44  ? 7.077   -9.760  -5.014  1.00 13.74 ? 73   ILE A CA  1 
ATOM   327  C C   . ILE A 1 44  ? 8.527   -10.217 -4.887  1.00 14.35 ? 73   ILE A C   1 
ATOM   328  O O   . ILE A 1 44  ? 8.993   -11.089 -5.627  1.00 15.33 ? 73   ILE A O   1 
ATOM   329  C CB  . ILE A 1 44  ? 6.969   -8.460  -5.833  1.00 13.09 ? 73   ILE A CB  1 
ATOM   330  C CG1 . ILE A 1 44  ? 5.533   -7.952  -6.010  1.00 10.38 ? 73   ILE A CG1 1 
ATOM   331  C CG2 . ILE A 1 44  ? 7.646   -8.621  -7.187  1.00 17.34 ? 73   ILE A CG2 1 
ATOM   332  C CD1 . ILE A 1 44  ? 5.435   -6.544  -6.564  1.00 10.52 ? 73   ILE A CD1 1 
ATOM   333  N N   . ALA A 1 45  ? 9.232   -9.634  -3.924  1.00 12.67 ? 74   ALA A N   1 
ATOM   334  C CA  . ALA A 1 45  ? 10.607  -10.036 -3.647  1.00 13.00 ? 74   ALA A CA  1 
ATOM   335  C C   . ALA A 1 45  ? 10.910  -9.895  -2.160  1.00 16.14 ? 74   ALA A C   1 
ATOM   336  O O   . ALA A 1 45  ? 10.426  -8.977  -1.492  1.00 12.73 ? 74   ALA A O   1 
ATOM   337  C CB  . ALA A 1 45  ? 11.579  -9.217  -4.484  1.00 16.70 ? 74   ALA A CB  1 
ATOM   338  N N   . ARG A 1 46  ? 11.728  -10.816 -1.661  1.00 10.92 ? 75   ARG A N   1 
ATOM   339  C CA  . ARG A 1 46  ? 12.199  -10.712 -0.279  1.00 12.73 ? 75   ARG A CA  1 
ATOM   340  C C   . ARG A 1 46  ? 13.595  -10.105 -0.240  1.00 17.42 ? 75   ARG A C   1 
ATOM   341  O O   . ARG A 1 46  ? 14.508  -10.611 -0.899  1.00 17.36 ? 75   ARG A O   1 
ATOM   342  C CB  . ARG A 1 46  ? 12.131  -12.096 0.380   1.00 12.82 ? 75   ARG A CB  1 
ATOM   343  C CG  . ARG A 1 46  ? 10.714  -12.623 0.541   1.00 18.59 ? 75   ARG A CG  1 
ATOM   344  C CD  . ARG A 1 46  ? 10.722  -14.000 1.176   1.00 24.52 ? 75   ARG A CD  1 
ATOM   345  N NE  . ARG A 1 46  ? 9.414   -14.605 1.371   1.00 22.45 ? 75   ARG A NE  1 
ATOM   346  C CZ  . ARG A 1 46  ? 8.748   -14.598 2.523   1.00 21.87 ? 75   ARG A CZ  1 
ATOM   347  N NH1 . ARG A 1 46  ? 9.270   -13.994 3.583   1.00 22.27 ? 75   ARG A NH1 1 
ATOM   348  N NH2 . ARG A 1 46  ? 7.561   -15.184 2.623   1.00 20.18 ? 75   ARG A NH2 1 
ATOM   349  N N   . GLY A 1 47  ? 13.758  -9.019  0.514   1.00 14.81 ? 76   GLY A N   1 
ATOM   350  C CA  . GLY A 1 47  ? 14.984  -8.264  0.666   1.00 11.50 ? 76   GLY A CA  1 
ATOM   351  C C   . GLY A 1 47  ? 15.872  -8.820  1.772   1.00 16.26 ? 76   GLY A C   1 
ATOM   352  O O   . GLY A 1 47  ? 15.413  -9.609  2.603   1.00 20.21 ? 76   GLY A O   1 
ATOM   353  N N   . SER A 1 48  ? 17.136  -8.402  1.797   1.00 16.08 ? 77   SER A N   1 
ATOM   354  C CA  . SER A 1 48  ? 18.067  -8.904  2.803   1.00 21.67 ? 77   SER A CA  1 
ATOM   355  C C   . SER A 1 48  ? 18.330  -7.916  3.929   1.00 18.68 ? 77   SER A C   1 
ATOM   356  O O   . SER A 1 48  ? 19.158  -8.179  4.806   1.00 17.41 ? 77   SER A O   1 
ATOM   357  C CB  . SER A 1 48  ? 19.390  -9.280  2.120   1.00 25.00 ? 77   SER A CB  1 
ATOM   358  O OG  . SER A 1 48  ? 19.201  -10.493 1.396   1.00 42.53 ? 77   SER A OG  1 
ATOM   359  N N   . GLY A 1 49  ? 17.633  -6.788  3.948   1.00 15.68 ? 78   GLY A N   1 
ATOM   360  C CA  . GLY A 1 49  ? 17.804  -5.780  4.978   1.00 12.97 ? 78   GLY A CA  1 
ATOM   361  C C   . GLY A 1 49  ? 17.481  -6.265  6.379   1.00 17.55 ? 78   GLY A C   1 
ATOM   362  O O   . GLY A 1 49  ? 16.669  -7.165  6.603   1.00 16.53 ? 78   GLY A O   1 
ATOM   363  N N   . LYS A 1 50  ? 18.138  -5.634  7.356   1.00 14.12 ? 79   LYS A N   1 
ATOM   364  C CA  . LYS A 1 50  ? 18.030  -6.096  8.736   1.00 16.30 ? 79   LYS A CA  1 
ATOM   365  C C   . LYS A 1 50  ? 16.970  -5.335  9.515   1.00 17.45 ? 79   LYS A C   1 
ATOM   366  O O   . LYS A 1 50  ? 16.552  -5.767  10.594  1.00 14.90 ? 79   LYS A O   1 
ATOM   367  C CB  . LYS A 1 50  ? 19.386  -5.945  9.441   1.00 21.13 ? 79   LYS A CB  1 
ATOM   368  C CG  . LYS A 1 50  ? 20.409  -6.999  9.043   1.00 19.13 ? 79   LYS A CG  1 
ATOM   369  C CD  . LYS A 1 50  ? 21.629  -6.952  9.948   0.00 19.13 ? 79   LYS A CD  1 
ATOM   370  C CE  . LYS A 1 50  ? 22.342  -5.613  9.845   0.00 19.13 ? 79   LYS A CE  1 
ATOM   371  N NZ  . LYS A 1 50  ? 23.613  -5.601  10.619  0.00 19.13 ? 79   LYS A NZ  1 
ATOM   372  N N   . ARG A 1 51  ? 16.568  -4.179  8.986   1.00 17.09 ? 80   ARG A N   1 
ATOM   373  C CA  . ARG A 1 51  ? 15.683  -3.295  9.741   1.00 14.07 ? 80   ARG A CA  1 
ATOM   374  C C   . ARG A 1 51  ? 14.612  -2.674  8.847   1.00 10.79 ? 80   ARG A C   1 
ATOM   375  O O   . ARG A 1 51  ? 14.887  -2.378  7.690   1.00 16.74 ? 80   ARG A O   1 
ATOM   376  C CB  . ARG A 1 51  ? 16.499  -2.188  10.413  1.00 17.05 ? 80   ARG A CB  1 
ATOM   377  C CG  . ARG A 1 51  ? 17.460  -2.724  11.472  1.00 23.13 ? 80   ARG A CG  1 
ATOM   378  C CD  . ARG A 1 51  ? 16.728  -2.943  12.790  1.00 25.77 ? 80   ARG A CD  1 
ATOM   379  N NE  . ARG A 1 51  ? 16.325  -1.677  13.385  1.00 28.45 ? 80   ARG A NE  1 
ATOM   380  C CZ  . ARG A 1 51  ? 16.286  -1.365  14.669  1.00 34.56 ? 80   ARG A CZ  1 
ATOM   381  N NH1 . ARG A 1 51  ? 16.631  -2.242  15.603  1.00 51.67 ? 80   ARG A NH1 1 
ATOM   382  N NH2 . ARG A 1 51  ? 15.892  -0.148  15.028  1.00 26.21 ? 80   ARG A NH2 1 
ATOM   383  N N   . ALA A 1 52  ? 13.414  -2.530  9.401   1.00 11.51 ? 81   ALA A N   1 
ATOM   384  C CA  . ALA A 1 52  ? 12.354  -1.740  8.782   1.00 9.76  ? 81   ALA A CA  1 
ATOM   385  C C   . ALA A 1 52  ? 12.501  -0.283  9.204   1.00 11.15 ? 81   ALA A C   1 
ATOM   386  O O   . ALA A 1 52  ? 13.093  -0.001  10.250  1.00 11.68 ? 81   ALA A O   1 
ATOM   387  C CB  . ALA A 1 52  ? 10.988  -2.298  9.134   1.00 8.32  ? 81   ALA A CB  1 
ATOM   388  N N   . PRO A 1 53  ? 11.998  0.647   8.401   1.00 11.47 ? 82   PRO A N   1 
ATOM   389  C CA  . PRO A 1 53  ? 12.063  2.061   8.774   1.00 8.33  ? 82   PRO A CA  1 
ATOM   390  C C   . PRO A 1 53  ? 11.181  2.339   9.991   1.00 12.47 ? 82   PRO A C   1 
ATOM   391  O O   . PRO A 1 53  ? 10.111  1.746   10.130  1.00 10.60 ? 82   PRO A O   1 
ATOM   392  C CB  . PRO A 1 53  ? 11.488  2.782   7.551   1.00 8.75  ? 82   PRO A CB  1 
ATOM   393  C CG  . PRO A 1 53  ? 10.583  1.766   6.932   1.00 8.79  ? 82   PRO A CG  1 
ATOM   394  C CD  . PRO A 1 53  ? 11.330  0.457   7.097   1.00 10.40 ? 82   PRO A CD  1 
ATOM   395  N N   . ALA A 1 54  ? 11.628  3.254   10.841  1.00 14.16 ? 83   ALA A N   1 
ATOM   396  C CA  . ALA A 1 54  ? 10.753  3.888   11.819  1.00 11.13 ? 83   ALA A CA  1 
ATOM   397  C C   . ALA A 1 54  ? 9.798   4.841   11.095  1.00 11.34 ? 83   ALA A C   1 
ATOM   398  O O   . ALA A 1 54  ? 9.965   5.142   9.910   1.00 13.22 ? 83   ALA A O   1 
ATOM   399  C CB  . ALA A 1 54  ? 11.551  4.654   12.862  1.00 11.57 ? 83   ALA A CB  1 
ATOM   400  N N   . ILE A 1 55  ? 8.798   5.307   11.833  1.00 13.58 ? 84   ILE A N   1 
ATOM   401  C CA  . ILE A 1 55  ? 7.743   6.118   11.231  1.00 17.85 ? 84   ILE A CA  1 
ATOM   402  C C   . ILE A 1 55  ? 8.293   7.368   10.557  1.00 13.93 ? 84   ILE A C   1 
ATOM   403  O O   . ILE A 1 55  ? 7.673   7.874   9.625   1.00 14.51 ? 84   ILE A O   1 
ATOM   404  C CB  . ILE A 1 55  ? 6.692   6.526   12.283  1.00 19.37 ? 84   ILE A CB  1 
ATOM   405  C CG1 . ILE A 1 55  ? 5.483   7.245   11.675  1.00 25.33 ? 84   ILE A CG1 1 
ATOM   406  C CG2 . ILE A 1 55  ? 7.307   7.360   13.389  1.00 24.91 ? 84   ILE A CG2 1 
ATOM   407  C CD1 . ILE A 1 55  ? 4.519   6.299   10.993  1.00 29.23 ? 84   ILE A CD1 1 
ATOM   408  N N   . ASP A 1 56  ? 9.437   7.854   11.028  1.00 13.85 ? 85   ASP A N   1 
ATOM   409  C CA  . ASP A 1 56  ? 10.026  9.089   10.557  1.00 14.12 ? 85   ASP A CA  1 
ATOM   410  C C   . ASP A 1 56  ? 11.300  8.879   9.761   1.00 12.42 ? 85   ASP A C   1 
ATOM   411  O O   . ASP A 1 56  ? 12.011  9.843   9.467   1.00 12.07 ? 85   ASP A O   1 
ATOM   412  C CB  . ASP A 1 56  ? 10.299  10.040  11.734  1.00 16.04 ? 85   ASP A CB  1 
ATOM   413  C CG  . ASP A 1 56  ? 11.258  9.477   12.755  1.00 20.06 ? 85   ASP A CG  1 
ATOM   414  O OD1 . ASP A 1 56  ? 11.654  8.305   12.620  1.00 19.15 ? 85   ASP A OD1 1 
ATOM   415  O OD2 . ASP A 1 56  ? 11.623  10.210  13.703  1.00 26.10 ? 85   ASP A OD2 1 
ATOM   416  N N   . ASP A 1 57  ? 11.612  7.651   9.353   1.00 13.50 ? 86   ASP A N   1 
ATOM   417  C CA  . ASP A 1 57  ? 12.828  7.441   8.564   1.00 14.31 ? 86   ASP A CA  1 
ATOM   418  C C   . ASP A 1 57  ? 12.620  7.816   7.103   1.00 10.08 ? 86   ASP A C   1 
ATOM   419  O O   . ASP A 1 57  ? 11.579  7.476   6.525   1.00 12.60 ? 86   ASP A O   1 
ATOM   420  C CB  . ASP A 1 57  ? 13.270  5.979   8.614   1.00 13.34 ? 86   ASP A CB  1 
ATOM   421  C CG  . ASP A 1 57  ? 14.141  5.609   9.793   1.00 16.47 ? 86   ASP A CG  1 
ATOM   422  O OD1 . ASP A 1 57  ? 14.887  6.464   10.315  1.00 16.12 ? 86   ASP A OD1 1 
ATOM   423  O OD2 . ASP A 1 57  ? 14.074  4.432   10.209  1.00 16.11 ? 86   ASP A OD2 1 
ATOM   424  N N   . LYS A 1 58  ? 13.620  8.447   6.491   1.00 12.11 ? 87   LYS A N   1 
ATOM   425  C CA  . LYS A 1 58  ? 13.520  8.718   5.052   1.00 14.47 ? 87   LYS A CA  1 
ATOM   426  C C   . LYS A 1 58  ? 13.818  7.458   4.245   1.00 15.25 ? 87   LYS A C   1 
ATOM   427  O O   . LYS A 1 58  ? 14.882  6.859   4.416   1.00 19.79 ? 87   LYS A O   1 
ATOM   428  C CB  . LYS A 1 58  ? 14.479  9.835   4.641   1.00 17.46 ? 87   LYS A CB  1 
ATOM   429  C CG  . LYS A 1 58  ? 14.112  11.217  5.162   1.00 19.24 ? 87   LYS A CG  1 
ATOM   430  C CD  . LYS A 1 58  ? 15.131  12.248  4.689   1.00 23.41 ? 87   LYS A CD  1 
ATOM   431  C CE  . LYS A 1 58  ? 15.248  12.244  3.173   0.00 23.41 ? 87   LYS A CE  1 
ATOM   432  N NZ  . LYS A 1 58  ? 16.208  13.274  2.688   0.00 23.41 ? 87   LYS A NZ  1 
ATOM   433  N N   . CYS A 1 59  ? 12.912  7.042   3.377   1.00 11.82 ? 88   CYS A N   1 
ATOM   434  C CA  . CYS A 1 59  ? 13.090  5.844   2.558   1.00 10.35 ? 88   CYS A CA  1 
ATOM   435  C C   . CYS A 1 59  ? 13.248  6.198   1.081   1.00 16.02 ? 88   CYS A C   1 
ATOM   436  O O   . CYS A 1 59  ? 12.554  7.106   0.634   1.00 16.15 ? 88   CYS A O   1 
ATOM   437  C CB  . CYS A 1 59  ? 11.880  4.912   2.726   1.00 10.81 ? 88   CYS A CB  1 
ATOM   438  S SG  . CYS A 1 59  ? 11.542  4.414   4.441   1.00 14.15 ? 88   CYS A SG  1 
ATOM   439  N N   . GLU A 1 60  ? 14.108  5.496   0.348   1.00 11.59 ? 89   GLU A N   1 
ATOM   440  C CA  . GLU A 1 60  ? 14.115  5.559   -1.108  1.00 12.46 ? 89   GLU A CA  1 
ATOM   441  C C   . GLU A 1 60  ? 13.225  4.439   -1.657  1.00 9.42  ? 89   GLU A C   1 
ATOM   442  O O   . GLU A 1 60  ? 13.478  3.263   -1.397  1.00 13.02 ? 89   GLU A O   1 
ATOM   443  C CB  . GLU A 1 60  ? 15.524  5.431   -1.677  1.00 13.25 ? 89   GLU A CB  1 
ATOM   444  C CG  . GLU A 1 60  ? 16.501  6.470   -1.151  1.00 16.07 ? 89   GLU A CG  1 
ATOM   445  C CD  . GLU A 1 60  ? 15.937  7.878   -1.169  1.00 18.95 ? 89   GLU A CD  1 
ATOM   446  O OE1 . GLU A 1 60  ? 15.442  8.328   -2.222  1.00 26.65 ? 89   GLU A OE1 1 
ATOM   447  O OE2 . GLU A 1 60  ? 16.002  8.558   -0.124  1.00 20.40 ? 89   GLU A OE2 1 
ATOM   448  N N   . VAL A 1 61  ? 12.206  4.830   -2.402  1.00 8.43  ? 90   VAL A N   1 
ATOM   449  C CA  . VAL A 1 61  ? 11.179  3.923   -2.877  1.00 8.58  ? 90   VAL A CA  1 
ATOM   450  C C   . VAL A 1 61  ? 10.948  4.051   -4.378  1.00 11.33 ? 90   VAL A C   1 
ATOM   451  O O   . VAL A 1 61  ? 10.761  5.152   -4.891  1.00 13.76 ? 90   VAL A O   1 
ATOM   452  C CB  . VAL A 1 61  ? 9.835   4.194   -2.166  1.00 13.73 ? 90   VAL A CB  1 
ATOM   453  C CG1 . VAL A 1 61  ? 8.743   3.293   -2.734  1.00 14.32 ? 90   VAL A CG1 1 
ATOM   454  C CG2 . VAL A 1 61  ? 9.976   4.003   -0.665  1.00 11.89 ? 90   VAL A CG2 1 
ATOM   455  N N   . HIS A 1 62  ? 10.943  2.920   -5.069  1.00 8.34  ? 91   HIS A N   1 
ATOM   456  C CA  . HIS A 1 62  ? 10.445  2.889   -6.431  1.00 6.18  ? 91   HIS A CA  1 
ATOM   457  C C   . HIS A 1 62  ? 9.023   2.330   -6.409  1.00 9.52  ? 91   HIS A C   1 
ATOM   458  O O   . HIS A 1 62  ? 8.815   1.287   -5.780  1.00 12.04 ? 91   HIS A O   1 
ATOM   459  C CB  . HIS A 1 62  ? 11.318  2.023   -7.336  1.00 8.62  ? 91   HIS A CB  1 
ATOM   460  C CG  . HIS A 1 62  ? 12.083  2.844   -8.329  1.00 10.15 ? 91   HIS A CG  1 
ATOM   461  N ND1 . HIS A 1 62  ? 11.533  3.928   -8.981  1.00 10.11 ? 91   HIS A ND1 1 
ATOM   462  C CD2 . HIS A 1 62  ? 13.352  2.730   -8.776  1.00 11.96 ? 91   HIS A CD2 1 
ATOM   463  C CE1 . HIS A 1 62  ? 12.444  4.443   -9.787  1.00 14.17 ? 91   HIS A CE1 1 
ATOM   464  N NE2 . HIS A 1 62  ? 13.557  3.738   -9.689  1.00 14.57 ? 91   HIS A NE2 1 
ATOM   465  N N   . TYR A 1 63  ? 8.101   3.030   -7.051  1.00 8.70  ? 92   TYR A N   1 
ATOM   466  C CA  . TYR A 1 63  ? 6.708   2.569   -6.980  1.00 9.50  ? 92   TYR A CA  1 
ATOM   467  C C   . TYR A 1 63  ? 5.916   2.927   -8.232  1.00 8.79  ? 92   TYR A C   1 
ATOM   468  O O   . TYR A 1 63  ? 6.264   3.833   -8.979  1.00 10.88 ? 92   TYR A O   1 
ATOM   469  C CB  . TYR A 1 63  ? 6.029   3.179   -5.750  1.00 9.23  ? 92   TYR A CB  1 
ATOM   470  C CG  . TYR A 1 63  ? 5.813   4.675   -5.873  1.00 8.41  ? 92   TYR A CG  1 
ATOM   471  C CD1 . TYR A 1 63  ? 6.842   5.567   -5.633  1.00 9.49  ? 92   TYR A CD1 1 
ATOM   472  C CD2 . TYR A 1 63  ? 4.566   5.180   -6.240  1.00 11.41 ? 92   TYR A CD2 1 
ATOM   473  C CE1 . TYR A 1 63  ? 6.638   6.935   -5.754  1.00 12.86 ? 92   TYR A CE1 1 
ATOM   474  C CE2 . TYR A 1 63  ? 4.357   6.543   -6.362  1.00 8.35  ? 92   TYR A CE2 1 
ATOM   475  C CZ  . TYR A 1 63  ? 5.396   7.412   -6.117  1.00 10.91 ? 92   TYR A CZ  1 
ATOM   476  O OH  . TYR A 1 63  ? 5.184   8.770   -6.229  1.00 15.42 ? 92   TYR A OH  1 
ATOM   477  N N   . THR A 1 64  ? 4.814   2.204   -8.405  1.00 7.52  ? 93   THR A N   1 
ATOM   478  C CA  . THR A 1 64  ? 3.743   2.514   -9.327  1.00 6.69  ? 93   THR A CA  1 
ATOM   479  C C   . THR A 1 64  ? 2.390   2.402   -8.628  1.00 7.39  ? 93   THR A C   1 
ATOM   480  O O   . THR A 1 64  ? 2.140   1.420   -7.934  1.00 7.60  ? 93   THR A O   1 
ATOM   481  C CB  . THR A 1 64  ? 3.744   1.589   -10.560 1.00 13.15 ? 93   THR A CB  1 
ATOM   482  O OG1 . THR A 1 64  ? 5.011   1.685   -11.227 1.00 12.20 ? 93   THR A OG1 1 
ATOM   483  C CG2 . THR A 1 64  ? 2.685   2.057   -11.540 1.00 9.69  ? 93   THR A CG2 1 
ATOM   484  N N   . GLY A 1 65  ? 1.544   3.412   -8.803  1.00 9.56  ? 94   GLY A N   1 
ATOM   485  C CA  . GLY A 1 65  ? 0.208   3.375   -8.222  1.00 8.52  ? 94   GLY A CA  1 
ATOM   486  C C   . GLY A 1 65  ? -0.838  3.263   -9.318  1.00 6.99  ? 94   GLY A C   1 
ATOM   487  O O   . GLY A 1 65  ? -0.827  4.062   -10.259 1.00 10.29 ? 94   GLY A O   1 
ATOM   488  N N   . ARG A 1 66  ? -1.737  2.289   -9.218  1.00 6.05  ? 95   ARG A N   1 
ATOM   489  C CA  . ARG A 1 66  ? -2.772  2.067   -10.213 1.00 10.55 ? 95   ARG A CA  1 
ATOM   490  C C   . ARG A 1 66  ? -4.174  2.072   -9.589  1.00 10.73 ? 95   ARG A C   1 
ATOM   491  O O   . ARG A 1 66  ? -4.333  1.680   -8.434  1.00 11.58 ? 95   ARG A O   1 
ATOM   492  C CB  A ARG A 1 66  ? -2.590  0.717   -10.914 0.52 14.42 ? 95   ARG A CB  1 
ATOM   493  C CB  B ARG A 1 66  ? -2.581  0.722   -10.916 0.48 14.45 ? 95   ARG A CB  1 
ATOM   494  C CG  A ARG A 1 66  ? -1.202  0.402   -11.432 0.52 17.33 ? 95   ARG A CG  1 
ATOM   495  C CG  B ARG A 1 66  ? -1.415  0.654   -11.888 0.48 16.91 ? 95   ARG A CG  1 
ATOM   496  C CD  A ARG A 1 66  ? -1.254  -0.703  -12.483 0.52 17.20 ? 95   ARG A CD  1 
ATOM   497  C CD  B ARG A 1 66  ? -1.089  -0.804  -12.183 0.48 17.16 ? 95   ARG A CD  1 
ATOM   498  N NE  A ARG A 1 66  ? -0.141  -0.616  -13.419 0.52 17.41 ? 95   ARG A NE  1 
ATOM   499  N NE  B ARG A 1 66  ? 0.326   -1.108  -12.000 0.48 17.88 ? 95   ARG A NE  1 
ATOM   500  C CZ  A ARG A 1 66  ? -0.195  -0.480  -14.732 0.52 14.73 ? 95   ARG A CZ  1 
ATOM   501  C CZ  B ARG A 1 66  ? 1.238   -1.051  -12.963 0.48 16.65 ? 95   ARG A CZ  1 
ATOM   502  N NH1 A ARG A 1 66  ? -1.344  -0.403  -15.386 0.52 15.11 ? 95   ARG A NH1 1 
ATOM   503  N NH1 B ARG A 1 66  ? 0.890   -0.692  -14.194 0.48 16.30 ? 95   ARG A NH1 1 
ATOM   504  N NH2 A ARG A 1 66  ? 0.929   -0.414  -15.443 0.52 10.21 ? 95   ARG A NH2 1 
ATOM   505  N NH2 B ARG A 1 66  ? 2.501   -1.347  -12.703 0.48 16.87 ? 95   ARG A NH2 1 
ATOM   506  N N   . LEU A 1 67  ? -5.184  2.452   -10.355 1.00 8.22  ? 96   LEU A N   1 
ATOM   507  C CA  . LEU A 1 67  ? -6.564  2.202   -9.945  1.00 7.42  ? 96   LEU A CA  1 
ATOM   508  C C   . LEU A 1 67  ? -6.952  0.749   -10.191 1.00 9.71  ? 96   LEU A C   1 
ATOM   509  O O   . LEU A 1 67  ? -6.213  -0.034  -10.793 1.00 12.02 ? 96   LEU A O   1 
ATOM   510  C CB  . LEU A 1 67  ? -7.530  3.107   -10.718 1.00 7.97  ? 96   LEU A CB  1 
ATOM   511  C CG  . LEU A 1 67  ? -7.210  4.606   -10.649 1.00 9.00  ? 96   LEU A CG  1 
ATOM   512  C CD1 . LEU A 1 67  ? -8.286  5.409   -11.381 1.00 13.92 ? 96   LEU A CD1 1 
ATOM   513  C CD2 . LEU A 1 67  ? -7.092  5.074   -9.216  1.00 11.58 ? 96   LEU A CD2 1 
ATOM   514  N N   . ARG A 1 68  ? -8.151  0.400   -9.742  1.00 10.58 ? 97   ARG A N   1 
ATOM   515  C CA  . ARG A 1 68  ? -8.675  -0.946  -9.900  1.00 9.73  ? 97   ARG A CA  1 
ATOM   516  C C   . ARG A 1 68  ? -8.711  -1.378  -11.360 1.00 9.79  ? 97   ARG A C   1 
ATOM   517  O O   . ARG A 1 68  ? -8.665  -2.587  -11.626 1.00 12.01 ? 97   ARG A O   1 
ATOM   518  C CB  . ARG A 1 68  ? -10.072 -1.008  -9.269  1.00 10.79 ? 97   ARG A CB  1 
ATOM   519  C CG  . ARG A 1 68  ? -11.094 -0.095  -9.925  1.00 8.73  ? 97   ARG A CG  1 
ATOM   520  C CD  . ARG A 1 68  ? -12.384 -0.086  -9.094  1.00 10.36 ? 97   ARG A CD  1 
ATOM   521  N NE  . ARG A 1 68  ? -13.300 0.947   -9.569  1.00 13.31 ? 97   ARG A NE  1 
ATOM   522  C CZ  . ARG A 1 68  ? -14.020 0.887   -10.679 1.00 13.55 ? 97   ARG A CZ  1 
ATOM   523  N NH1 . ARG A 1 68  ? -13.961 -0.165  -11.481 1.00 11.57 ? 97   ARG A NH1 1 
ATOM   524  N NH2 . ARG A 1 68  ? -14.816 1.905   -10.998 1.00 10.92 ? 97   ARG A NH2 1 
ATOM   525  N N   . ASP A 1 69  ? -8.795  -0.443  -12.305 1.00 7.49  ? 98   ASP A N   1 
ATOM   526  C CA  . ASP A 1 69  ? -8.878  -0.807  -13.717 1.00 11.96 ? 98   ASP A CA  1 
ATOM   527  C C   . ASP A 1 69  ? -7.513  -0.766  -14.403 1.00 10.70 ? 98   ASP A C   1 
ATOM   528  O O   . ASP A 1 69  ? -7.422  -0.958  -15.622 1.00 14.67 ? 98   ASP A O   1 
ATOM   529  C CB  . ASP A 1 69  ? -9.862  0.082   -14.468 1.00 14.61 ? 98   ASP A CB  1 
ATOM   530  C CG  . ASP A 1 69  ? -9.349  1.493   -14.678 1.00 17.21 ? 98   ASP A CG  1 
ATOM   531  O OD1 . ASP A 1 69  ? -8.379  1.906   -14.010 1.00 10.35 ? 98   ASP A OD1 1 
ATOM   532  O OD2 . ASP A 1 69  ? -9.921  2.195   -15.530 1.00 23.35 ? 98   ASP A OD2 1 
ATOM   533  N N   . GLY A 1 70  ? -6.465  -0.550  -13.623 1.00 9.67  ? 99   GLY A N   1 
ATOM   534  C CA  . GLY A 1 70  ? -5.115  -0.563  -14.147 1.00 10.50 ? 99   GLY A CA  1 
ATOM   535  C C   . GLY A 1 70  ? -4.547  0.815   -14.432 1.00 9.80  ? 99   GLY A C   1 
ATOM   536  O O   . GLY A 1 70  ? -3.338  0.917   -14.669 1.00 11.20 ? 99   GLY A O   1 
ATOM   537  N N   . THR A 1 71  ? -5.383  1.845   -14.447 1.00 8.64  ? 100  THR A N   1 
ATOM   538  C CA  . THR A 1 71  ? -4.935  3.191   -14.785 1.00 12.16 ? 100  THR A CA  1 
ATOM   539  C C   . THR A 1 71  ? -3.847  3.675   -13.835 1.00 10.48 ? 100  THR A C   1 
ATOM   540  O O   . THR A 1 71  ? -4.082  3.750   -12.630 1.00 9.04  ? 100  THR A O   1 
ATOM   541  C CB  . THR A 1 71  ? -6.106  4.196   -14.718 1.00 16.76 ? 100  THR A CB  1 
ATOM   542  O OG1 . THR A 1 71  ? -7.132  3.861   -15.664 1.00 19.61 ? 100  THR A OG1 1 
ATOM   543  C CG2 . THR A 1 71  ? -5.607  5.580   -15.102 1.00 21.13 ? 100  THR A CG2 1 
ATOM   544  N N   . VAL A 1 72  ? -2.658  4.014   -14.315 1.00 11.20 ? 101  VAL A N   1 
ATOM   545  C CA  . VAL A 1 72  ? -1.603  4.539   -13.450 1.00 12.50 ? 101  VAL A CA  1 
ATOM   546  C C   . VAL A 1 72  ? -1.841  6.000   -13.098 1.00 16.62 ? 101  VAL A C   1 
ATOM   547  O O   . VAL A 1 72  ? -1.983  6.844   -13.987 1.00 13.47 ? 101  VAL A O   1 
ATOM   548  C CB  A VAL A 1 72  ? -0.205  4.360   -14.069 0.29 11.02 ? 101  VAL A CB  1 
ATOM   549  C CB  B VAL A 1 72  ? -0.239  4.407   -14.166 0.70 10.60 ? 101  VAL A CB  1 
ATOM   550  C CG1 A VAL A 1 72  ? -0.151  4.965   -15.460 0.29 11.36 ? 101  VAL A CG1 1 
ATOM   551  C CG1 B VAL A 1 72  ? 0.837   5.203   -13.447 0.70 12.62 ? 101  VAL A CG1 1 
ATOM   552  C CG2 A VAL A 1 72  ? 0.866   4.966   -13.173 0.29 10.36 ? 101  VAL A CG2 1 
ATOM   553  C CG2 B VAL A 1 72  ? 0.142   2.935   -14.283 0.70 8.16  ? 101  VAL A CG2 1 
ATOM   554  N N   . PHE A 1 73  ? -1.889  6.310   -11.798 1.00 13.24 ? 102  PHE A N   1 
ATOM   555  C CA  . PHE A 1 73  ? -2.034  7.686   -11.335 1.00 9.25  ? 102  PHE A CA  1 
ATOM   556  C C   . PHE A 1 73  ? -0.739  8.288   -10.808 1.00 11.31 ? 102  PHE A C   1 
ATOM   557  O O   . PHE A 1 73  ? -0.662  9.504   -10.584 1.00 10.46 ? 102  PHE A O   1 
ATOM   558  C CB  . PHE A 1 73  ? -3.107  7.796   -10.243 1.00 11.53 ? 102  PHE A CB  1 
ATOM   559  C CG  . PHE A 1 73  ? -2.908  6.921   -9.024  1.00 10.00 ? 102  PHE A CG  1 
ATOM   560  C CD1 . PHE A 1 73  ? -2.117  7.335   -7.967  1.00 9.11  ? 102  PHE A CD1 1 
ATOM   561  C CD2 . PHE A 1 73  ? -3.527  5.675   -8.966  1.00 10.24 ? 102  PHE A CD2 1 
ATOM   562  C CE1 . PHE A 1 73  ? -1.935  6.512   -6.866  1.00 10.16 ? 102  PHE A CE1 1 
ATOM   563  C CE2 . PHE A 1 73  ? -3.346  4.846   -7.870  1.00 12.66 ? 102  PHE A CE2 1 
ATOM   564  C CZ  . PHE A 1 73  ? -2.529  5.265   -6.838  1.00 8.66  ? 102  PHE A CZ  1 
ATOM   565  N N   . ASP A 1 74  ? 0.303   7.489   -10.582 1.00 8.83  ? 103  ASP A N   1 
ATOM   566  C CA  . ASP A 1 74  ? 1.565   8.043   -10.079 1.00 11.82 ? 103  ASP A CA  1 
ATOM   567  C C   . ASP A 1 74  ? 2.652   6.988   -10.251 1.00 12.15 ? 103  ASP A C   1 
ATOM   568  O O   . ASP A 1 74  ? 2.351   5.804   -10.068 1.00 12.73 ? 103  ASP A O   1 
ATOM   569  C CB  . ASP A 1 74  ? 1.442   8.445   -8.617  1.00 9.04  ? 103  ASP A CB  1 
ATOM   570  C CG  . ASP A 1 74  ? 2.583   9.245   -8.032  1.00 13.51 ? 103  ASP A CG  1 
ATOM   571  O OD1 . ASP A 1 74  ? 3.423   9.794   -8.779  1.00 16.82 ? 103  ASP A OD1 1 
ATOM   572  O OD2 . ASP A 1 74  ? 2.678   9.330   -6.779  1.00 14.33 ? 103  ASP A OD2 1 
ATOM   573  N N   . SER A 1 75  ? 3.865   7.388   -10.609 1.00 11.89 ? 104  SER A N   1 
ATOM   574  C CA  . SER A 1 75  ? 4.917   6.385   -10.741 1.00 13.55 ? 104  SER A CA  1 
ATOM   575  C C   . SER A 1 75  ? 6.315   7.000   -10.721 1.00 11.92 ? 104  SER A C   1 
ATOM   576  O O   . SER A 1 75  ? 6.604   7.842   -11.578 1.00 12.15 ? 104  SER A O   1 
ATOM   577  C CB  . SER A 1 75  ? 4.753   5.657   -12.080 1.00 15.72 ? 104  SER A CB  1 
ATOM   578  O OG  . SER A 1 75  ? 5.934   4.936   -12.391 1.00 14.68 ? 104  SER A OG  1 
ATOM   579  N N   . SER A 1 76  ? 7.166   6.556   -9.812  1.00 10.08 ? 105  SER A N   1 
ATOM   580  C CA  . SER A 1 76  ? 8.554   7.014   -9.788  1.00 9.96  ? 105  SER A CA  1 
ATOM   581  C C   . SER A 1 76  ? 9.320   6.408   -10.946 1.00 11.54 ? 105  SER A C   1 
ATOM   582  O O   . SER A 1 76  ? 10.322  6.926   -11.439 1.00 9.96  ? 105  SER A O   1 
ATOM   583  C CB  . SER A 1 76  ? 9.211   6.631   -8.455  1.00 13.11 ? 105  SER A CB  1 
ATOM   584  O OG  . SER A 1 76  ? 9.235   5.214   -8.332  1.00 12.19 ? 105  SER A OG  1 
ATOM   585  N N   . ARG A 1 77  ? 8.881   5.232   -11.404 1.00 10.56 ? 106  ARG A N   1 
ATOM   586  C CA  . ARG A 1 77  ? 9.604   4.670   -12.551 1.00 13.30 ? 106  ARG A CA  1 
ATOM   587  C C   . ARG A 1 77  ? 9.436   5.511   -13.811 1.00 15.35 ? 106  ARG A C   1 
ATOM   588  O O   . ARG A 1 77  ? 10.391  5.607   -14.593 1.00 13.62 ? 106  ARG A O   1 
ATOM   589  C CB  . ARG A 1 77  ? 9.165   3.215   -12.734 1.00 13.78 ? 106  ARG A CB  1 
ATOM   590  C CG  . ARG A 1 77  ? 9.439   2.407   -11.462 1.00 13.68 ? 106  ARG A CG  1 
ATOM   591  C CD  . ARG A 1 77  ? 9.387   0.921   -11.755 1.00 17.29 ? 106  ARG A CD  1 
ATOM   592  N NE  . ARG A 1 77  ? 9.508   0.090   -10.572 1.00 12.83 ? 106  ARG A NE  1 
ATOM   593  C CZ  . ARG A 1 77  ? 10.626  -0.425  -10.081 1.00 13.15 ? 106  ARG A CZ  1 
ATOM   594  N NH1 . ARG A 1 77  ? 11.788  -0.186  -10.688 1.00 16.87 ? 106  ARG A NH1 1 
ATOM   595  N NH2 . ARG A 1 77  ? 10.590  -1.176  -8.992  1.00 11.41 ? 106  ARG A NH2 1 
ATOM   596  N N   . GLU A 1 78  ? 8.298   6.152   -14.049 1.00 11.00 ? 107  GLU A N   1 
ATOM   597  C CA  . GLU A 1 78  ? 8.148   7.020   -15.214 1.00 12.46 ? 107  GLU A CA  1 
ATOM   598  C C   . GLU A 1 78  ? 9.026   8.263   -15.100 1.00 12.67 ? 107  GLU A C   1 
ATOM   599  O O   . GLU A 1 78  ? 9.365   8.923   -16.084 1.00 13.42 ? 107  GLU A O   1 
ATOM   600  C CB  . GLU A 1 78  ? 6.688   7.447   -15.401 1.00 11.87 ? 107  GLU A CB  1 
ATOM   601  C CG  . GLU A 1 78  ? 5.800   6.316   -15.922 1.00 12.17 ? 107  GLU A CG  1 
ATOM   602  C CD  . GLU A 1 78  ? 4.419   6.846   -16.273 1.00 11.42 ? 107  GLU A CD  1 
ATOM   603  O OE1 . GLU A 1 78  ? 4.362   7.916   -16.932 1.00 12.69 ? 107  GLU A OE1 1 
ATOM   604  O OE2 . GLU A 1 78  ? 3.432   6.189   -15.903 1.00 11.63 ? 107  GLU A OE2 1 
ATOM   605  N N   . ARG A 1 79  ? 9.414   8.586   -13.875 1.00 13.19 ? 108  ARG A N   1 
ATOM   606  C CA  . ARG A 1 79  ? 10.304  9.714   -13.634 1.00 12.77 ? 108  ARG A CA  1 
ATOM   607  C C   . ARG A 1 79  ? 11.766  9.299   -13.684 1.00 11.30 ? 108  ARG A C   1 
ATOM   608  O O   . ARG A 1 79  ? 12.668  10.149  -13.621 1.00 18.38 ? 108  ARG A O   1 
ATOM   609  C CB  . ARG A 1 79  ? 9.939   10.347  -12.284 1.00 11.91 ? 108  ARG A CB  1 
ATOM   610  C CG  . ARG A 1 79  ? 8.507   10.841  -12.213 1.00 16.40 ? 108  ARG A CG  1 
ATOM   611  C CD  . ARG A 1 79  ? 8.227   11.628  -10.950 1.00 19.98 ? 108  ARG A CD  1 
ATOM   612  N NE  . ARG A 1 79  ? 8.227   10.845  -9.711  1.00 17.38 ? 108  ARG A NE  1 
ATOM   613  C CZ  . ARG A 1 79  ? 7.114   10.405  -9.127  1.00 17.83 ? 108  ARG A CZ  1 
ATOM   614  N NH1 . ARG A 1 79  ? 5.938   10.667  -9.682  1.00 14.23 ? 108  ARG A NH1 1 
ATOM   615  N NH2 . ARG A 1 79  ? 7.156   9.710   -8.005  1.00 15.85 ? 108  ARG A NH2 1 
ATOM   616  N N   . GLY A 1 80  ? 12.043  8.005   -13.770 1.00 13.08 ? 109  GLY A N   1 
ATOM   617  C CA  . GLY A 1 80  ? 13.378  7.485   -13.956 1.00 19.03 ? 109  GLY A CA  1 
ATOM   618  C C   . GLY A 1 80  ? 14.292  7.538   -12.750 1.00 22.83 ? 109  GLY A C   1 
ATOM   619  O O   . GLY A 1 80  ? 15.510  7.367   -12.882 1.00 26.90 ? 109  GLY A O   1 
ATOM   620  N N   . LYS A 1 81  ? 13.733  7.759   -11.561 1.00 14.19 ? 110  LYS A N   1 
ATOM   621  C CA  . LYS A 1 81  ? 14.475  7.697   -10.319 1.00 16.01 ? 110  LYS A CA  1 
ATOM   622  C C   . LYS A 1 81  ? 13.525  7.515   -9.136  1.00 15.56 ? 110  LYS A C   1 
ATOM   623  O O   . LYS A 1 81  ? 12.356  7.896   -9.179  1.00 11.12 ? 110  LYS A O   1 
ATOM   624  C CB  . LYS A 1 81  ? 15.296  8.971   -10.115 1.00 17.62 ? 110  LYS A CB  1 
ATOM   625  C CG  . LYS A 1 81  ? 14.406  10.182  -9.883  1.00 16.13 ? 110  LYS A CG  1 
ATOM   626  C CD  . LYS A 1 81  ? 14.913  11.394  -10.648 0.00 16.12 ? 110  LYS A CD  1 
ATOM   627  C CE  . LYS A 1 81  ? 15.825  12.250  -9.784  0.00 16.12 ? 110  LYS A CE  1 
ATOM   628  N NZ  . LYS A 1 81  ? 15.918  13.647  -10.290 0.00 16.13 ? 110  LYS A NZ  1 
ATOM   629  N N   . PRO A 1 82  ? 14.035  6.920   -8.071  1.00 14.30 ? 111  PRO A N   1 
ATOM   630  C CA  . PRO A 1 82  ? 13.219  6.709   -6.871  1.00 14.52 ? 111  PRO A CA  1 
ATOM   631  C C   . PRO A 1 82  ? 12.799  8.029   -6.233  1.00 12.66 ? 111  PRO A C   1 
ATOM   632  O O   . PRO A 1 82  ? 13.411  9.074   -6.470  1.00 12.52 ? 111  PRO A O   1 
ATOM   633  C CB  . PRO A 1 82  ? 14.171  5.973   -5.923  1.00 14.78 ? 111  PRO A CB  1 
ATOM   634  C CG  . PRO A 1 82  ? 15.232  5.405   -6.804  1.00 18.34 ? 111  PRO A CG  1 
ATOM   635  C CD  . PRO A 1 82  ? 15.404  6.397   -7.927  1.00 18.43 ? 111  PRO A CD  1 
ATOM   636  N N   . THR A 1 83  ? 11.774  7.970   -5.397  1.00 10.86 ? 112  THR A N   1 
ATOM   637  C CA  . THR A 1 83  ? 11.287  9.100   -4.614  1.00 11.64 ? 112  THR A CA  1 
ATOM   638  C C   . THR A 1 83  ? 11.581  8.878   -3.132  1.00 12.92 ? 112  THR A C   1 
ATOM   639  O O   . THR A 1 83  ? 11.556  7.735   -2.674  1.00 14.67 ? 112  THR A O   1 
ATOM   640  C CB  . THR A 1 83  ? 9.769   9.300   -4.786  1.00 12.98 ? 112  THR A CB  1 
ATOM   641  O OG1 . THR A 1 83  ? 9.521   9.574   -6.173  1.00 19.08 ? 112  THR A OG1 1 
ATOM   642  C CG2 . THR A 1 83  ? 9.283   10.491  -3.977  1.00 14.13 ? 112  THR A CG2 1 
ATOM   643  N N   . THR A 1 84  ? 11.859  9.957   -2.416  1.00 12.88 ? 113  THR A N   1 
ATOM   644  C CA  . THR A 1 84  ? 12.103  9.833   -0.981  1.00 13.03 ? 113  THR A CA  1 
ATOM   645  C C   . THR A 1 84  ? 10.814  10.049  -0.194  1.00 15.73 ? 113  THR A C   1 
ATOM   646  O O   . THR A 1 84  ? 10.111  11.040  -0.384  1.00 14.96 ? 113  THR A O   1 
ATOM   647  C CB  . THR A 1 84  ? 13.184  10.817  -0.498  1.00 14.80 ? 113  THR A CB  1 
ATOM   648  O OG1 . THR A 1 84  ? 14.376  10.678  -1.288  1.00 21.16 ? 113  THR A OG1 1 
ATOM   649  C CG2 . THR A 1 84  ? 13.548  10.504  0.944   1.00 18.76 ? 113  THR A CG2 1 
ATOM   650  N N   . PHE A 1 85  ? 10.478  9.108   0.684   1.00 16.04 ? 114  PHE A N   1 
ATOM   651  C CA  . PHE A 1 85  ? 9.307   9.211   1.538   1.00 12.01 ? 114  PHE A CA  1 
ATOM   652  C C   . PHE A 1 85  ? 9.628   8.863   2.993   1.00 11.42 ? 114  PHE A C   1 
ATOM   653  O O   . PHE A 1 85  ? 10.403  7.933   3.210   1.00 11.50 ? 114  PHE A O   1 
ATOM   654  C CB  . PHE A 1 85  ? 8.212   8.233   1.115   1.00 9.63  ? 114  PHE A CB  1 
ATOM   655  C CG  . PHE A 1 85  ? 7.570   8.496   -0.226  1.00 13.08 ? 114  PHE A CG  1 
ATOM   656  C CD1 . PHE A 1 85  ? 6.714   9.571   -0.395  1.00 14.13 ? 114  PHE A CD1 1 
ATOM   657  C CD2 . PHE A 1 85  ? 7.816   7.655   -1.299  1.00 15.72 ? 114  PHE A CD2 1 
ATOM   658  C CE1 . PHE A 1 85  ? 6.111   9.807   -1.620  1.00 17.97 ? 114  PHE A CE1 1 
ATOM   659  C CE2 . PHE A 1 85  ? 7.209   7.881   -2.519  1.00 14.89 ? 114  PHE A CE2 1 
ATOM   660  C CZ  . PHE A 1 85  ? 6.368   8.963   -2.687  1.00 16.54 ? 114  PHE A CZ  1 
ATOM   661  N N   . ARG A 1 86  ? 9.005   9.560   3.936   1.00 11.89 ? 115  ARG A N   1 
ATOM   662  C CA  . ARG A 1 86  ? 8.872   9.077   5.306   1.00 11.10 ? 115  ARG A CA  1 
ATOM   663  C C   . ARG A 1 86  ? 7.531   8.369   5.478   1.00 14.06 ? 115  ARG A C   1 
ATOM   664  O O   . ARG A 1 86  ? 6.527   8.824   4.918   1.00 13.23 ? 115  ARG A O   1 
ATOM   665  C CB  . ARG A 1 86  ? 8.943   10.218  6.319   1.00 13.51 ? 115  ARG A CB  1 
ATOM   666  C CG  . ARG A 1 86  ? 10.160  11.120  6.233   1.00 15.59 ? 115  ARG A CG  1 
ATOM   667  C CD  . ARG A 1 86  ? 10.028  12.243  7.256   1.00 19.34 ? 115  ARG A CD  1 
ATOM   668  N NE  . ARG A 1 86  ? 11.262  12.997  7.420   1.00 20.88 ? 115  ARG A NE  1 
ATOM   669  C CZ  . ARG A 1 86  ? 11.727  13.928  6.604   1.00 24.08 ? 115  ARG A CZ  1 
ATOM   670  N NH1 . ARG A 1 86  ? 11.057  14.261  5.511   1.00 21.11 ? 115  ARG A NH1 1 
ATOM   671  N NH2 . ARG A 1 86  ? 12.876  14.521  6.906   1.00 22.57 ? 115  ARG A NH2 1 
ATOM   672  N N   . PRO A 1 87  ? 7.457   7.277   6.228   1.00 13.39 ? 116  PRO A N   1 
ATOM   673  C CA  . PRO A 1 87  ? 6.147   6.631   6.426   1.00 10.97 ? 116  PRO A CA  1 
ATOM   674  C C   . PRO A 1 87  ? 5.088   7.584   6.957   1.00 11.31 ? 116  PRO A C   1 
ATOM   675  O O   . PRO A 1 87  ? 3.915   7.444   6.590   1.00 17.62 ? 116  PRO A O   1 
ATOM   676  C CB  . PRO A 1 87  ? 6.463   5.507   7.418   1.00 11.69 ? 116  PRO A CB  1 
ATOM   677  C CG  . PRO A 1 87  ? 7.897   5.181   7.117   1.00 13.28 ? 116  PRO A CG  1 
ATOM   678  C CD  . PRO A 1 87  ? 8.538   6.532   6.887   1.00 12.08 ? 116  PRO A CD  1 
ATOM   679  N N   . ASN A 1 88  ? 5.431   8.591   7.753   1.00 9.42  ? 117  ASN A N   1 
ATOM   680  C CA  . ASN A 1 88  ? 4.397   9.507   8.249   1.00 14.71 ? 117  ASN A CA  1 
ATOM   681  C C   . ASN A 1 88  ? 3.955   10.576  7.251   1.00 15.88 ? 117  ASN A C   1 
ATOM   682  O O   . ASN A 1 88  ? 3.128   11.425  7.615   1.00 17.42 ? 117  ASN A O   1 
ATOM   683  C CB  . ASN A 1 88  ? 4.878   10.156  9.549   1.00 15.70 ? 117  ASN A CB  1 
ATOM   684  C CG  . ASN A 1 88  ? 6.166   10.943  9.478   1.00 17.41 ? 117  ASN A CG  1 
ATOM   685  O OD1 . ASN A 1 88  ? 6.789   11.218  10.515  1.00 26.46 ? 117  ASN A OD1 1 
ATOM   686  N ND2 . ASN A 1 88  ? 6.633   11.356  8.316   1.00 16.38 ? 117  ASN A ND2 1 
ATOM   687  N N   . GLU A 1 89  ? 4.476   10.574  6.029   1.00 9.14  ? 118  GLU A N   1 
ATOM   688  C CA  . GLU A 1 89  ? 4.172   11.615  5.048   1.00 11.00 ? 118  GLU A CA  1 
ATOM   689  C C   . GLU A 1 89  ? 3.099   11.153  4.063   1.00 15.31 ? 118  GLU A C   1 
ATOM   690  O O   . GLU A 1 89  ? 2.499   11.970  3.360   1.00 19.07 ? 118  GLU A O   1 
ATOM   691  C CB  . GLU A 1 89  ? 5.421   11.997  4.260   1.00 14.15 ? 118  GLU A CB  1 
ATOM   692  C CG  . GLU A 1 89  ? 6.431   12.850  5.003   1.00 13.79 ? 118  GLU A CG  1 
ATOM   693  C CD  . GLU A 1 89  ? 7.745   12.994  4.268   1.00 19.28 ? 118  GLU A CD  1 
ATOM   694  O OE1 . GLU A 1 89  ? 7.955   12.250  3.280   1.00 19.47 ? 118  GLU A OE1 1 
ATOM   695  O OE2 . GLU A 1 89  ? 8.568   13.845  4.665   1.00 24.66 ? 118  GLU A OE2 1 
ATOM   696  N N   . VAL A 1 90  ? 2.876   9.844   4.005   1.00 12.54 ? 119  VAL A N   1 
ATOM   697  C CA  . VAL A 1 90  ? 2.086   9.218   2.948   1.00 12.27 ? 119  VAL A CA  1 
ATOM   698  C C   . VAL A 1 90  ? 0.755   8.692   3.462   1.00 11.95 ? 119  VAL A C   1 
ATOM   699  O O   . VAL A 1 90  ? 0.487   8.733   4.663   1.00 13.60 ? 119  VAL A O   1 
ATOM   700  C CB  . VAL A 1 90  ? 2.873   8.045   2.320   1.00 14.62 ? 119  VAL A CB  1 
ATOM   701  C CG1 . VAL A 1 90  ? 4.057   8.556   1.520   1.00 14.16 ? 119  VAL A CG1 1 
ATOM   702  C CG2 . VAL A 1 90  ? 3.370   7.092   3.404   1.00 13.15 ? 119  VAL A CG2 1 
ATOM   703  N N   . ILE A 1 91  ? -0.092  8.175   2.570   1.00 9.03  ? 120  ILE A N   1 
ATOM   704  C CA  . ILE A 1 91  ? -1.380  7.615   3.002   1.00 8.17  ? 120  ILE A CA  1 
ATOM   705  C C   . ILE A 1 91  ? -1.216  6.448   3.964   1.00 10.45 ? 120  ILE A C   1 
ATOM   706  O O   . ILE A 1 91  ? -0.200  5.753   4.015   1.00 8.31  ? 120  ILE A O   1 
ATOM   707  C CB  . ILE A 1 91  ? -2.217  7.166   1.780   1.00 10.27 ? 120  ILE A CB  1 
ATOM   708  C CG1 . ILE A 1 91  ? -1.537  6.116   0.896   1.00 9.85  ? 120  ILE A CG1 1 
ATOM   709  C CG2 . ILE A 1 91  ? -2.620  8.358   0.931   1.00 10.59 ? 120  ILE A CG2 1 
ATOM   710  C CD1 . ILE A 1 91  ? -2.409  5.566   -0.212  1.00 13.17 ? 120  ILE A CD1 1 
ATOM   711  N N   . LYS A 1 92  ? -2.250  6.205   4.769   1.00 11.83 ? 121  LYS A N   1 
ATOM   712  C CA  . LYS A 1 92  ? -2.240  5.240   5.850   1.00 13.63 ? 121  LYS A CA  1 
ATOM   713  C C   . LYS A 1 92  ? -1.800  3.833   5.472   1.00 13.47 ? 121  LYS A C   1 
ATOM   714  O O   . LYS A 1 92  ? -1.109  3.176   6.259   1.00 12.87 ? 121  LYS A O   1 
ATOM   715  C CB  . LYS A 1 92  ? -3.666  5.114   6.432   1.00 19.17 ? 121  LYS A CB  1 
ATOM   716  C CG  . LYS A 1 92  ? -3.938  6.173   7.492   1.00 21.86 ? 121  LYS A CG  1 
ATOM   717  C CD  . LYS A 1 92  ? -5.246  5.866   8.205   1.00 23.62 ? 121  LYS A CD  1 
ATOM   718  C CE  . LYS A 1 92  ? -5.993  7.139   8.560   1.00 28.21 ? 121  LYS A CE  1 
ATOM   719  N NZ  . LYS A 1 92  ? -7.122  6.839   9.491   1.00 36.24 ? 121  LYS A NZ  1 
ATOM   720  N N   . GLY A 1 93  ? -2.243  3.366   4.313   1.00 12.40 ? 122  GLY A N   1 
ATOM   721  C CA  . GLY A 1 93  ? -1.866  2.038   3.845   1.00 9.34  ? 122  GLY A CA  1 
ATOM   722  C C   . GLY A 1 93  ? -0.369  1.930   3.634   1.00 12.36 ? 122  GLY A C   1 
ATOM   723  O O   . GLY A 1 93  ? 0.242   0.909   3.957   1.00 9.20  ? 122  GLY A O   1 
ATOM   724  N N   . TRP A 1 94  ? 0.210   3.000   3.091   1.00 10.33 ? 123  TRP A N   1 
ATOM   725  C CA  . TRP A 1 94  ? 1.652   3.056   2.925   1.00 12.07 ? 123  TRP A CA  1 
ATOM   726  C C   . TRP A 1 94  ? 2.356   3.108   4.282   1.00 13.14 ? 123  TRP A C   1 
ATOM   727  O O   . TRP A 1 94  ? 3.366   2.450   4.514   1.00 11.08 ? 123  TRP A O   1 
ATOM   728  C CB  . TRP A 1 94  ? 2.099   4.273   2.121   1.00 10.14 ? 123  TRP A CB  1 
ATOM   729  C CG  . TRP A 1 94  ? 2.188   4.099   0.641   1.00 11.47 ? 123  TRP A CG  1 
ATOM   730  C CD1 . TRP A 1 94  ? 1.214   3.634   -0.199  1.00 17.62 ? 123  TRP A CD1 1 
ATOM   731  C CD2 . TRP A 1 94  ? 3.312   4.408   -0.194  1.00 12.50 ? 123  TRP A CD2 1 
ATOM   732  N NE1 . TRP A 1 94  ? 1.664   3.628   -1.504  1.00 13.89 ? 123  TRP A NE1 1 
ATOM   733  C CE2 . TRP A 1 94  ? 2.955   4.096   -1.519  1.00 11.30 ? 123  TRP A CE2 1 
ATOM   734  C CE3 . TRP A 1 94  ? 4.595   4.909   0.060   1.00 16.72 ? 123  TRP A CE3 1 
ATOM   735  C CZ2 . TRP A 1 94  ? 3.824   4.271   -2.591  1.00 14.06 ? 123  TRP A CZ2 1 
ATOM   736  C CZ3 . TRP A 1 94  ? 5.459   5.082   -1.011  1.00 18.08 ? 123  TRP A CZ3 1 
ATOM   737  C CH2 . TRP A 1 94  ? 5.070   4.762   -2.325  1.00 13.25 ? 123  TRP A CH2 1 
ATOM   738  N N   . THR A 1 95  ? 1.823   3.927   5.181   1.00 13.40 ? 124  THR A N   1 
ATOM   739  C CA  . THR A 1 95  ? 2.464   4.082   6.483   1.00 11.30 ? 124  THR A CA  1 
ATOM   740  C C   . THR A 1 95  ? 2.625   2.742   7.189   1.00 9.06  ? 124  THR A C   1 
ATOM   741  O O   . THR A 1 95  ? 3.674   2.435   7.747   1.00 11.44 ? 124  THR A O   1 
ATOM   742  C CB  . THR A 1 95  ? 1.641   5.019   7.386   1.00 9.62  ? 124  THR A CB  1 
ATOM   743  O OG1 . THR A 1 95  ? 1.468   6.256   6.696   1.00 9.41  ? 124  THR A OG1 1 
ATOM   744  C CG2 . THR A 1 95  ? 2.396   5.307   8.671   1.00 12.44 ? 124  THR A CG2 1 
ATOM   745  N N   . GLU A 1 96  ? 1.556   1.956   7.133   1.00 9.75  ? 125  GLU A N   1 
ATOM   746  C CA  . GLU A 1 96  ? 1.577   0.637   7.738   1.00 10.76 ? 125  GLU A CA  1 
ATOM   747  C C   . GLU A 1 96  ? 2.552   -0.300  7.033   1.00 8.41  ? 125  GLU A C   1 
ATOM   748  O O   . GLU A 1 96  ? 3.367   -0.950  7.679   1.00 8.90  ? 125  GLU A O   1 
ATOM   749  C CB  . GLU A 1 96  ? 0.173   0.022   7.722   1.00 16.00 ? 125  GLU A CB  1 
ATOM   750  C CG  . GLU A 1 96  ? 0.109   -1.201  8.624   1.00 14.74 ? 125  GLU A CG  1 
ATOM   751  C CD  . GLU A 1 96  ? -1.268  -1.831  8.647   1.00 15.73 ? 125  GLU A CD  1 
ATOM   752  O OE1 . GLU A 1 96  ? -2.173  -1.324  7.957   1.00 14.06 ? 125  GLU A OE1 1 
ATOM   753  O OE2 . GLU A 1 96  ? -1.423  -2.843  9.364   1.00 18.13 ? 125  GLU A OE2 1 
ATOM   754  N N   . ALA A 1 97  ? 2.471   -0.352  5.703   1.00 7.88  ? 126  ALA A N   1 
ATOM   755  C CA  . ALA A 1 97  ? 3.264   -1.298  4.929   1.00 8.10  ? 126  ALA A CA  1 
ATOM   756  C C   . ALA A 1 97  ? 4.748   -0.990  5.058   1.00 8.67  ? 126  ALA A C   1 
ATOM   757  O O   . ALA A 1 97  ? 5.556   -1.901  5.244   1.00 10.67 ? 126  ALA A O   1 
ATOM   758  C CB  . ALA A 1 97  ? 2.858   -1.280  3.458   1.00 13.27 ? 126  ALA A CB  1 
ATOM   759  N N   . LEU A 1 98  ? 5.119   0.285   4.939   1.00 7.92  ? 127  LEU A N   1 
ATOM   760  C CA  . LEU A 1 98  ? 6.562   0.580   4.938   1.00 7.66  ? 127  LEU A CA  1 
ATOM   761  C C   . LEU A 1 98  ? 7.212   0.114   6.243   1.00 9.83  ? 127  LEU A C   1 
ATOM   762  O O   . LEU A 1 98  ? 8.344   -0.361  6.214   1.00 8.82  ? 127  LEU A O   1 
ATOM   763  C CB  . LEU A 1 98  ? 6.837   2.068   4.735   1.00 9.22  ? 127  LEU A CB  1 
ATOM   764  C CG  . LEU A 1 98  ? 6.656   2.564   3.300   1.00 8.11  ? 127  LEU A CG  1 
ATOM   765  C CD1 . LEU A 1 98  ? 6.669   4.086   3.237   1.00 12.28 ? 127  LEU A CD1 1 
ATOM   766  C CD2 . LEU A 1 98  ? 7.755   1.985   2.410   1.00 5.98  ? 127  LEU A CD2 1 
ATOM   767  N N   . GLN A 1 99  ? 6.502   0.240   7.357   1.00 8.19  ? 128  GLN A N   1 
ATOM   768  C CA  . GLN A 1 99  ? 7.059   -0.158  8.653   1.00 10.11 ? 128  GLN A CA  1 
ATOM   769  C C   . GLN A 1 99  ? 7.131   -1.672  8.822   1.00 11.68 ? 128  GLN A C   1 
ATOM   770  O O   . GLN A 1 99  ? 7.584   -2.127  9.876   1.00 11.86 ? 128  GLN A O   1 
ATOM   771  C CB  . GLN A 1 99  ? 6.235   0.466   9.786   1.00 9.18  ? 128  GLN A CB  1 
ATOM   772  C CG  . GLN A 1 99  ? 6.462   1.973   9.843   1.00 10.19 ? 128  GLN A CG  1 
ATOM   773  C CD  . GLN A 1 99  ? 5.633   2.643   10.917  1.00 12.61 ? 128  GLN A CD  1 
ATOM   774  O OE1 . GLN A 1 99  ? 6.087   2.838   12.047  1.00 13.86 ? 128  GLN A OE1 1 
ATOM   775  N NE2 . GLN A 1 99  ? 4.414   3.005   10.537  1.00 11.46 ? 128  GLN A NE2 1 
ATOM   776  N N   . LEU A 1 100 ? 6.728   -2.418  7.809   1.00 9.60  ? 129  LEU A N   1 
ATOM   777  C CA  . LEU A 1 100 ? 6.822   -3.875  7.781   1.00 8.55  ? 129  LEU A CA  1 
ATOM   778  C C   . LEU A 1 100 ? 7.718   -4.356  6.642   1.00 11.60 ? 129  LEU A C   1 
ATOM   779  O O   . LEU A 1 100 ? 7.750   -5.556  6.367   1.00 12.55 ? 129  LEU A O   1 
ATOM   780  C CB  . LEU A 1 100 ? 5.437   -4.518  7.656   1.00 7.80  ? 129  LEU A CB  1 
ATOM   781  C CG  . LEU A 1 100 ? 4.500   -4.319  8.850   1.00 11.32 ? 129  LEU A CG  1 
ATOM   782  C CD1 . LEU A 1 100 ? 3.059   -4.611  8.464   1.00 13.67 ? 129  LEU A CD1 1 
ATOM   783  C CD2 . LEU A 1 100 ? 4.916   -5.189  10.033  1.00 11.00 ? 129  LEU A CD2 1 
ATOM   784  N N   . MET A 1 101 ? 8.430   -3.425  6.024   1.00 9.87  ? 130  MET A N   1 
ATOM   785  C CA  . MET A 1 101 ? 9.321   -3.715  4.915   1.00 9.69  ? 130  MET A CA  1 
ATOM   786  C C   . MET A 1 101 ? 10.780  -3.408  5.233   1.00 12.36 ? 130  MET A C   1 
ATOM   787  O O   . MET A 1 101 ? 11.125  -2.438  5.911   1.00 11.95 ? 130  MET A O   1 
ATOM   788  C CB  . MET A 1 101 ? 8.900   -2.923  3.662   1.00 6.89  ? 130  MET A CB  1 
ATOM   789  C CG  . MET A 1 101 ? 7.560   -3.399  3.099   1.00 8.81  ? 130  MET A CG  1 
ATOM   790  S SD  . MET A 1 101 ? 6.993   -2.387  1.719   1.00 10.54 ? 130  MET A SD  1 
ATOM   791  C CE  . MET A 1 101 ? 8.104   -2.876  0.405   1.00 8.87  ? 130  MET A CE  1 
ATOM   792  N N   . ARG A 1 102 ? 11.660  -4.249  4.697   1.00 13.31 ? 131  ARG A N   1 
ATOM   793  C CA  . ARG A 1 102 ? 13.097  -4.037  4.856   1.00 9.49  ? 131  ARG A CA  1 
ATOM   794  C C   . ARG A 1 102 ? 13.732  -3.695  3.511   1.00 8.20  ? 131  ARG A C   1 
ATOM   795  O O   . ARG A 1 102 ? 13.095  -3.839  2.467   1.00 9.78  ? 131  ARG A O   1 
ATOM   796  C CB  . ARG A 1 102 ? 13.767  -5.263  5.477   1.00 11.88 ? 131  ARG A CB  1 
ATOM   797  C CG  . ARG A 1 102 ? 13.822  -6.461  4.537   1.00 14.22 ? 131  ARG A CG  1 
ATOM   798  C CD  . ARG A 1 102 ? 13.714  -7.783  5.283   1.00 18.79 ? 131  ARG A CD  1 
ATOM   799  N NE  . ARG A 1 102 ? 12.342  -8.098  5.652   1.00 21.79 ? 131  ARG A NE  1 
ATOM   800  C CZ  . ARG A 1 102 ? 11.936  -9.118  6.390   1.00 24.45 ? 131  ARG A CZ  1 
ATOM   801  N NH1 . ARG A 1 102 ? 12.795  -10.000 6.889   1.00 25.12 ? 131  ARG A NH1 1 
ATOM   802  N NH2 . ARG A 1 102 ? 10.643  -9.267  6.640   1.00 18.58 ? 131  ARG A NH2 1 
ATOM   803  N N   . GLU A 1 103 ? 14.982  -3.228  3.554   1.00 12.96 ? 132  GLU A N   1 
ATOM   804  C CA  . GLU A 1 103 ? 15.714  -2.955  2.322   1.00 9.37  ? 132  GLU A CA  1 
ATOM   805  C C   . GLU A 1 103 ? 15.655  -4.172  1.398   1.00 12.83 ? 132  GLU A C   1 
ATOM   806  O O   . GLU A 1 103 ? 15.942  -5.288  1.838   1.00 13.88 ? 132  GLU A O   1 
ATOM   807  C CB  . GLU A 1 103 ? 17.170  -2.565  2.598   1.00 14.72 ? 132  GLU A CB  1 
ATOM   808  C CG  . GLU A 1 103 ? 18.055  -2.630  1.367   1.00 18.10 ? 132  GLU A CG  1 
ATOM   809  C CD  . GLU A 1 103 ? 19.489  -2.204  1.597   1.00 22.36 ? 132  GLU A CD  1 
ATOM   810  O OE1 . GLU A 1 103 ? 19.848  -1.810  2.726   1.00 26.04 ? 132  GLU A OE1 1 
ATOM   811  O OE2 . GLU A 1 103 ? 20.293  -2.271  0.639   1.00 29.92 ? 132  GLU A OE2 1 
ATOM   812  N N   . GLY A 1 104 ? 15.246  -3.949  0.153   1.00 12.20 ? 133  GLY A N   1 
ATOM   813  C CA  . GLY A 1 104 ? 15.173  -4.992  -0.846  1.00 9.74  ? 133  GLY A CA  1 
ATOM   814  C C   . GLY A 1 104 ? 13.799  -5.631  -0.937  1.00 11.49 ? 133  GLY A C   1 
ATOM   815  O O   . GLY A 1 104 ? 13.535  -6.336  -1.917  1.00 12.64 ? 133  GLY A O   1 
ATOM   816  N N   . ASP A 1 105 ? 12.916  -5.422  0.038   1.00 9.50  ? 134  ASP A N   1 
ATOM   817  C CA  . ASP A 1 105 ? 11.559  -5.952  -0.094  1.00 8.55  ? 134  ASP A CA  1 
ATOM   818  C C   . ASP A 1 105 ? 10.821  -5.243  -1.231  1.00 8.41  ? 134  ASP A C   1 
ATOM   819  O O   . ASP A 1 105 ? 10.999  -4.030  -1.420  1.00 10.97 ? 134  ASP A O   1 
ATOM   820  C CB  . ASP A 1 105 ? 10.765  -5.825  1.202   1.00 9.21  ? 134  ASP A CB  1 
ATOM   821  C CG  . ASP A 1 105 ? 11.048  -6.859  2.261   1.00 11.78 ? 134  ASP A CG  1 
ATOM   822  O OD1 . ASP A 1 105 ? 11.621  -7.937  1.973   1.00 14.21 ? 134  ASP A OD1 1 
ATOM   823  O OD2 . ASP A 1 105 ? 10.672  -6.608  3.431   1.00 14.17 ? 134  ASP A OD2 1 
ATOM   824  N N   . ARG A 1 106 ? 10.042  -6.015  -1.977  1.00 7.45  ? 135  ARG A N   1 
ATOM   825  C CA  . ARG A 1 106 ? 9.130   -5.472  -2.982  1.00 7.90  ? 135  ARG A CA  1 
ATOM   826  C C   . ARG A 1 106 ? 7.775   -6.155  -2.811  1.00 12.57 ? 135  ARG A C   1 
ATOM   827  O O   . ARG A 1 106 ? 7.662   -7.382  -2.848  1.00 12.05 ? 135  ARG A O   1 
ATOM   828  C CB  . ARG A 1 106 ? 9.700   -5.613  -4.385  1.00 8.84  ? 135  ARG A CB  1 
ATOM   829  C CG  . ARG A 1 106 ? 8.955   -4.845  -5.462  1.00 8.85  ? 135  ARG A CG  1 
ATOM   830  C CD  . ARG A 1 106 ? 9.681   -4.864  -6.798  1.00 10.50 ? 135  ARG A CD  1 
ATOM   831  N NE  . ARG A 1 106 ? 8.780   -4.388  -7.867  1.00 9.86  ? 135  ARG A NE  1 
ATOM   832  C CZ  . ARG A 1 106 ? 9.194   -4.206  -9.115  1.00 12.85 ? 135  ARG A CZ  1 
ATOM   833  N NH1 . ARG A 1 106 ? 10.454  -4.456  -9.438  1.00 14.28 ? 135  ARG A NH1 1 
ATOM   834  N NH2 . ARG A 1 106 ? 8.352   -3.778  -10.047 1.00 12.09 ? 135  ARG A NH2 1 
ATOM   835  N N   . TRP A 1 107 ? 6.769   -5.318  -2.573  1.00 11.92 ? 136  TRP A N   1 
ATOM   836  C CA  . TRP A 1 107 ? 5.423   -5.764  -2.262  1.00 7.91  ? 136  TRP A CA  1 
ATOM   837  C C   . TRP A 1 107 ? 4.404   -5.107  -3.193  1.00 9.54  ? 136  TRP A C   1 
ATOM   838  O O   . TRP A 1 107 ? 4.542   -3.935  -3.542  1.00 10.36 ? 136  TRP A O   1 
ATOM   839  C CB  . TRP A 1 107 ? 5.028   -5.338  -0.850  1.00 9.10  ? 136  TRP A CB  1 
ATOM   840  C CG  . TRP A 1 107 ? 5.634   -6.091  0.276   1.00 11.27 ? 136  TRP A CG  1 
ATOM   841  C CD1 . TRP A 1 107 ? 6.652   -6.994  0.230   1.00 11.81 ? 136  TRP A CD1 1 
ATOM   842  C CD2 . TRP A 1 107 ? 5.231   -5.995  1.650   1.00 10.24 ? 136  TRP A CD2 1 
ATOM   843  N NE1 . TRP A 1 107 ? 6.914   -7.466  1.487   1.00 12.29 ? 136  TRP A NE1 1 
ATOM   844  C CE2 . TRP A 1 107 ? 6.056   -6.871  2.375   1.00 11.19 ? 136  TRP A CE2 1 
ATOM   845  C CE3 . TRP A 1 107 ? 4.258   -5.252  2.317   1.00 12.91 ? 136  TRP A CE3 1 
ATOM   846  C CZ2 . TRP A 1 107 ? 5.926   -7.018  3.752   1.00 12.58 ? 136  TRP A CZ2 1 
ATOM   847  C CZ3 . TRP A 1 107 ? 4.128   -5.403  3.688   1.00 15.91 ? 136  TRP A CZ3 1 
ATOM   848  C CH2 . TRP A 1 107 ? 4.962   -6.283  4.385   1.00 12.66 ? 136  TRP A CH2 1 
ATOM   849  N N   . ARG A 1 108 ? 3.370   -5.871  -3.498  1.00 9.48  ? 137  ARG A N   1 
ATOM   850  C CA  . ARG A 1 108 ? 2.147   -5.331  -4.080  1.00 13.89 ? 137  ARG A CA  1 
ATOM   851  C C   . ARG A 1 108 ? 1.183   -5.054  -2.925  1.00 14.38 ? 137  ARG A C   1 
ATOM   852  O O   . ARG A 1 108 ? 0.936   -5.940  -2.104  1.00 13.69 ? 137  ARG A O   1 
ATOM   853  C CB  . ARG A 1 108 ? 1.541   -6.301  -5.091  1.00 17.61 ? 137  ARG A CB  1 
ATOM   854  C CG  . ARG A 1 108 ? 0.694   -5.668  -6.176  1.00 23.03 ? 137  ARG A CG  1 
ATOM   855  C CD  . ARG A 1 108 ? 0.408   -6.615  -7.329  1.00 23.06 ? 137  ARG A CD  1 
ATOM   856  N NE  . ARG A 1 108 ? 1.547   -6.729  -8.244  1.00 27.14 ? 137  ARG A NE  1 
ATOM   857  C CZ  . ARG A 1 108 ? 2.196   -7.877  -8.410  1.00 32.14 ? 137  ARG A CZ  1 
ATOM   858  N NH1 . ARG A 1 108 ? 1.793   -8.944  -7.728  1.00 34.98 ? 137  ARG A NH1 1 
ATOM   859  N NH2 . ARG A 1 108 ? 3.224   -7.955  -9.241  1.00 30.87 ? 137  ARG A NH2 1 
ATOM   860  N N   . LEU A 1 109 ? 0.719   -3.814  -2.843  1.00 10.81 ? 138  LEU A N   1 
ATOM   861  C CA  . LEU A 1 109 ? -0.253  -3.429  -1.824  1.00 7.56  ? 138  LEU A CA  1 
ATOM   862  C C   . LEU A 1 109 ? -1.634  -3.257  -2.449  1.00 9.57  ? 138  LEU A C   1 
ATOM   863  O O   . LEU A 1 109 ? -1.717  -2.595  -3.484  1.00 9.18  ? 138  LEU A O   1 
ATOM   864  C CB  . LEU A 1 109 ? 0.127   -2.078  -1.203  1.00 10.21 ? 138  LEU A CB  1 
ATOM   865  C CG  . LEU A 1 109 ? 1.582   -1.973  -0.745  1.00 8.34  ? 138  LEU A CG  1 
ATOM   866  C CD1 . LEU A 1 109 ? 1.851   -0.580  -0.204  1.00 14.21 ? 138  LEU A CD1 1 
ATOM   867  C CD2 . LEU A 1 109 ? 1.850   -3.050  0.315   1.00 8.23  ? 138  LEU A CD2 1 
ATOM   868  N N   . PHE A 1 110 ? -2.671  -3.781  -1.816  1.00 5.91  ? 139  PHE A N   1 
ATOM   869  C CA  . PHE A 1 110 ? -4.041  -3.442  -2.177  1.00 8.15  ? 139  PHE A CA  1 
ATOM   870  C C   . PHE A 1 110 ? -4.669  -2.687  -1.014  1.00 8.01  ? 139  PHE A C   1 
ATOM   871  O O   . PHE A 1 110 ? -4.820  -3.236  0.076   1.00 12.45 ? 139  PHE A O   1 
ATOM   872  C CB  . PHE A 1 110 ? -4.817  -4.713  -2.546  1.00 10.71 ? 139  PHE A CB  1 
ATOM   873  C CG  . PHE A 1 110 ? -4.050  -5.547  -3.572  1.00 10.44 ? 139  PHE A CG  1 
ATOM   874  C CD1 . PHE A 1 110 ? -4.122  -5.234  -4.916  1.00 14.00 ? 139  PHE A CD1 1 
ATOM   875  C CD2 . PHE A 1 110 ? -3.276  -6.618  -3.159  1.00 14.96 ? 139  PHE A CD2 1 
ATOM   876  C CE1 . PHE A 1 110 ? -3.413  -5.983  -5.840  1.00 17.05 ? 139  PHE A CE1 1 
ATOM   877  C CE2 . PHE A 1 110 ? -2.559  -7.359  -4.078  1.00 13.82 ? 139  PHE A CE2 1 
ATOM   878  C CZ  . PHE A 1 110 ? -2.632  -7.044  -5.418  1.00 12.45 ? 139  PHE A CZ  1 
ATOM   879  N N   . ILE A 1 111 ? -4.967  -1.408  -1.237  1.00 6.11  ? 140  ILE A N   1 
ATOM   880  C CA  . ILE A 1 111 ? -5.296  -0.474  -0.163  1.00 9.53  ? 140  ILE A CA  1 
ATOM   881  C C   . ILE A 1 111 ? -6.761  -0.062  -0.267  1.00 10.10 ? 140  ILE A C   1 
ATOM   882  O O   . ILE A 1 111 ? -7.165  0.549   -1.260  1.00 9.18  ? 140  ILE A O   1 
ATOM   883  C CB  . ILE A 1 111 ? -4.385  0.765   -0.207  1.00 9.87  ? 140  ILE A CB  1 
ATOM   884  C CG1 . ILE A 1 111 ? -2.893  0.415   -0.293  1.00 10.91 ? 140  ILE A CG1 1 
ATOM   885  C CG2 . ILE A 1 111 ? -4.660  1.684   0.969   1.00 6.50  ? 140  ILE A CG2 1 
ATOM   886  C CD1 . ILE A 1 111 ? -1.970  1.607   -0.283  1.00 8.50  ? 140  ILE A CD1 1 
ATOM   887  N N   . PRO A 1 112 ? -7.574  -0.419  0.719   1.00 12.10 ? 141  PRO A N   1 
ATOM   888  C CA  . PRO A 1 112 ? -9.000  -0.074  0.648   1.00 9.96  ? 141  PRO A CA  1 
ATOM   889  C C   . PRO A 1 112 ? -9.139  1.431   0.824   1.00 8.16  ? 141  PRO A C   1 
ATOM   890  O O   . PRO A 1 112 ? -8.225  2.064   1.350   1.00 8.08  ? 141  PRO A O   1 
ATOM   891  C CB  . PRO A 1 112 ? -9.600  -0.839  1.826   1.00 10.94 ? 141  PRO A CB  1 
ATOM   892  C CG  . PRO A 1 112 ? -8.469  -0.917  2.803   1.00 13.04 ? 141  PRO A CG  1 
ATOM   893  C CD  . PRO A 1 112 ? -7.244  -1.155  1.947   1.00 13.22 ? 141  PRO A CD  1 
ATOM   894  N N   . TYR A 1 113 ? -10.253 1.993   0.354   1.00 12.11 ? 142  TYR A N   1 
ATOM   895  C CA  . TYR A 1 113 ? -10.357 3.449   0.277   1.00 11.52 ? 142  TYR A CA  1 
ATOM   896  C C   . TYR A 1 113 ? -10.100 4.117   1.620   1.00 8.35  ? 142  TYR A C   1 
ATOM   897  O O   . TYR A 1 113 ? -9.572  5.225   1.656   1.00 11.52 ? 142  TYR A O   1 
ATOM   898  C CB  . TYR A 1 113 ? -11.723 3.860   -0.297  1.00 11.51 ? 142  TYR A CB  1 
ATOM   899  C CG  . TYR A 1 113 ? -12.884 3.721   0.659   1.00 7.08  ? 142  TYR A CG  1 
ATOM   900  C CD1 . TYR A 1 113 ? -13.566 2.514   0.770   1.00 13.00 ? 142  TYR A CD1 1 
ATOM   901  C CD2 . TYR A 1 113 ? -13.309 4.784   1.456   1.00 12.90 ? 142  TYR A CD2 1 
ATOM   902  C CE1 . TYR A 1 113 ? -14.629 2.366   1.647   1.00 16.49 ? 142  TYR A CE1 1 
ATOM   903  C CE2 . TYR A 1 113 ? -14.366 4.639   2.331   1.00 14.44 ? 142  TYR A CE2 1 
ATOM   904  C CZ  . TYR A 1 113 ? -15.023 3.438   2.420   1.00 15.94 ? 142  TYR A CZ  1 
ATOM   905  O OH  . TYR A 1 113 ? -16.080 3.302   3.294   1.00 23.39 ? 142  TYR A OH  1 
ATOM   906  N N   . ASP A 1 114 ? -10.526 3.480   2.715   1.00 11.26 ? 143  ASP A N   1 
ATOM   907  C CA  . ASP A 1 114 ? -10.432 4.143   4.018   1.00 14.41 ? 143  ASP A CA  1 
ATOM   908  C C   . ASP A 1 114 ? -8.992  4.289   4.499   1.00 13.99 ? 143  ASP A C   1 
ATOM   909  O O   . ASP A 1 114 ? -8.699  5.090   5.401   1.00 12.36 ? 143  ASP A O   1 
ATOM   910  C CB  . ASP A 1 114 ? -11.287 3.420   5.063   1.00 17.27 ? 143  ASP A CB  1 
ATOM   911  C CG  . ASP A 1 114 ? -11.122 1.916   5.073   1.00 18.72 ? 143  ASP A CG  1 
ATOM   912  O OD1 . ASP A 1 114 ? -11.366 1.254   4.042   1.00 19.67 ? 143  ASP A OD1 1 
ATOM   913  O OD2 . ASP A 1 114 ? -10.774 1.379   6.142   1.00 31.71 ? 143  ASP A OD2 1 
ATOM   914  N N   . LEU A 1 115 ? -8.072  3.556   3.885   1.00 9.00  ? 144  LEU A N   1 
ATOM   915  C CA  . LEU A 1 115 ? -6.643  3.704   4.186   1.00 10.82 ? 144  LEU A CA  1 
ATOM   916  C C   . LEU A 1 115 ? -5.924  4.411   3.038   1.00 12.10 ? 144  LEU A C   1 
ATOM   917  O O   . LEU A 1 115 ? -4.692  4.416   2.979   1.00 12.33 ? 144  LEU A O   1 
ATOM   918  C CB  . LEU A 1 115 ? -5.995  2.338   4.404   1.00 14.32 ? 144  LEU A CB  1 
ATOM   919  C CG  . LEU A 1 115 ? -6.574  1.441   5.499   1.00 15.28 ? 144  LEU A CG  1 
ATOM   920  C CD1 . LEU A 1 115 ? -5.905  0.072   5.485   1.00 11.06 ? 144  LEU A CD1 1 
ATOM   921  C CD2 . LEU A 1 115 ? -6.443  2.085   6.874   1.00 14.23 ? 144  LEU A CD2 1 
ATOM   922  N N   . ALA A 1 116 ? -6.693  4.979   2.117   1.00 9.89  ? 145  ALA A N   1 
ATOM   923  C CA  . ALA A 1 116 ? -6.152  5.702   0.975   1.00 8.50  ? 145  ALA A CA  1 
ATOM   924  C C   . ALA A 1 116 ? -6.677  7.134   0.967   1.00 9.72  ? 145  ALA A C   1 
ATOM   925  O O   . ALA A 1 116 ? -6.357  7.891   1.888   1.00 13.53 ? 145  ALA A O   1 
ATOM   926  C CB  . ALA A 1 116 ? -6.455  4.992   -0.335  1.00 6.74  ? 145  ALA A CB  1 
ATOM   927  N N   . TYR A 1 117 ? -7.470  7.507   -0.032  1.00 9.60  ? 146  TYR A N   1 
ATOM   928  C CA  . TYR A 1 117 ? -7.941  8.894   -0.083  1.00 9.03  ? 146  TYR A CA  1 
ATOM   929  C C   . TYR A 1 117 ? -9.408  9.037   0.304   1.00 10.80 ? 146  TYR A C   1 
ATOM   930  O O   . TYR A 1 117 ? -9.968  10.131  0.179   1.00 10.32 ? 146  TYR A O   1 
ATOM   931  C CB  . TYR A 1 117 ? -7.671  9.492   -1.464  1.00 8.89  ? 146  TYR A CB  1 
ATOM   932  C CG  . TYR A 1 117 ? -6.187  9.685   -1.739  1.00 10.23 ? 146  TYR A CG  1 
ATOM   933  C CD1 . TYR A 1 117 ? -5.482  10.740  -1.187  1.00 10.91 ? 146  TYR A CD1 1 
ATOM   934  C CD2 . TYR A 1 117 ? -5.505  8.777   -2.544  1.00 10.01 ? 146  TYR A CD2 1 
ATOM   935  C CE1 . TYR A 1 117 ? -4.126  10.912  -1.439  1.00 12.42 ? 146  TYR A CE1 1 
ATOM   936  C CE2 . TYR A 1 117 ? -4.152  8.928   -2.802  1.00 10.83 ? 146  TYR A CE2 1 
ATOM   937  C CZ  . TYR A 1 117 ? -3.477  10.001  -2.250  1.00 15.08 ? 146  TYR A CZ  1 
ATOM   938  O OH  . TYR A 1 117 ? -2.135  10.157  -2.503  1.00 14.70 ? 146  TYR A OH  1 
ATOM   939  N N   . GLY A 1 118 ? -10.018 7.969   0.795   1.00 11.07 ? 147  GLY A N   1 
ATOM   940  C CA  . GLY A 1 118 ? -11.300 7.967   1.457   1.00 11.99 ? 147  GLY A CA  1 
ATOM   941  C C   . GLY A 1 118 ? -12.504 8.429   0.672   1.00 10.69 ? 147  GLY A C   1 
ATOM   942  O O   . GLY A 1 118 ? -12.644 8.238   -0.534  1.00 9.39  ? 147  GLY A O   1 
ATOM   943  N N   . VAL A 1 119 ? -13.442 9.061   1.382   1.00 11.81 ? 148  VAL A N   1 
ATOM   944  C CA  . VAL A 1 119 ? -14.724 9.473   0.826   1.00 7.10  ? 148  VAL A CA  1 
ATOM   945  C C   . VAL A 1 119 ? -14.599 10.585  -0.207  1.00 12.34 ? 148  VAL A C   1 
ATOM   946  O O   . VAL A 1 119 ? -15.318 10.614  -1.208  1.00 12.83 ? 148  VAL A O   1 
ATOM   947  C CB  . VAL A 1 119 ? -15.658 9.930   1.973   1.00 10.25 ? 148  VAL A CB  1 
ATOM   948  C CG1 . VAL A 1 119 ? -16.991 10.397  1.420   1.00 12.25 ? 148  VAL A CG1 1 
ATOM   949  C CG2 . VAL A 1 119 ? -15.824 8.810   2.991   1.00 12.75 ? 148  VAL A CG2 1 
ATOM   950  N N   . THR A 1 120 ? -13.668 11.515  0.021   1.00 10.71 ? 149  THR A N   1 
ATOM   951  C CA  . THR A 1 120 ? -13.568 12.635  -0.927  1.00 15.12 ? 149  THR A CA  1 
ATOM   952  C C   . THR A 1 120 ? -12.751 12.222  -2.138  1.00 15.53 ? 149  THR A C   1 
ATOM   953  O O   . THR A 1 120 ? -12.960 12.665  -3.264  1.00 19.89 ? 149  THR A O   1 
ATOM   954  C CB  A THR A 1 120 ? -12.939 13.880  -0.279  0.50 19.19 ? 149  THR A CB  1 
ATOM   955  C CB  B THR A 1 120 ? -12.978 13.872  -0.234  0.50 19.20 ? 149  THR A CB  1 
ATOM   956  O OG1 A THR A 1 120 ? -11.511 13.751  -0.234  0.50 18.23 ? 149  THR A OG1 1 
ATOM   957  O OG1 B THR A 1 120 ? -13.988 14.436  0.619   0.50 17.52 ? 149  THR A OG1 1 
ATOM   958  C CG2 A THR A 1 120 ? -13.396 14.034  1.164   0.50 16.69 ? 149  THR A CG2 1 
ATOM   959  C CG2 B THR A 1 120 ? -12.597 14.942  -1.241  0.50 17.69 ? 149  THR A CG2 1 
ATOM   960  N N   . GLY A 1 121 ? -11.799 11.305  -1.926  1.00 10.77 ? 150  GLY A N   1 
ATOM   961  C CA  . GLY A 1 121 ? -10.914 10.985  -3.051  1.00 12.82 ? 150  GLY A CA  1 
ATOM   962  C C   . GLY A 1 121 ? -9.724  11.936  -3.071  1.00 16.43 ? 150  GLY A C   1 
ATOM   963  O O   . GLY A 1 121 ? -9.624  12.836  -2.235  1.00 18.06 ? 150  GLY A O   1 
ATOM   964  N N   . GLY A 1 122 ? -8.811  11.736  -4.011  1.00 18.73 ? 151  GLY A N   1 
ATOM   965  C CA  . GLY A 1 122 ? -7.635  12.587  -4.132  1.00 21.44 ? 151  GLY A CA  1 
ATOM   966  C C   . GLY A 1 122 ? -7.952  13.948  -4.714  1.00 28.66 ? 151  GLY A C   1 
ATOM   967  O O   . GLY A 1 122 ? -7.096  14.838  -4.754  1.00 34.63 ? 151  GLY A O   1 
ATOM   968  N N   . GLY A 1 123 ? -9.181  14.163  -5.183  1.00 30.12 ? 152  GLY A N   1 
ATOM   969  C CA  . GLY A 1 123 ? -9.525  15.473  -5.715  1.00 33.88 ? 152  GLY A CA  1 
ATOM   970  C C   . GLY A 1 123 ? -9.205  15.610  -7.190  1.00 34.89 ? 152  GLY A C   1 
ATOM   971  O O   . GLY A 1 123 ? -9.543  16.621  -7.810  1.00 32.54 ? 152  GLY A O   1 
ATOM   972  N N   . GLY A 1 124 ? -8.564  14.608  -7.787  1.00 34.17 ? 153  GLY A N   1 
ATOM   973  C CA  . GLY A 1 124 ? -8.257  14.657  -9.207  1.00 33.41 ? 153  GLY A CA  1 
ATOM   974  C C   . GLY A 1 124 ? -8.596  13.394  -9.961  1.00 31.08 ? 153  GLY A C   1 
ATOM   975  O O   . GLY A 1 124 ? -9.700  13.214  -10.479 1.00 28.79 ? 153  GLY A O   1 
ATOM   976  N N   . MET A 1 125 ? -7.641  12.465  -10.096 1.00 22.00 ? 154  MET A N   1 
ATOM   977  C CA  . MET A 1 125 ? -7.977  11.284  -10.897 1.00 23.94 ? 154  MET A CA  1 
ATOM   978  C C   . MET A 1 125 ? -8.278  10.088  -9.998  1.00 14.34 ? 154  MET A C   1 
ATOM   979  O O   . MET A 1 125 ? -8.503  8.988   -10.492 1.00 17.49 ? 154  MET A O   1 
ATOM   980  C CB  . MET A 1 125 ? -6.904  10.988  -11.935 1.00 28.76 ? 154  MET A CB  1 
ATOM   981  C CG  . MET A 1 125 ? -5.551  10.536  -11.447 1.00 28.97 ? 154  MET A CG  1 
ATOM   982  S SD  . MET A 1 125 ? -4.292  10.525  -12.739 1.00 16.95 ? 154  MET A SD  1 
ATOM   983  C CE  . MET A 1 125 ? -4.895  9.244   -13.837 1.00 12.89 ? 154  MET A CE  1 
ATOM   984  N N   . ILE A 1 126 ? -8.327  10.307  -8.690  1.00 10.85 ? 155  ILE A N   1 
ATOM   985  C CA  . ILE A 1 126 ? -8.771  9.260   -7.762  1.00 10.32 ? 155  ILE A CA  1 
ATOM   986  C C   . ILE A 1 126 ? -10.123 9.642   -7.170  1.00 9.33  ? 155  ILE A C   1 
ATOM   987  O O   . ILE A 1 126 ? -10.221 10.531  -6.321  1.00 10.32 ? 155  ILE A O   1 
ATOM   988  C CB  . ILE A 1 126 ? -7.744  9.046   -6.635  1.00 9.96  ? 155  ILE A CB  1 
ATOM   989  C CG1 . ILE A 1 126 ? -6.383  8.621   -7.195  1.00 10.81 ? 155  ILE A CG1 1 
ATOM   990  C CG2 . ILE A 1 126 ? -8.240  8.032   -5.617  1.00 17.32 ? 155  ILE A CG2 1 
ATOM   991  C CD1 . ILE A 1 126 ? -5.275  8.564   -6.170  1.00 14.52 ? 155  ILE A CD1 1 
ATOM   992  N N   . PRO A 1 127 ? -11.179 9.010   -7.653  1.00 10.47 ? 156  PRO A N   1 
ATOM   993  C CA  . PRO A 1 127 ? -12.519 9.358   -7.153  1.00 9.94  ? 156  PRO A CA  1 
ATOM   994  C C   . PRO A 1 127 ? -12.793 8.823   -5.756  1.00 12.54 ? 156  PRO A C   1 
ATOM   995  O O   . PRO A 1 127 ? -12.035 8.017   -5.220  1.00 8.93  ? 156  PRO A O   1 
ATOM   996  C CB  . PRO A 1 127 ? -13.438 8.734   -8.201  1.00 13.52 ? 156  PRO A CB  1 
ATOM   997  C CG  . PRO A 1 127 ? -12.657 7.645   -8.851  1.00 14.32 ? 156  PRO A CG  1 
ATOM   998  C CD  . PRO A 1 127 ? -11.207 8.019   -8.736  1.00 14.62 ? 156  PRO A CD  1 
ATOM   999  N N   . PRO A 1 128 ? -13.881 9.297   -5.143  1.00 10.40 ? 157  PRO A N   1 
ATOM   1000 C CA  . PRO A 1 128 ? -14.376 8.763   -3.877  1.00 8.37  ? 157  PRO A CA  1 
ATOM   1001 C C   . PRO A 1 128 ? -14.378 7.234   -3.826  1.00 8.90  ? 157  PRO A C   1 
ATOM   1002 O O   . PRO A 1 128 ? -14.672 6.608   -4.847  1.00 9.11  ? 157  PRO A O   1 
ATOM   1003 C CB  . PRO A 1 128 ? -15.839 9.241   -3.893  1.00 10.31 ? 157  PRO A CB  1 
ATOM   1004 C CG  . PRO A 1 128 ? -15.776 10.554  -4.599  1.00 12.76 ? 157  PRO A CG  1 
ATOM   1005 C CD  . PRO A 1 128 ? -14.718 10.405  -5.661  1.00 8.84  ? 157  PRO A CD  1 
ATOM   1006 N N   . TYR A 1 129 ? -14.089 6.667   -2.663  1.00 9.09  ? 158  TYR A N   1 
ATOM   1007 C CA  . TYR A 1 129 ? -14.259 5.238   -2.412  1.00 9.16  ? 158  TYR A CA  1 
ATOM   1008 C C   . TYR A 1 129 ? -13.431 4.373   -3.356  1.00 11.51 ? 158  TYR A C   1 
ATOM   1009 O O   . TYR A 1 129 ? -13.906 3.324   -3.823  1.00 11.90 ? 158  TYR A O   1 
ATOM   1010 C CB  . TYR A 1 129 ? -15.741 4.837   -2.511  1.00 11.79 ? 158  TYR A CB  1 
ATOM   1011 C CG  . TYR A 1 129 ? -16.620 5.513   -1.485  1.00 11.95 ? 158  TYR A CG  1 
ATOM   1012 C CD1 . TYR A 1 129 ? -16.576 5.131   -0.150  1.00 15.11 ? 158  TYR A CD1 1 
ATOM   1013 C CD2 . TYR A 1 129 ? -17.483 6.539   -1.861  1.00 13.64 ? 158  TYR A CD2 1 
ATOM   1014 C CE1 . TYR A 1 129 ? -17.375 5.745   0.800   1.00 13.46 ? 158  TYR A CE1 1 
ATOM   1015 C CE2 . TYR A 1 129 ? -18.288 7.158   -0.916  1.00 13.09 ? 158  TYR A CE2 1 
ATOM   1016 C CZ  . TYR A 1 129 ? -18.221 6.759   0.399   1.00 14.71 ? 158  TYR A CZ  1 
ATOM   1017 O OH  . TYR A 1 129 ? -19.018 7.371   1.348   1.00 16.28 ? 158  TYR A OH  1 
ATOM   1018 N N   . SER A 1 130 ? -12.203 4.786   -3.649  1.00 9.14  ? 159  SER A N   1 
ATOM   1019 C CA  . SER A 1 130 ? -11.323 4.065   -4.552  1.00 10.08 ? 159  SER A CA  1 
ATOM   1020 C C   . SER A 1 130 ? -10.339 3.184   -3.798  1.00 8.57  ? 159  SER A C   1 
ATOM   1021 O O   . SER A 1 130 ? -9.537  3.737   -3.031  1.00 11.16 ? 159  SER A O   1 
ATOM   1022 C CB  . SER A 1 130 ? -10.475 5.032   -5.400  1.00 11.32 ? 159  SER A CB  1 
ATOM   1023 O OG  . SER A 1 130 ? -11.245 5.671   -6.411  1.00 10.15 ? 159  SER A OG  1 
ATOM   1024 N N   . PRO A 1 131 ? -10.294 1.877   -4.024  1.00 7.18  ? 160  PRO A N   1 
ATOM   1025 C CA  . PRO A 1 131 ? -9.123  1.138   -3.526  1.00 9.22  ? 160  PRO A CA  1 
ATOM   1026 C C   . PRO A 1 131 ? -7.935  1.456   -4.444  1.00 10.35 ? 160  PRO A C   1 
ATOM   1027 O O   . PRO A 1 131 ? -8.176  1.827   -5.593  1.00 9.25  ? 160  PRO A O   1 
ATOM   1028 C CB  . PRO A 1 131 ? -9.525  -0.318  -3.690  1.00 8.10  ? 160  PRO A CB  1 
ATOM   1029 C CG  . PRO A 1 131 ? -10.466 -0.298  -4.853  1.00 11.06 ? 160  PRO A CG  1 
ATOM   1030 C CD  . PRO A 1 131 ? -11.225 1.003   -4.732  1.00 7.14  ? 160  PRO A CD  1 
ATOM   1031 N N   . LEU A 1 132 ? -6.726  1.306   -3.926  1.00 7.55  ? 161  LEU A N   1 
ATOM   1032 C CA  . LEU A 1 132 ? -5.539  1.557   -4.748  1.00 7.10  ? 161  LEU A CA  1 
ATOM   1033 C C   . LEU A 1 132 ? -4.632  0.338   -4.813  1.00 9.76  ? 161  LEU A C   1 
ATOM   1034 O O   . LEU A 1 132 ? -4.497  -0.384  -3.829  1.00 11.44 ? 161  LEU A O   1 
ATOM   1035 C CB  . LEU A 1 132 ? -4.740  2.725   -4.162  1.00 8.74  ? 161  LEU A CB  1 
ATOM   1036 C CG  . LEU A 1 132 ? -5.574  4.005   -3.978  1.00 6.19  ? 161  LEU A CG  1 
ATOM   1037 C CD1 . LEU A 1 132 ? -4.659  5.097   -3.441  1.00 10.50 ? 161  LEU A CD1 1 
ATOM   1038 C CD2 . LEU A 1 132 ? -6.241  4.394   -5.276  1.00 7.93  ? 161  LEU A CD2 1 
ATOM   1039 N N   . GLU A 1 133 ? -4.007  0.137   -5.979  1.00 9.13  ? 162  GLU A N   1 
ATOM   1040 C CA  . GLU A 1 133 ? -2.986  -0.911  -6.058  1.00 9.60  ? 162  GLU A CA  1 
ATOM   1041 C C   . GLU A 1 133 ? -1.611  -0.267  -6.227  1.00 9.72  ? 162  GLU A C   1 
ATOM   1042 O O   . GLU A 1 133 ? -1.426  0.611   -7.070  1.00 10.33 ? 162  GLU A O   1 
ATOM   1043 C CB  . GLU A 1 133 ? -3.285  -1.874  -7.211  1.00 9.29  ? 162  GLU A CB  1 
ATOM   1044 C CG  . GLU A 1 133 ? -2.101  -2.768  -7.555  1.00 10.60 ? 162  GLU A CG  1 
ATOM   1045 C CD  . GLU A 1 133 ? -2.373  -3.744  -8.672  1.00 17.07 ? 162  GLU A CD  1 
ATOM   1046 O OE1 . GLU A 1 133 ? -3.547  -4.033  -8.993  1.00 14.21 ? 162  GLU A OE1 1 
ATOM   1047 O OE2 . GLU A 1 133 ? -1.382  -4.240  -9.260  1.00 32.38 ? 162  GLU A OE2 1 
ATOM   1048 N N   . PHE A 1 134 ? -0.643  -0.646  -5.406  1.00 7.39  ? 163  PHE A N   1 
ATOM   1049 C CA  . PHE A 1 134 ? 0.719   -0.145  -5.572  1.00 7.96  ? 163  PHE A CA  1 
ATOM   1050 C C   . PHE A 1 134 ? 1.695   -1.321  -5.692  1.00 12.49 ? 163  PHE A C   1 
ATOM   1051 O O   . PHE A 1 134 ? 1.512   -2.338  -5.031  1.00 12.13 ? 163  PHE A O   1 
ATOM   1052 C CB  . PHE A 1 134 ? 1.156   0.729   -4.414  1.00 9.66  ? 163  PHE A CB  1 
ATOM   1053 C CG  . PHE A 1 134 ? 0.525   2.103   -4.293  1.00 10.83 ? 163  PHE A CG  1 
ATOM   1054 C CD1 . PHE A 1 134 ? -0.678  2.264   -3.622  1.00 9.81  ? 163  PHE A CD1 1 
ATOM   1055 C CD2 . PHE A 1 134 ? 1.145   3.224   -4.809  1.00 9.35  ? 163  PHE A CD2 1 
ATOM   1056 C CE1 . PHE A 1 134 ? -1.215  3.526   -3.463  1.00 10.69 ? 163  PHE A CE1 1 
ATOM   1057 C CE2 . PHE A 1 134 ? 0.595   4.482   -4.682  1.00 10.90 ? 163  PHE A CE2 1 
ATOM   1058 C CZ  . PHE A 1 134 ? -0.597  4.640   -3.994  1.00 12.31 ? 163  PHE A CZ  1 
ATOM   1059 N N   . ASP A 1 135 ? 2.702   -1.146  -6.541  1.00 10.07 ? 164  ASP A N   1 
ATOM   1060 C CA  . ASP A 1 135 ? 3.902   -1.975  -6.560  1.00 10.76 ? 164  ASP A CA  1 
ATOM   1061 C C   . ASP A 1 135 ? 4.975   -1.135  -5.868  1.00 7.66  ? 164  ASP A C   1 
ATOM   1062 O O   . ASP A 1 135 ? 5.352   -0.102  -6.420  1.00 10.41 ? 164  ASP A O   1 
ATOM   1063 C CB  . ASP A 1 135 ? 4.298   -2.346  -7.988  1.00 10.20 ? 164  ASP A CB  1 
ATOM   1064 C CG  . ASP A 1 135 ? 5.524   -3.220  -8.136  1.00 16.24 ? 164  ASP A CG  1 
ATOM   1065 O OD1 . ASP A 1 135 ? 6.417   -3.197  -7.269  1.00 10.71 ? 164  ASP A OD1 1 
ATOM   1066 O OD2 . ASP A 1 135 ? 5.644   -3.949  -9.152  1.00 15.14 ? 164  ASP A OD2 1 
ATOM   1067 N N   . VAL A 1 136 ? 5.396   -1.495  -4.671  1.00 9.30  ? 165  VAL A N   1 
ATOM   1068 C CA  . VAL A 1 136 ? 6.302   -0.725  -3.837  1.00 10.05 ? 165  VAL A CA  1 
ATOM   1069 C C   . VAL A 1 136 ? 7.609   -1.481  -3.615  1.00 7.87  ? 165  VAL A C   1 
ATOM   1070 O O   . VAL A 1 136 ? 7.583   -2.558  -3.014  1.00 11.86 ? 165  VAL A O   1 
ATOM   1071 C CB  . VAL A 1 136 ? 5.670   -0.439  -2.458  1.00 8.39  ? 165  VAL A CB  1 
ATOM   1072 C CG1 . VAL A 1 136 ? 6.569   0.458   -1.611  1.00 8.82  ? 165  VAL A CG1 1 
ATOM   1073 C CG2 . VAL A 1 136 ? 4.289   0.179   -2.618  1.00 13.96 ? 165  VAL A CG2 1 
ATOM   1074 N N   . GLU A 1 137 ? 8.725   -0.905  -4.069  1.00 8.72  ? 166  GLU A N   1 
ATOM   1075 C CA  . GLU A 1 137 ? 10.044  -1.471  -3.793  1.00 9.22  ? 166  GLU A CA  1 
ATOM   1076 C C   . GLU A 1 137 ? 10.797  -0.589  -2.796  1.00 8.97  ? 166  GLU A C   1 
ATOM   1077 O O   . GLU A 1 137 ? 11.044  0.585   -3.104  1.00 9.50  ? 166  GLU A O   1 
ATOM   1078 C CB  . GLU A 1 137 ? 10.880  -1.612  -5.072  1.00 8.00  ? 166  GLU A CB  1 
ATOM   1079 C CG  . GLU A 1 137 ? 12.244  -2.239  -4.852  1.00 10.29 ? 166  GLU A CG  1 
ATOM   1080 C CD  . GLU A 1 137 ? 13.094  -2.388  -6.095  1.00 15.49 ? 166  GLU A CD  1 
ATOM   1081 O OE1 . GLU A 1 137 ? 12.762  -1.818  -7.149  1.00 16.49 ? 166  GLU A OE1 1 
ATOM   1082 O OE2 . GLU A 1 137 ? 14.140  -3.070  -6.047  1.00 21.01 ? 166  GLU A OE2 1 
ATOM   1083 N N   . LEU A 1 138 ? 11.176  -1.124  -1.639  1.00 11.44 ? 167  LEU A N   1 
ATOM   1084 C CA  . LEU A 1 138 ? 11.956  -0.375  -0.659  1.00 6.48  ? 167  LEU A CA  1 
ATOM   1085 C C   . LEU A 1 138 ? 13.441  -0.528  -0.971  1.00 9.74  ? 167  LEU A C   1 
ATOM   1086 O O   . LEU A 1 138 ? 14.049  -1.574  -0.727  1.00 14.11 ? 167  LEU A O   1 
ATOM   1087 C CB  . LEU A 1 138 ? 11.666  -0.814  0.775   1.00 10.71 ? 167  LEU A CB  1 
ATOM   1088 C CG  . LEU A 1 138 ? 12.400  -0.126  1.928   1.00 14.97 ? 167  LEU A CG  1 
ATOM   1089 C CD1 . LEU A 1 138 ? 12.328  1.394   1.840   1.00 13.09 ? 167  LEU A CD1 1 
ATOM   1090 C CD2 . LEU A 1 138 ? 11.820  -0.594  3.256   1.00 12.15 ? 167  LEU A CD2 1 
ATOM   1091 N N   . ILE A 1 139 ? 14.008  0.540   -1.541  1.00 9.33  ? 168  ILE A N   1 
ATOM   1092 C CA  . ILE A 1 139 ? 15.372  0.397   -2.056  1.00 14.45 ? 168  ILE A CA  1 
ATOM   1093 C C   . ILE A 1 139 ? 16.411  0.509   -0.951  1.00 15.25 ? 168  ILE A C   1 
ATOM   1094 O O   . ILE A 1 139 ? 17.339  -0.305  -0.910  1.00 15.23 ? 168  ILE A O   1 
ATOM   1095 C CB  A ILE A 1 139 ? 15.679  1.493   -3.098  0.40 14.45 ? 168  ILE A CB  1 
ATOM   1096 C CB  B ILE A 1 139 ? 15.656  1.413   -3.176  0.60 14.74 ? 168  ILE A CB  1 
ATOM   1097 C CG1 A ILE A 1 139 ? 14.763  1.462   -4.325  0.40 13.71 ? 168  ILE A CG1 1 
ATOM   1098 C CG1 B ILE A 1 139 ? 14.739  1.209   -4.389  0.60 13.25 ? 168  ILE A CG1 1 
ATOM   1099 C CG2 A ILE A 1 139 ? 17.142  1.431   -3.507  0.40 16.39 ? 168  ILE A CG2 1 
ATOM   1100 C CG2 B ILE A 1 139 ? 17.120  1.374   -3.577  0.60 15.97 ? 168  ILE A CG2 1 
ATOM   1101 C CD1 A ILE A 1 139 ? 14.909  0.195   -5.140  0.40 12.07 ? 168  ILE A CD1 1 
ATOM   1102 C CD1 B ILE A 1 139 ? 14.819  2.310   -5.417  0.60 13.81 ? 168  ILE A CD1 1 
ATOM   1103 N N   . SER A 1 140 ? 16.239  1.508   -0.097  1.00 12.24 ? 169  SER A N   1 
ATOM   1104 C CA  . SER A 1 140 ? 17.168  1.816   0.974   1.00 10.76 ? 169  SER A CA  1 
ATOM   1105 C C   . SER A 1 140 ? 16.520  2.746   1.994   1.00 13.11 ? 169  SER A C   1 
ATOM   1106 O O   . SER A 1 140 ? 15.474  3.361   1.746   1.00 13.26 ? 169  SER A O   1 
ATOM   1107 C CB  . SER A 1 140 ? 18.458  2.429   0.409   1.00 14.49 ? 169  SER A CB  1 
ATOM   1108 O OG  . SER A 1 140 ? 18.212  3.733   -0.090  1.00 16.70 ? 169  SER A OG  1 
ATOM   1109 N N   . ILE A 1 141 ? 17.178  2.823   3.141   1.00 11.96 ? 170  ILE A N   1 
ATOM   1110 C CA  . ILE A 1 141 ? 16.699  3.667   4.227   1.00 15.59 ? 170  ILE A CA  1 
ATOM   1111 C C   . ILE A 1 141 ? 17.854  4.485   4.797   1.00 15.13 ? 170  ILE A C   1 
ATOM   1112 O O   . ILE A 1 141 ? 18.958  3.962   4.981   1.00 12.06 ? 170  ILE A O   1 
ATOM   1113 C CB  . ILE A 1 141 ? 16.073  2.844   5.368   1.00 13.79 ? 170  ILE A CB  1 
ATOM   1114 C CG1 . ILE A 1 141 ? 15.110  1.756   4.906   1.00 12.75 ? 170  ILE A CG1 1 
ATOM   1115 C CG2 . ILE A 1 141 ? 15.409  3.792   6.365   1.00 10.55 ? 170  ILE A CG2 1 
ATOM   1116 C CD1 . ILE A 1 141 ? 14.831  0.711   5.976   1.00 13.96 ? 170  ILE A CD1 1 
ATOM   1117 N N   . LYS A 1 142 ? 17.574  5.756   5.053   1.00 14.07 ? 171  LYS A N   1 
ATOM   1118 C CA  . LYS A 1 142 ? 18.626  6.608   5.610   1.00 18.83 ? 171  LYS A CA  1 
ATOM   1119 C C   . LYS A 1 142 ? 19.170  5.991   6.894   1.00 18.31 ? 171  LYS A C   1 
ATOM   1120 O O   . LYS A 1 142 ? 18.425  5.603   7.798   1.00 16.37 ? 171  LYS A O   1 
ATOM   1121 C CB  . LYS A 1 142 ? 18.104  8.018   5.864   1.00 22.35 ? 171  LYS A CB  1 
ATOM   1122 C CG  . LYS A 1 142 ? 19.151  8.934   6.482   1.00 25.77 ? 171  LYS A CG  1 
ATOM   1123 C CD  . LYS A 1 142 ? 18.616  10.356  6.595   1.00 34.26 ? 171  LYS A CD  1 
ATOM   1124 C CE  . LYS A 1 142 ? 18.213  10.865  5.214   1.00 39.68 ? 171  LYS A CE  1 
ATOM   1125 N NZ  . LYS A 1 142 ? 19.072  10.275  4.146   1.00 50.39 ? 171  LYS A NZ  1 
ATOM   1126 N N   . ASP A 1 143 ? 20.494  5.882   6.953   1.00 18.05 ? 172  ASP A N   1 
ATOM   1127 C CA  . ASP A 1 143 ? 21.149  5.332   8.129   1.00 22.22 ? 172  ASP A CA  1 
ATOM   1128 C C   . ASP A 1 143 ? 20.815  3.861   8.350   1.00 24.09 ? 172  ASP A C   1 
ATOM   1129 O O   . ASP A 1 143 ? 21.041  3.354   9.451   1.00 30.27 ? 172  ASP A O   1 
ATOM   1130 C CB  . ASP A 1 143 ? 20.734  6.140   9.364   1.00 27.26 ? 172  ASP A CB  1 
ATOM   1131 C CG  . ASP A 1 143 ? 21.768  7.191   9.706   1.00 31.94 ? 172  ASP A CG  1 
ATOM   1132 O OD1 . ASP A 1 143 ? 22.962  6.827   9.686   1.00 36.96 ? 172  ASP A OD1 1 
ATOM   1133 O OD2 . ASP A 1 143 ? 21.378  8.344   9.981   1.00 40.13 ? 172  ASP A OD2 1 
ATOM   1134 N N   . GLY A 1 144 ? 20.302  3.193   7.327   1.00 21.49 ? 173  GLY A N   1 
ATOM   1135 C CA  . GLY A 1 144 ? 19.991  1.780   7.367   1.00 22.08 ? 173  GLY A CA  1 
ATOM   1136 C C   . GLY A 1 144 ? 18.705  1.412   8.066   1.00 21.08 ? 173  GLY A C   1 
ATOM   1137 O O   . GLY A 1 144 ? 18.341  0.235   8.133   1.00 19.98 ? 173  GLY A O   1 
ATOM   1138 N N   . GLY A 1 145 ? 17.949  2.368   8.603   1.00 19.78 ? 174  GLY A N   1 
ATOM   1139 C CA  . GLY A 1 145 ? 16.680  2.015   9.226   1.00 17.47 ? 174  GLY A CA  1 
ATOM   1140 C C   . GLY A 1 145 ? 16.734  1.956   10.738  1.00 18.71 ? 174  GLY A C   1 
ATOM   1141 O O   . GLY A 1 145 ? 17.641  1.337   11.293  1.00 20.21 ? 174  GLY A O   1 
ATOM   1142 N N   . LYS A 1 146 ? 15.777  2.571   11.432  1.00 17.89 ? 175  LYS A N   1 
ATOM   1143 C CA  . LYS A 1 146 ? 15.730  2.561   12.887  1.00 18.94 ? 175  LYS A CA  1 
ATOM   1144 C C   . LYS A 1 146 ? 14.416  2.028   13.447  1.00 19.97 ? 175  LYS A C   1 
ATOM   1145 O O   . LYS A 1 146 ? 14.103  2.280   14.614  1.00 21.98 ? 175  LYS A O   1 
ATOM   1146 C CB  . LYS A 1 146 ? 15.950  3.975   13.442  1.00 20.86 ? 175  LYS A CB  1 
ATOM   1147 C CG  . LYS A 1 146 ? 17.272  4.589   13.019  1.00 30.02 ? 175  LYS A CG  1 
ATOM   1148 C CD  . LYS A 1 146 ? 18.353  4.398   14.068  1.00 34.55 ? 175  LYS A CD  1 
ATOM   1149 C CE  . LYS A 1 146 ? 19.679  4.964   13.570  1.00 34.70 ? 175  LYS A CE  1 
ATOM   1150 N NZ  . LYS A 1 146 ? 19.710  5.052   12.086  1.00 36.78 ? 175  LYS A NZ  1 
ATOM   1151 N N   . GLY A 1 147 ? 13.646  1.300   12.644  1.00 15.62 ? 176  GLY A N   1 
ATOM   1152 C CA  . GLY A 1 147 ? 12.390  0.723   13.082  1.00 12.51 ? 176  GLY A CA  1 
ATOM   1153 C C   . GLY A 1 147 ? 12.535  -0.721  13.542  1.00 17.38 ? 176  GLY A C   1 
ATOM   1154 O O   . GLY A 1 147 ? 13.554  -1.072  14.147  1.00 21.41 ? 176  GLY A O   1 
ATOM   1155 N N   . ARG A 1 148 ? 11.521  -1.535  13.290  1.00 14.52 ? 177  ARG A N   1 
ATOM   1156 C CA  . ARG A 1 148 ? 11.449  -2.921  13.723  1.00 15.19 ? 177  ARG A CA  1 
ATOM   1157 C C   . ARG A 1 148 ? 12.595  -3.764  13.184  1.00 19.49 ? 177  ARG A C   1 
ATOM   1158 O O   . ARG A 1 148 ? 13.162  -3.471  12.132  1.00 17.24 ? 177  ARG A O   1 
ATOM   1159 C CB  . ARG A 1 148 ? 10.135  -3.557  13.264  1.00 17.26 ? 177  ARG A CB  1 
ATOM   1160 C CG  . ARG A 1 148 ? 8.889   -3.010  13.948  1.00 19.22 ? 177  ARG A CG  1 
ATOM   1161 C CD  . ARG A 1 148 ? 7.661   -3.660  13.335  1.00 17.08 ? 177  ARG A CD  1 
ATOM   1162 N NE  . ARG A 1 148 ? 6.412   -3.222  13.923  1.00 19.30 ? 177  ARG A NE  1 
ATOM   1163 C CZ  . ARG A 1 148 ? 5.447   -2.530  13.335  1.00 19.01 ? 177  ARG A CZ  1 
ATOM   1164 N NH1 . ARG A 1 148 ? 5.536   -2.146  12.070  1.00 13.15 ? 177  ARG A NH1 1 
ATOM   1165 N NH2 . ARG A 1 148 ? 4.363   -2.224  14.042  1.00 25.90 ? 177  ARG A NH2 1 
ATOM   1166 N N   . THR A 1 149 ? 12.953  -4.844  13.888  1.00 15.38 ? 178  THR A N   1 
ATOM   1167 C CA  . THR A 1 149 ? 13.954  -5.745  13.305  1.00 13.26 ? 178  THR A CA  1 
ATOM   1168 C C   . THR A 1 149 ? 13.284  -6.692  12.321  1.00 14.21 ? 178  THR A C   1 
ATOM   1169 O O   . THR A 1 149 ? 12.071  -6.911  12.384  1.00 16.51 ? 178  THR A O   1 
ATOM   1170 C CB  . THR A 1 149 ? 14.665  -6.595  14.380  1.00 12.79 ? 178  THR A CB  1 
ATOM   1171 O OG1 . THR A 1 149 ? 13.675  -7.377  15.066  1.00 20.36 ? 178  THR A OG1 1 
ATOM   1172 C CG2 . THR A 1 149 ? 15.366  -5.729  15.405  1.00 16.11 ? 178  THR A CG2 1 
ATOM   1173 N N   . ALA A 1 150 ? 14.061  -7.279  11.408  1.00 16.62 ? 179  ALA A N   1 
ATOM   1174 C CA  . ALA A 1 150 ? 13.500  -8.283  10.504  1.00 18.37 ? 179  ALA A CA  1 
ATOM   1175 C C   . ALA A 1 150 ? 12.754  -9.373  11.262  1.00 16.25 ? 179  ALA A C   1 
ATOM   1176 O O   . ALA A 1 150 ? 11.665  -9.820  10.902  1.00 13.27 ? 179  ALA A O   1 
ATOM   1177 C CB  . ALA A 1 150 ? 14.620  -8.886  9.668   1.00 20.95 ? 179  ALA A CB  1 
ATOM   1178 N N   . GLU A 1 151 ? 13.339  -9.790  12.383  1.00 18.66 ? 180  GLU A N   1 
ATOM   1179 C CA  . GLU A 1 151 ? 12.748  -10.876 13.169  1.00 23.52 ? 180  GLU A CA  1 
ATOM   1180 C C   . GLU A 1 151 ? 11.411  -10.450 13.757  1.00 25.26 ? 180  GLU A C   1 
ATOM   1181 O O   . GLU A 1 151 ? 10.436  -11.207 13.782  1.00 28.26 ? 180  GLU A O   1 
ATOM   1182 C CB  . GLU A 1 151 ? 13.738  -11.321 14.250  1.00 26.45 ? 180  GLU A CB  1 
ATOM   1183 C CG  . GLU A 1 151 ? 15.036  -11.905 13.724  1.00 30.08 ? 180  GLU A CG  1 
ATOM   1184 C CD  . GLU A 1 151 ? 16.011  -10.930 13.105  1.00 31.01 ? 180  GLU A CD  1 
ATOM   1185 O OE1 . GLU A 1 151 ? 15.896  -9.707  13.323  1.00 24.59 ? 180  GLU A OE1 1 
ATOM   1186 O OE2 . GLU A 1 151 ? 16.918  -11.370 12.358  1.00 38.76 ? 180  GLU A OE2 1 
ATOM   1187 N N   . GLU A 1 152 ? 11.320  -9.202  14.207  1.00 23.21 ? 181  GLU A N   1 
ATOM   1188 C CA  . GLU A 1 152 ? 10.059  -8.643  14.680  1.00 19.57 ? 181  GLU A CA  1 
ATOM   1189 C C   . GLU A 1 152 ? 9.013   -8.559  13.573  1.00 18.57 ? 181  GLU A C   1 
ATOM   1190 O O   . GLU A 1 152 ? 7.854   -8.947  13.720  1.00 18.48 ? 181  GLU A O   1 
ATOM   1191 C CB  . GLU A 1 152 ? 10.320  -7.254  15.277  1.00 19.45 ? 181  GLU A CB  1 
ATOM   1192 C CG  . GLU A 1 152 ? 10.906  -7.301  16.680  1.00 21.65 ? 181  GLU A CG  1 
ATOM   1193 C CD  . GLU A 1 152 ? 11.423  -5.961  17.153  1.00 20.79 ? 181  GLU A CD  1 
ATOM   1194 O OE1 . GLU A 1 152 ? 11.613  -5.051  16.326  1.00 20.11 ? 181  GLU A OE1 1 
ATOM   1195 O OE2 . GLU A 1 152 ? 11.664  -5.803  18.369  1.00 27.60 ? 181  GLU A OE2 1 
ATOM   1196 N N   . VAL A 1 153 ? 9.422   -8.021  12.427  1.00 16.47 ? 182  VAL A N   1 
ATOM   1197 C CA  . VAL A 1 153 ? 8.550   -7.997  11.257  1.00 16.31 ? 182  VAL A CA  1 
ATOM   1198 C C   . VAL A 1 153 ? 8.043   -9.384  10.900  1.00 17.87 ? 182  VAL A C   1 
ATOM   1199 O O   . VAL A 1 153 ? 6.850   -9.626  10.701  1.00 15.44 ? 182  VAL A O   1 
ATOM   1200 C CB  . VAL A 1 153 ? 9.297   -7.384  10.058  1.00 14.11 ? 182  VAL A CB  1 
ATOM   1201 C CG1 . VAL A 1 153 ? 8.470   -7.454  8.792   1.00 15.16 ? 182  VAL A CG1 1 
ATOM   1202 C CG2 . VAL A 1 153 ? 9.675   -5.933  10.344  1.00 22.04 ? 182  VAL A CG2 1 
ATOM   1203 N N   . ASP A 1 154 ? 8.936   -10.367 10.802  1.00 18.86 ? 183  ASP A N   1 
ATOM   1204 C CA  . ASP A 1 154 ? 8.505   -11.685 10.342  1.00 17.80 ? 183  ASP A CA  1 
ATOM   1205 C C   . ASP A 1 154 ? 7.527   -12.320 11.316  1.00 19.51 ? 183  ASP A C   1 
ATOM   1206 O O   . ASP A 1 154 ? 6.628   -13.071 10.940  1.00 21.40 ? 183  ASP A O   1 
ATOM   1207 C CB  . ASP A 1 154 ? 9.730   -12.581 10.128  1.00 19.17 ? 183  ASP A CB  1 
ATOM   1208 C CG  . ASP A 1 154 ? 10.430  -12.257 8.821   1.00 22.96 ? 183  ASP A CG  1 
ATOM   1209 O OD1 . ASP A 1 154 ? 9.757   -11.747 7.894   1.00 23.34 ? 183  ASP A OD1 1 
ATOM   1210 O OD2 . ASP A 1 154 ? 11.650  -12.507 8.716   1.00 24.03 ? 183  ASP A OD2 1 
ATOM   1211 N N   . GLU A 1 155 ? 7.699   -12.010 12.602  1.00 18.52 ? 184  GLU A N   1 
ATOM   1212 C CA  . GLU A 1 155 ? 6.774   -12.621 13.564  1.00 23.26 ? 184  GLU A CA  1 
ATOM   1213 C C   . GLU A 1 155 ? 5.409   -11.961 13.441  1.00 23.08 ? 184  GLU A C   1 
ATOM   1214 O O   . GLU A 1 155 ? 4.387   -12.645 13.528  1.00 21.76 ? 184  GLU A O   1 
ATOM   1215 C CB  . GLU A 1 155 ? 7.314   -12.545 14.985  1.00 25.80 ? 184  GLU A CB  1 
ATOM   1216 C CG  . GLU A 1 155 ? 6.480   -13.296 16.010  1.00 32.57 ? 184  GLU A CG  1 
ATOM   1217 C CD  . GLU A 1 155 ? 6.253   -14.754 15.673  1.00 36.40 ? 184  GLU A CD  1 
ATOM   1218 O OE1 . GLU A 1 155 ? 6.976   -15.323 14.827  1.00 41.94 ? 184  GLU A OE1 1 
ATOM   1219 O OE2 . GLU A 1 155 ? 5.335   -15.367 16.262  1.00 44.35 ? 184  GLU A OE2 1 
ATOM   1220 N N   . ILE A 1 156 ? 5.377   -10.644 13.213  1.00 20.42 ? 185  ILE A N   1 
ATOM   1221 C CA  . ILE A 1 156 ? 4.070   -10.015 12.992  1.00 19.74 ? 185  ILE A CA  1 
ATOM   1222 C C   . ILE A 1 156 ? 3.361   -10.593 11.777  1.00 17.75 ? 185  ILE A C   1 
ATOM   1223 O O   . ILE A 1 156 ? 2.159   -10.878 11.785  1.00 18.97 ? 185  ILE A O   1 
ATOM   1224 C CB  . ILE A 1 156 ? 4.191   -8.488  12.831  1.00 16.64 ? 185  ILE A CB  1 
ATOM   1225 C CG1 . ILE A 1 156 ? 4.527   -7.776  14.138  1.00 18.45 ? 185  ILE A CG1 1 
ATOM   1226 C CG2 . ILE A 1 156 ? 2.919   -7.920  12.224  1.00 15.02 ? 185  ILE A CG2 1 
ATOM   1227 C CD1 . ILE A 1 156 ? 5.115   -6.398  13.985  1.00 20.02 ? 185  ILE A CD1 1 
ATOM   1228 N N   . LEU A 1 157 ? 4.116   -10.773 10.695  1.00 14.51 ? 186  LEU A N   1 
ATOM   1229 C CA  . LEU A 1 157 ? 3.562   -11.307 9.456   1.00 15.40 ? 186  LEU A CA  1 
ATOM   1230 C C   . LEU A 1 157 ? 3.096   -12.750 9.595   1.00 21.67 ? 186  LEU A C   1 
ATOM   1231 O O   . LEU A 1 157 ? 2.039   -13.155 9.109   1.00 22.63 ? 186  LEU A O   1 
ATOM   1232 C CB  . LEU A 1 157 ? 4.637   -11.182 8.365   1.00 14.33 ? 186  LEU A CB  1 
ATOM   1233 C CG  . LEU A 1 157 ? 5.021   -9.730  8.066   1.00 13.41 ? 186  LEU A CG  1 
ATOM   1234 C CD1 . LEU A 1 157 ? 5.872   -9.627  6.808   1.00 19.34 ? 186  LEU A CD1 1 
ATOM   1235 C CD2 . LEU A 1 157 ? 3.762   -8.885  7.920   1.00 24.18 ? 186  LEU A CD2 1 
ATOM   1236 N N   . ARG A 1 158 ? 3.900   -13.554 10.281  1.00 24.10 ? 187  ARG A N   1 
ATOM   1237 C CA  . ARG A 1 158 ? 3.568   -14.955 10.518  1.00 25.58 ? 187  ARG A CA  1 
ATOM   1238 C C   . ARG A 1 158 ? 2.238   -15.097 11.249  1.00 25.07 ? 187  ARG A C   1 
ATOM   1239 O O   . ARG A 1 158 ? 1.416   -15.948 10.897  1.00 25.56 ? 187  ARG A O   1 
ATOM   1240 C CB  . ARG A 1 158 ? 4.693   -15.616 11.312  1.00 28.21 ? 187  ARG A CB  1 
ATOM   1241 C CG  . ARG A 1 158 ? 4.609   -17.134 11.377  1.00 32.73 ? 187  ARG A CG  1 
ATOM   1242 C CD  . ARG A 1 158 ? 5.482   -17.666 12.509  1.00 32.11 ? 187  ARG A CD  1 
ATOM   1243 N NE  . ARG A 1 158 ? 5.025   -17.183 13.810  1.00 34.76 ? 187  ARG A NE  1 
ATOM   1244 C CZ  . ARG A 1 158 ? 3.985   -17.677 14.472  1.00 35.81 ? 187  ARG A CZ  1 
ATOM   1245 N NH1 . ARG A 1 158 ? 3.274   -18.678 13.969  1.00 24.99 ? 187  ARG A NH1 1 
ATOM   1246 N NH2 . ARG A 1 158 ? 3.654   -17.163 15.648  1.00 32.67 ? 187  ARG A NH2 1 
ATOM   1247 N N   . LYS A 1 159 ? 2.016   -14.267 12.258  1.00 24.48 ? 188  LYS A N   1 
ATOM   1248 C CA  . LYS A 1 159 ? 0.783   -14.301 13.040  1.00 24.03 ? 188  LYS A CA  1 
ATOM   1249 C C   . LYS A 1 159 ? -0.410  -13.821 12.234  1.00 21.22 ? 188  LYS A C   1 
ATOM   1250 O O   . LYS A 1 159 ? -1.526  -14.348 12.328  1.00 21.14 ? 188  LYS A O   1 
ATOM   1251 C CB  . LYS A 1 159 ? 0.958   -13.451 14.305  1.00 25.06 ? 188  LYS A CB  1 
ATOM   1252 C CG  . LYS A 1 159 ? 2.067   -13.984 15.208  1.00 28.02 ? 188  LYS A CG  1 
ATOM   1253 C CD  . LYS A 1 159 ? 2.073   -13.272 16.551  1.00 35.31 ? 188  LYS A CD  1 
ATOM   1254 C CE  . LYS A 1 159 ? 2.687   -14.162 17.621  1.00 40.50 ? 188  LYS A CE  1 
ATOM   1255 N NZ  . LYS A 1 159 ? 2.707   -13.504 18.956  1.00 51.31 ? 188  LYS A NZ  1 
ATOM   1256 N N   . ALA A 1 160 ? -0.187  -12.797 11.413  1.00 17.55 ? 189  ALA A N   1 
ATOM   1257 C CA  . ALA A 1 160 ? -1.226  -12.279 10.536  1.00 19.35 ? 189  ALA A CA  1 
ATOM   1258 C C   . ALA A 1 160 ? -1.714  -13.344 9.561   1.00 19.43 ? 189  ALA A C   1 
ATOM   1259 O O   . ALA A 1 160 ? -2.909  -13.465 9.317   1.00 22.90 ? 189  ALA A O   1 
ATOM   1260 C CB  . ALA A 1 160 ? -0.713  -11.091 9.731   1.00 17.49 ? 189  ALA A CB  1 
ATOM   1261 N N   . GLU A 1 161 ? -0.748  -14.062 9.006   1.00 21.95 ? 190  GLU A N   1 
ATOM   1262 C CA  . GLU A 1 161 ? -1.013  -15.113 8.024   1.00 25.69 ? 190  GLU A CA  1 
ATOM   1263 C C   . GLU A 1 161 ? -1.890  -16.169 8.689   1.00 23.05 ? 190  GLU A C   1 
ATOM   1264 O O   . GLU A 1 161 ? -2.897  -16.606 8.138   1.00 22.34 ? 190  GLU A O   1 
ATOM   1265 C CB  . GLU A 1 161 ? 0.306   -15.687 7.516   1.00 27.02 ? 190  GLU A CB  1 
ATOM   1266 C CG  . GLU A 1 161 ? 0.571   -15.521 6.035   1.00 36.07 ? 190  GLU A CG  1 
ATOM   1267 C CD  . GLU A 1 161 ? 1.944   -15.037 5.631   1.00 39.32 ? 190  GLU A CD  1 
ATOM   1268 O OE1 . GLU A 1 161 ? 2.635   -14.311 6.381   1.00 31.75 ? 190  GLU A OE1 1 
ATOM   1269 O OE2 . GLU A 1 161 ? 2.373   -15.362 4.495   1.00 45.94 ? 190  GLU A OE2 1 
ATOM   1270 N N   . GLU A 1 162 ? -1.524  -16.542 9.911   1.00 26.96 ? 191  GLU A N   1 
ATOM   1271 C CA  . GLU A 1 162 ? -2.226  -17.574 10.663  1.00 32.87 ? 191  GLU A CA  1 
ATOM   1272 C C   . GLU A 1 162 ? -3.604  -17.152 11.155  1.00 35.82 ? 191  GLU A C   1 
ATOM   1273 O O   . GLU A 1 162 ? -4.482  -17.997 11.371  1.00 30.46 ? 191  GLU A O   1 
ATOM   1274 C CB  . GLU A 1 162 ? -1.377  -18.016 11.864  1.00 36.80 ? 191  GLU A CB  1 
ATOM   1275 C CG  . GLU A 1 162 ? -1.993  -17.653 13.206  1.00 41.22 ? 191  GLU A CG  1 
ATOM   1276 C CD  . GLU A 1 162 ? -0.944  -17.543 14.298  1.00 48.59 ? 191  GLU A CD  1 
ATOM   1277 O OE1 . GLU A 1 162 ? 0.115   -18.198 14.165  1.00 60.69 ? 191  GLU A OE1 1 
ATOM   1278 O OE2 . GLU A 1 162 ? -1.179  -16.799 15.274  1.00 54.13 ? 191  GLU A OE2 1 
ATOM   1279 N N   . ASP A 1 163 ? -3.826  -15.855 11.351  1.00 36.83 ? 192  ASP A N   1 
ATOM   1280 C CA  . ASP A 1 163 ? -5.142  -15.389 11.782  1.00 37.37 ? 192  ASP A CA  1 
ATOM   1281 C C   . ASP A 1 163 ? -6.093  -15.251 10.595  1.00 40.44 ? 192  ASP A C   1 
ATOM   1282 O O   . ASP A 1 163 ? -7.200  -14.705 10.784  1.00 43.99 ? 192  ASP A O   1 
ATOM   1283 C CB  . ASP A 1 163 ? -5.033  -14.068 12.537  1.00 36.63 ? 192  ASP A CB  1 
ATOM   1284 C CG  . ASP A 1 163 ? -4.173  -14.133 13.781  1.00 40.54 ? 192  ASP A CG  1 
ATOM   1285 O OD1 . ASP A 1 163 ? -4.146  -15.177 14.468  1.00 34.04 ? 192  ASP A OD1 1 
ATOM   1286 O OD2 . ASP A 1 163 ? -3.504  -13.117 14.082  1.00 52.77 ? 192  ASP A OD2 1 
HETATM 1287 O O   . HOH B 2 .   ? -14.172 4.782   -6.991  1.00 9.26  ? 1001 HOH A O   1 
HETATM 1288 O O   . HOH B 2 .   ? -14.238 2.051   -6.715  1.00 14.86 ? 1002 HOH A O   1 
HETATM 1289 O O   . HOH B 2 .   ? -14.522 4.661   -9.694  1.00 13.63 ? 1003 HOH A O   1 
HETATM 1290 O O   . HOH B 2 .   ? -15.894 -0.345  -0.960  1.00 11.32 ? 1004 HOH A O   1 
HETATM 1291 O O   . HOH B 2 .   ? -14.085 0.754   -2.628  1.00 10.62 ? 1005 HOH A O   1 
HETATM 1292 O O   . HOH B 2 .   ? -19.008 6.175   3.695   1.00 24.10 ? 1006 HOH A O   1 
HETATM 1293 O O   . HOH B 2 .   ? -11.805 0.000   -1.076  1.00 9.40  ? 1007 HOH A O   1 
HETATM 1294 O O   . HOH B 2 .   ? -11.312 -12.164 -0.047  1.00 24.61 ? 1008 HOH A O   1 
HETATM 1295 O O   . HOH B 2 .   ? -12.207 -6.258  -9.828  1.00 22.52 ? 1009 HOH A O   1 
HETATM 1296 O O   . HOH B 2 .   ? 3.148   -12.998 -0.142  1.00 17.06 ? 1010 HOH A O   1 
HETATM 1297 O O   . HOH B 2 .   ? -3.390  -4.122  10.605  1.00 16.80 ? 1011 HOH A O   1 
HETATM 1298 O O   . HOH B 2 .   ? 11.525  -12.533 -6.139  1.00 21.03 ? 1012 HOH A O   1 
HETATM 1299 O O   . HOH B 2 .   ? 15.938  -9.929  6.760   1.00 43.70 ? 1013 HOH A O   1 
HETATM 1300 O O   . HOH B 2 .   ? 16.600  -3.018  5.941   1.00 16.37 ? 1014 HOH A O   1 
HETATM 1301 O O   . HOH B 2 .   ? 9.386   -0.467  11.492  1.00 15.32 ? 1015 HOH A O   1 
HETATM 1302 O O   . HOH B 2 .   ? 19.348  0.975   3.328   1.00 19.78 ? 1016 HOH A O   1 
HETATM 1303 O O   . HOH B 2 .   ? 16.863  7.719   2.108   1.00 23.11 ? 1017 HOH A O   1 
HETATM 1304 O O   . HOH B 2 .   ? 8.116   -0.959  -7.579  1.00 15.11 ? 1018 HOH A O   1 
HETATM 1305 O O   . HOH B 2 .   ? 6.709   -0.263  -9.957  1.00 16.26 ? 1019 HOH A O   1 
HETATM 1306 O O   . HOH B 2 .   ? 10.087  -3.776  -12.522 1.00 23.86 ? 1020 HOH A O   1 
HETATM 1307 O O   . HOH B 2 .   ? -9.705  2.049   -7.906  1.00 9.06  ? 1021 HOH A O   1 
HETATM 1308 O O   . HOH B 2 .   ? -11.181 3.957   -8.366  1.00 19.97 ? 1022 HOH A O   1 
HETATM 1309 O O   . HOH B 2 .   ? -10.078 5.144   -16.156 1.00 24.27 ? 1023 HOH A O   1 
HETATM 1310 O O   . HOH B 2 .   ? -2.190  4.130   -17.185 1.00 13.99 ? 1024 HOH A O   1 
HETATM 1311 O O   . HOH B 2 .   ? -2.252  7.095   -16.661 1.00 14.01 ? 1025 HOH A O   1 
HETATM 1312 O O   . HOH B 2 .   ? -4.581  7.452   -17.668 1.00 19.74 ? 1026 HOH A O   1 
HETATM 1313 O O   . HOH B 2 .   ? 5.576   2.524   -13.731 1.00 14.45 ? 1027 HOH A O   1 
HETATM 1314 O O   . HOH B 2 .   ? 14.005  -1.625  -9.467  1.00 16.42 ? 1028 HOH A O   1 
HETATM 1315 O O   . HOH B 2 .   ? 11.791  9.729   -17.260 1.00 18.58 ? 1029 HOH A O   1 
HETATM 1316 O O   . HOH B 2 .   ? 15.777  10.169  -6.331  1.00 23.90 ? 1030 HOH A O   1 
HETATM 1317 O O   . HOH B 2 .   ? -4.816  7.778   4.217   1.00 13.23 ? 1031 HOH A O   1 
HETATM 1318 O O   . HOH B 2 .   ? 3.202   -1.343  10.487  1.00 12.36 ? 1032 HOH A O   1 
HETATM 1319 O O   . HOH B 2 .   ? 8.843   -7.680  5.122   1.00 14.84 ? 1033 HOH A O   1 
HETATM 1320 O O   . HOH B 2 .   ? 8.814   -9.389  1.190   1.00 18.03 ? 1034 HOH A O   1 
HETATM 1321 O O   . HOH B 2 .   ? -13.083 -0.681  3.086   1.00 20.42 ? 1035 HOH A O   1 
HETATM 1322 O O   . HOH B 2 .   ? -8.529  6.217   -2.403  1.00 10.29 ? 1036 HOH A O   1 
HETATM 1323 O O   . HOH B 2 .   ? -27.120 13.638  -6.116  1.00 16.47 ? 1037 HOH A O   1 
HETATM 1324 O O   . HOH B 2 .   ? -27.529 11.501  -3.400  1.00 19.98 ? 1038 HOH A O   1 
HETATM 1325 O O   . HOH B 2 .   ? -23.122 6.345   -1.015  1.00 22.27 ? 1039 HOH A O   1 
HETATM 1326 O O   . HOH B 2 .   ? -19.122 11.992  -3.803  1.00 16.55 ? 1040 HOH A O   1 
HETATM 1327 O O   . HOH B 2 .   ? -22.550 -0.608  -2.598  1.00 16.72 ? 1041 HOH A O   1 
HETATM 1328 O O   . HOH B 2 .   ? -12.058 4.591   -11.007 1.00 14.26 ? 1042 HOH A O   1 
HETATM 1329 O O   . HOH B 2 .   ? -9.957  -5.429  -11.425 1.00 28.99 ? 1043 HOH A O   1 
HETATM 1330 O O   . HOH B 2 .   ? -9.115  -18.278 -1.857  1.00 20.05 ? 1044 HOH A O   1 
HETATM 1331 O O   . HOH B 2 .   ? -8.575  0.185   9.419   1.00 18.79 ? 1045 HOH A O   1 
HETATM 1332 O O   . HOH B 2 .   ? -10.381 -1.162  6.153   1.00 20.34 ? 1046 HOH A O   1 
HETATM 1333 O O   . HOH B 2 .   ? 18.338  -6.827  -0.349  1.00 25.15 ? 1047 HOH A O   1 
HETATM 1334 O O   . HOH B 2 .   ? 8.449   4.568   14.633  1.00 28.26 ? 1048 HOH A O   1 
HETATM 1335 O O   . HOH B 2 .   ? 7.756   0.950   13.284  1.00 20.99 ? 1049 HOH A O   1 
HETATM 1336 O O   . HOH B 2 .   ? 14.185  7.574   12.545  1.00 24.55 ? 1050 HOH A O   1 
HETATM 1337 O O   . HOH B 2 .   ? 19.313  3.967   -2.778  1.00 15.53 ? 1051 HOH A O   1 
HETATM 1338 O O   . HOH B 2 .   ? 12.699  1.452   -13.075 1.00 17.17 ? 1052 HOH A O   1 
HETATM 1339 O O   . HOH B 2 .   ? -4.858  -2.428  -10.813 1.00 13.76 ? 1053 HOH A O   1 
HETATM 1340 O O   . HOH B 2 .   ? -12.499 -2.730  -11.176 1.00 18.75 ? 1054 HOH A O   1 
HETATM 1341 O O   . HOH B 2 .   ? 10.872  9.959   -8.670  1.00 17.10 ? 1055 HOH A O   1 
HETATM 1342 O O   . HOH B 2 .   ? 12.856  3.697   -13.918 1.00 22.93 ? 1056 HOH A O   1 
HETATM 1343 O O   . HOH B 2 .   ? 12.124  -13.369 6.435   1.00 26.81 ? 1057 HOH A O   1 
HETATM 1344 O O   . HOH B 2 .   ? -1.183  8.819   -4.372  1.00 20.41 ? 1058 HOH A O   1 
HETATM 1345 O O   . HOH B 2 .   ? -12.091 11.882  -9.262  1.00 24.58 ? 1059 HOH A O   1 
HETATM 1346 O O   . HOH B 2 .   ? -8.435  12.783  0.735   1.00 23.21 ? 1060 HOH A O   1 
HETATM 1347 O O   . HOH B 2 .   ? 13.116  -4.984  -7.927  1.00 16.16 ? 1061 HOH A O   1 
HETATM 1348 O O   . HOH B 2 .   ? 8.364   -10.358 4.298   1.00 16.20 ? 1062 HOH A O   1 
HETATM 1349 O O   . HOH B 2 .   ? 7.774   -12.717 5.861   1.00 35.07 ? 1063 HOH A O   1 
HETATM 1350 O O   . HOH B 2 .   ? -11.986 11.963  2.414   1.00 22.69 ? 1064 HOH A O   1 
HETATM 1351 O O   . HOH B 2 .   ? -7.020  12.222  -6.836  1.00 28.18 ? 1065 HOH A O   1 
HETATM 1352 O O   . HOH B 2 .   ? -11.425 13.091  -5.992  1.00 25.34 ? 1066 HOH A O   1 
HETATM 1353 O O   . HOH B 2 .   ? -9.383  8.621   -12.999 1.00 19.97 ? 1067 HOH A O   1 
HETATM 1354 O O   . HOH B 2 .   ? -9.529  10.458  -14.922 1.00 24.77 ? 1068 HOH A O   1 
HETATM 1355 O O   . HOH B 2 .   ? -13.424 9.012   -12.708 1.00 16.98 ? 1069 HOH A O   1 
HETATM 1356 O O   . HOH B 2 .   ? -11.561 6.931   -12.488 1.00 16.71 ? 1070 HOH A O   1 
HETATM 1357 O O   . HOH B 2 .   ? -25.722 15.221  -4.204  1.00 17.13 ? 1071 HOH A O   1 
HETATM 1358 O O   . HOH B 2 .   ? -19.197 15.598  -4.432  1.00 19.76 ? 1072 HOH A O   1 
HETATM 1359 O O   . HOH B 2 .   ? -23.585 -0.299  -0.024  1.00 44.65 ? 1073 HOH A O   1 
HETATM 1360 O O   . HOH B 2 .   ? -19.566 -2.657  -13.686 1.00 29.66 ? 1074 HOH A O   1 
HETATM 1361 O O   . HOH B 2 .   ? -13.928 -4.601  -9.616  1.00 16.71 ? 1075 HOH A O   1 
HETATM 1362 O O   . HOH B 2 .   ? -9.983  -7.486  0.924   1.00 30.79 ? 1076 HOH A O   1 
HETATM 1363 O O   . HOH B 2 .   ? 12.611  -12.781 -3.270  1.00 33.32 ? 1077 HOH A O   1 
HETATM 1364 O O   . HOH B 2 .   ? 7.499   -15.412 -0.716  1.00 31.37 ? 1078 HOH A O   1 
HETATM 1365 O O   . HOH B 2 .   ? 11.289  -12.352 4.552   1.00 36.32 ? 1079 HOH A O   1 
HETATM 1366 O O   . HOH B 2 .   ? 20.565  -3.822  6.831   1.00 22.36 ? 1080 HOH A O   1 
HETATM 1367 O O   . HOH B 2 .   ? 18.750  -1.245  5.984   1.00 24.07 ? 1081 HOH A O   1 
HETATM 1368 O O   . HOH B 2 .   ? 14.672  7.030   15.224  1.00 31.78 ? 1082 HOH A O   1 
HETATM 1369 O O   . HOH B 2 .   ? 10.459  12.716  2.255   1.00 25.11 ? 1083 HOH A O   1 
HETATM 1370 O O   . HOH B 2 .   ? 15.909  4.377   -11.383 1.00 36.22 ? 1084 HOH A O   1 
HETATM 1371 O O   . HOH B 2 .   ? -11.156 2.783   -12.804 1.00 23.72 ? 1085 HOH A O   1 
HETATM 1372 O O   . HOH B 2 .   ? -10.989 1.152   -17.692 1.00 25.92 ? 1086 HOH A O   1 
HETATM 1373 O O   . HOH B 2 .   ? -6.156  -0.047  -17.900 1.00 25.83 ? 1087 HOH A O   1 
HETATM 1374 O O   . HOH B 2 .   ? 16.382  6.914   -15.242 0.50 23.23 ? 1088 HOH A O   1 
HETATM 1375 O O   . HOH B 2 .   ? 12.225  12.575  -3.777  1.00 19.70 ? 1089 HOH A O   1 
HETATM 1376 O O   . HOH B 2 .   ? 17.845  5.299   -4.590  1.00 35.05 ? 1090 HOH A O   1 
HETATM 1377 O O   . HOH B 2 .   ? -0.516  7.871   7.998   1.00 24.20 ? 1091 HOH A O   1 
HETATM 1378 O O   . HOH B 2 .   ? 2.125   4.076   12.260  1.00 27.07 ? 1092 HOH A O   1 
HETATM 1379 O O   . HOH B 2 .   ? 0.550   6.587   11.931  1.00 34.57 ? 1093 HOH A O   1 
HETATM 1380 O O   . HOH B 2 .   ? 0.741   10.489  7.002   1.00 30.22 ? 1094 HOH A O   1 
HETATM 1381 O O   . HOH B 2 .   ? 10.630  -10.323 2.947   1.00 22.29 ? 1095 HOH A O   1 
HETATM 1382 O O   . HOH B 2 .   ? -11.624 -2.818  4.514   1.00 20.00 ? 1096 HOH A O   1 
HETATM 1383 O O   . HOH B 2 .   ? -13.581 -1.612  0.413   1.00 19.57 ? 1097 HOH A O   1 
HETATM 1384 O O   . HOH B 2 .   ? -13.318 -4.221  0.655   1.00 20.83 ? 1098 HOH A O   1 
HETATM 1385 O O   . HOH B 2 .   ? -14.566 -6.884  2.474   1.00 35.10 ? 1099 HOH A O   1 
HETATM 1386 O O   . HOH B 2 .   ? -9.601  -5.260  2.978   1.00 25.90 ? 1100 HOH A O   1 
HETATM 1387 O O   . HOH B 2 .   ? -10.891 7.495   -2.624  1.00 10.31 ? 1101 HOH A O   1 
HETATM 1388 O O   . HOH B 2 .   ? -12.784 9.474   4.236   1.00 14.97 ? 1102 HOH A O   1 
HETATM 1389 O O   . HOH B 2 .   ? -12.712 6.840   4.989   1.00 18.01 ? 1103 HOH A O   1 
HETATM 1390 O O   . HOH B 2 .   ? -10.241 2.295   8.550   1.00 29.30 ? 1104 HOH A O   1 
HETATM 1391 O O   . HOH B 2 .   ? -17.859 12.017  -1.652  1.00 23.61 ? 1105 HOH A O   1 
HETATM 1392 O O   . HOH B 2 .   ? -20.858 9.334   0.910   1.00 31.26 ? 1106 HOH A O   1 
HETATM 1393 O O   . HOH B 2 .   ? 19.079  5.286   1.372   1.00 23.10 ? 1107 HOH A O   1 
HETATM 1394 O O   . HOH B 2 .   ? 17.682  -2.570  -2.656  1.00 21.85 ? 1108 HOH A O   1 
HETATM 1395 O O   . HOH B 2 .   ? 19.065  -1.439  -4.836  1.00 48.23 ? 1109 HOH A O   1 
HETATM 1396 O O   . HOH B 2 .   ? 6.864   -4.356  16.580  1.00 41.33 ? 1110 HOH A O   1 
HETATM 1397 O O   . HOH B 2 .   ? 6.304   -0.082  15.521  1.00 43.68 ? 1111 HOH A O   1 
HETATM 1398 O O   . HOH B 2 .   ? 14.459  -8.888  16.988  1.00 23.61 ? 1112 HOH A O   1 
HETATM 1399 O O   . HOH B 2 .   ? 8.893   -15.716 13.209  1.00 33.70 ? 1113 HOH A O   1 
HETATM 1400 O O   . HOH B 2 .   ? 0.111   -10.076 13.595  1.00 22.03 ? 1114 HOH A O   1 
HETATM 1401 O O   . HOH B 2 .   ? 0.728   -8.731  15.864  1.00 26.48 ? 1115 HOH A O   1 
HETATM 1402 O O   . HOH B 2 .   ? 5.159   -14.844 19.222  1.00 46.11 ? 1116 HOH A O   1 
HETATM 1403 O O   . HOH B 2 .   ? 6.971   -14.387 8.566   1.00 21.63 ? 1117 HOH A O   1 
HETATM 1404 O O   . HOH B 2 .   ? -26.212 13.477  -2.273  1.00 27.99 ? 1118 HOH A O   1 
HETATM 1405 O O   . HOH B 2 .   ? -23.857 13.090  -1.117  1.00 35.11 ? 1119 HOH A O   1 
HETATM 1406 O O   . HOH B 2 .   ? -29.472 15.273  -3.140  1.00 25.95 ? 1120 HOH A O   1 
HETATM 1407 O O   . HOH B 2 .   ? -28.224 13.670  -0.045  1.00 30.09 ? 1121 HOH A O   1 
HETATM 1408 O O   . HOH B 2 .   ? -27.511 1.704   -5.617  1.00 29.99 ? 1122 HOH A O   1 
HETATM 1409 O O   . HOH B 2 .   ? -19.720 -2.174  0.722   1.00 24.35 ? 1123 HOH A O   1 
HETATM 1410 O O   . HOH B 2 .   ? -23.587 2.879   2.000   1.00 42.11 ? 1124 HOH A O   1 
HETATM 1411 O O   . HOH B 2 .   ? -17.601 -0.836  1.175   1.00 24.33 ? 1125 HOH A O   1 
HETATM 1412 O O   . HOH B 2 .   ? -9.424  -13.795 -6.420  1.00 26.08 ? 1126 HOH A O   1 
HETATM 1413 O O   . HOH B 2 .   ? -1.697  -8.500  12.493  1.00 29.57 ? 1127 HOH A O   1 
HETATM 1414 O O   . HOH B 2 .   ? -3.795  -10.161 12.831  1.00 27.93 ? 1128 HOH A O   1 
HETATM 1415 O O   . HOH B 2 .   ? -3.034  0.955   7.178   1.00 24.07 ? 1129 HOH A O   1 
HETATM 1416 O O   . HOH B 2 .   ? 4.532   -14.647 -0.818  1.00 58.77 ? 1130 HOH A O   1 
HETATM 1417 O O   . HOH B 2 .   ? 3.440   -17.045 1.008   1.00 51.48 ? 1131 HOH A O   1 
HETATM 1418 O O   . HOH B 2 .   ? 18.851  -4.485  -1.493  1.00 30.78 ? 1132 HOH A O   1 
HETATM 1419 O O   . HOH B 2 .   ? 15.855  -3.496  -3.884  1.00 28.34 ? 1133 HOH A O   1 
HETATM 1420 O O   . HOH B 2 .   ? 13.087  4.353   16.193  1.00 40.95 ? 1134 HOH A O   1 
HETATM 1421 O O   . HOH B 2 .   ? 9.664   2.284   14.990  1.00 29.82 ? 1135 HOH A O   1 
HETATM 1422 O O   . HOH B 2 .   ? 11.318  7.477   15.408  1.00 39.68 ? 1136 HOH A O   1 
HETATM 1423 O O   . HOH B 2 .   ? 9.127   10.356  15.643  1.00 58.93 ? 1137 HOH A O   1 
HETATM 1424 O O   . HOH B 2 .   ? 13.721  12.846  11.595  1.00 27.61 ? 1138 HOH A O   1 
HETATM 1425 O O   . HOH B 2 .   ? 11.549  13.002  13.615  1.00 24.90 ? 1139 HOH A O   1 
HETATM 1426 O O   . HOH B 2 .   ? 17.559  11.048  -0.193  1.00 40.62 ? 1140 HOH A O   1 
HETATM 1427 O O   . HOH B 2 .   ? 16.753  7.304   -4.224  1.00 39.15 ? 1141 HOH A O   1 
HETATM 1428 O O   . HOH B 2 .   ? 15.295  0.564   -12.438 1.00 28.90 ? 1142 HOH A O   1 
HETATM 1429 O O   . HOH B 2 .   ? 4.639   9.698   -12.841 1.00 30.18 ? 1143 HOH A O   1 
HETATM 1430 O O   . HOH B 2 .   ? -4.113  -3.811  -13.403 1.00 45.00 ? 1144 HOH A O   1 
HETATM 1431 O O   . HOH B 2 .   ? 9.150   -1.756  -14.017 1.00 29.66 ? 1145 HOH A O   1 
HETATM 1432 O O   . HOH B 2 .   ? 11.228  0.092   -14.687 1.00 28.04 ? 1146 HOH A O   1 
HETATM 1433 O O   . HOH B 2 .   ? 13.187  12.281  -6.547  1.00 51.39 ? 1147 HOH A O   1 
HETATM 1434 O O   . HOH B 2 .   ? 1.594   8.610   10.396  1.00 39.23 ? 1148 HOH A O   1 
HETATM 1435 O O   . HOH B 2 .   ? 0.509   8.603   13.253  1.00 48.95 ? 1149 HOH A O   1 
HETATM 1436 O O   . HOH B 2 .   ? -3.714  10.386  4.929   1.00 30.66 ? 1150 HOH A O   1 
HETATM 1437 O O   . HOH B 2 .   ? -0.300  11.944  2.898   1.00 30.56 ? 1151 HOH A O   1 
HETATM 1438 O O   . HOH B 2 .   ? -1.621  6.495   10.280  1.00 34.79 ? 1152 HOH A O   1 
HETATM 1439 O O   . HOH B 2 .   ? -8.353  8.942   3.513   1.00 27.89 ? 1153 HOH A O   1 
HETATM 1440 O O   . HOH B 2 .   ? 12.336  -17.131 16.024  1.00 51.36 ? 1155 HOH A O   1 
HETATM 1441 O O   . HOH B 2 .   ? 2.864   0.075   13.591  1.00 33.42 ? 1156 HOH A O   1 
HETATM 1442 O O   . HOH B 2 .   ? 1.441   0.403   11.771  1.00 26.14 ? 1157 HOH A O   1 
HETATM 1443 O O   . HOH B 2 .   ? 0.581   2.680   10.479  1.00 33.06 ? 1158 HOH A O   1 
HETATM 1444 O O   . HOH B 2 .   ? 0.838   -2.976  11.111  1.00 35.83 ? 1159 HOH A O   1 
HETATM 1445 O O   . HOH B 2 .   ? 4.322   2.756   14.465  1.00 30.80 ? 1160 HOH A O   1 
HETATM 1446 O O   . HOH B 2 .   ? 4.304   -4.047  16.842  1.00 40.45 ? 1161 HOH A O   1 
HETATM 1447 O O   . HOH B 2 .   ? 18.462  -11.943 3.840   1.00 66.33 ? 1162 HOH A O   1 
HETATM 1448 O O   . HOH B 2 .   ? 14.882  -12.850 2.482   1.00 48.58 ? 1163 HOH A O   1 
HETATM 1449 O O   . HOH B 2 .   ? 1.381   -4.515  -9.378  1.00 67.43 ? 1164 HOH A O   1 
HETATM 1450 O O   . HOH B 2 .   ? 4.518   -8.792  -13.225 1.00 35.77 ? 1165 HOH A O   1 
HETATM 1451 O O   . HOH B 2 .   ? -10.353 10.728  3.881   1.00 30.65 ? 1166 HOH A O   1 
HETATM 1452 O O   . HOH B 2 .   ? -15.070 14.211  -4.195  1.00 19.00 ? 1167 HOH A O   1 
HETATM 1453 O O   . HOH B 2 .   ? -20.128 11.633  -0.588  1.00 27.47 ? 1168 HOH A O   1 
HETATM 1454 O O   . HOH B 2 .   ? -3.974  -5.936  -10.398 1.00 46.35 ? 1169 HOH A O   1 
HETATM 1455 O O   . HOH B 2 .   ? 24.879  5.775   7.814   1.00 22.59 ? 1170 HOH A O   1 
HETATM 1456 O O   . HOH B 2 .   ? 20.028  0.056   10.946  1.00 65.33 ? 1171 HOH A O   1 
HETATM 1457 O O   . HOH B 2 .   ? 15.382  -7.531  19.261  1.00 34.46 ? 1172 HOH A O   1 
HETATM 1458 O O   . HOH B 2 .   ? 12.748  -10.793 17.831  1.00 25.12 ? 1173 HOH A O   1 
HETATM 1459 O O   . HOH B 2 .   ? 13.539  -12.747 10.136  1.00 30.77 ? 1174 HOH A O   1 
HETATM 1460 O O   . HOH B 2 .   ? 13.068  -14.692 12.112  1.00 47.03 ? 1175 HOH A O   1 
HETATM 1461 O O   . HOH B 2 .   ? 8.624   -5.911  18.134  1.00 50.68 ? 1176 HOH A O   1 
HETATM 1462 O O   . HOH B 2 .   ? 6.792   -9.262  16.595  1.00 28.27 ? 1177 HOH A O   1 
HETATM 1463 O O   . HOH B 2 .   ? 4.350   -10.688 16.850  1.00 32.22 ? 1178 HOH A O   1 
HETATM 1464 O O   . HOH B 2 .   ? 4.815   -12.273 19.489  1.00 35.65 ? 1179 HOH A O   1 
HETATM 1465 O O   . HOH B 2 .   ? 3.048   -8.823  17.176  1.00 40.60 ? 1180 HOH A O   1 
HETATM 1466 O O   . HOH B 2 .   ? 8.942   -11.052 18.099  1.00 35.84 ? 1181 HOH A O   1 
HETATM 1467 O O   . HOH B 2 .   ? 11.156  -9.976  19.270  1.00 37.70 ? 1182 HOH A O   1 
HETATM 1468 O O   . HOH B 2 .   ? 6.639   -6.956  17.611  1.00 31.68 ? 1183 HOH A O   1 
HETATM 1469 O O   . HOH B 2 .   ? -5.621  -10.288 9.461   1.00 33.93 ? 1184 HOH A O   1 
HETATM 1470 O O   . HOH B 2 .   ? 0.824   8.673   -0.155  1.00 15.98 ? 1185 HOH A O   1 
HETATM 1471 O O   . HOH B 2 .   ? 1.434   7.918   -4.325  1.00 22.28 ? 1186 HOH A O   1 
HETATM 1472 O O   . HOH B 2 .   ? 24.800  8.821   9.663   1.00 22.92 ? 1187 HOH A O   1 
HETATM 1473 O O   . HOH B 2 .   ? 12.611  -6.734  -6.532  1.00 22.86 ? 1188 HOH A O   1 
HETATM 1474 O O   . HOH B 2 .   ? 27.463  6.276   9.175   1.00 25.26 ? 1189 HOH A O   1 
HETATM 1475 O O   . HOH B 2 .   ? -10.601 9.378   -16.727 1.00 22.26 ? 1190 HOH A O   1 
HETATM 1476 O O   . HOH B 2 .   ? 11.911  6.907   -16.968 1.00 29.00 ? 1191 HOH A O   1 
HETATM 1477 O O   . HOH B 2 .   ? -11.454 10.820  -11.953 1.00 29.75 ? 1192 HOH A O   1 
HETATM 1478 O O   . HOH B 2 .   ? -12.136 5.845   -14.903 1.00 30.05 ? 1193 HOH A O   1 
HETATM 1479 O O   . HOH B 2 .   ? -4.256  12.615  -6.145  1.00 26.97 ? 1194 HOH A O   1 
HETATM 1480 O O   . HOH B 2 .   ? -5.034  12.763  -8.334  1.00 26.16 ? 1195 HOH A O   1 
HETATM 1481 O O   . HOH B 2 .   ? 5.159   -15.985 7.096   1.00 35.76 ? 1196 HOH A O   1 
HETATM 1482 O O   . HOH B 2 .   ? -21.552 -1.468  2.105   1.00 26.51 ? 1197 HOH A O   1 
HETATM 1483 O O   . HOH B 2 .   ? 16.260  -0.723  -14.172 1.00 36.34 ? 1198 HOH A O   1 
HETATM 1484 O O   . HOH B 2 .   ? 4.455   10.283  -15.102 1.00 29.53 ? 1199 HOH A O   1 
HETATM 1485 O O   . HOH B 2 .   ? 13.306  -13.781 17.157  1.00 32.40 ? 1200 HOH A O   1 
HETATM 1486 O O   . HOH B 2 .   ? -26.603 -3.112  -2.247  1.00 30.30 ? 1201 HOH A O   1 
HETATM 1487 O O   . HOH B 2 .   ? 1.598   -18.028 9.523   1.00 36.46 ? 1202 HOH A O   1 
HETATM 1488 O O   . HOH B 2 .   ? -12.374 -14.245 -5.462  1.00 38.20 ? 1203 HOH A O   1 
HETATM 1489 O O   . HOH B 2 .   ? 17.498  -11.054 -0.879  1.00 36.54 ? 1204 HOH A O   1 
HETATM 1490 O O   . HOH B 2 .   ? 17.344  -9.232  16.086  1.00 35.81 ? 1205 HOH A O   1 
HETATM 1491 O O   . HOH B 2 .   ? -33.683 14.847  -8.949  1.00 29.53 ? 1206 HOH A O   1 
HETATM 1492 O O   . HOH B 2 .   ? -11.790 -9.653  2.292   1.00 41.56 ? 1207 HOH A O   1 
HETATM 1493 O O   . HOH B 2 .   ? -1.324  10.710  -6.674  1.00 39.68 ? 1208 HOH A O   1 
HETATM 1494 O O   . HOH B 2 .   ? -20.991 13.985  -0.996  1.00 33.85 ? 1209 HOH A O   1 
HETATM 1495 O O   . HOH B 2 .   ? -1.836  -5.707  12.691  1.00 26.86 ? 1210 HOH A O   1 
HETATM 1496 O O   . HOH B 2 .   ? 12.324  12.646  9.654   1.00 28.05 ? 1211 HOH A O   1 
HETATM 1497 O O   . HOH B 2 .   ? -1.518  -9.732  -7.559  1.00 39.35 ? 1212 HOH A O   1 
HETATM 1498 O O   . HOH B 2 .   ? -15.211 -0.531  4.642   1.00 29.26 ? 1213 HOH A O   1 
HETATM 1499 O O   . HOH B 2 .   ? -16.019 -5.204  -11.567 1.00 26.75 ? 1214 HOH A O   1 
HETATM 1500 O O   . HOH B 2 .   ? 14.884  -16.024 13.206  1.00 33.76 ? 1215 HOH A O   1 
HETATM 1501 O O   . HOH B 2 .   ? -9.148  -2.403  -17.450 1.00 29.58 ? 1216 HOH A O   1 
HETATM 1502 O O   . HOH B 2 .   ? 14.095  6.466   -17.530 1.00 39.84 ? 1217 HOH A O   1 
HETATM 1503 O O   . HOH B 2 .   ? -4.702  -2.213  12.567  1.00 38.60 ? 1218 HOH A O   1 
HETATM 1504 O O   . HOH B 2 .   ? 19.288  8.827   -4.148  1.00 37.48 ? 1219 HOH A O   1 
HETATM 1505 O O   . HOH B 2 .   ? 11.710  -11.868 21.508  1.00 45.85 ? 1220 HOH A O   1 
HETATM 1506 O O   . HOH B 2 .   ? 6.540   -2.049  -11.955 1.00 32.96 ? 1221 HOH A O   1 
HETATM 1507 O O   . HOH B 2 .   ? -11.382 6.613   7.486   1.00 52.93 ? 1222 HOH A O   1 
HETATM 1508 O O   . HOH B 2 .   ? -5.293  -13.622 7.296   1.00 73.80 ? 1223 HOH A O   1 
HETATM 1509 O O   . HOH B 2 .   ? -12.741 -4.927  5.442   1.00 53.75 ? 1224 HOH A O   1 
HETATM 1510 O O   . HOH B 2 .   ? -6.780  7.499   5.864   1.00 34.43 ? 1225 HOH A O   1 
HETATM 1511 O O   . HOH B 2 .   ? 11.068  15.543  1.771   1.00 36.05 ? 1226 HOH A O   1 
HETATM 1512 O O   . HOH B 2 .   ? 16.353  8.416   8.568   1.00 44.19 ? 1227 HOH A O   1 
HETATM 1513 O O   . HOH B 2 .   ? -8.504  6.724   -15.008 1.00 31.44 ? 1228 HOH A O   1 
HETATM 1514 O O   . HOH B 2 .   ? -1.505  3.278   9.263   1.00 30.53 ? 1229 HOH A O   1 
HETATM 1515 O O   . HOH B 2 .   ? 8.364   13.081  -1.417  1.00 32.40 ? 1230 HOH A O   1 
HETATM 1516 O O   . HOH B 2 .   ? 13.256  13.377  15.301  1.00 49.68 ? 1231 HOH A O   1 
HETATM 1517 O O   . HOH B 2 .   ? 17.704  -7.787  12.254  1.00 49.79 ? 1232 HOH A O   1 
HETATM 1518 O O   . HOH B 2 .   ? -18.883 -10.243 0.128   1.00 35.08 ? 1233 HOH A O   1 
HETATM 1519 O O   . HOH B 2 .   ? -22.937 15.062  0.239   1.00 50.10 ? 1234 HOH A O   1 
HETATM 1520 O O   . HOH B 2 .   ? -10.084 -12.915 -8.386  1.00 62.20 ? 1235 HOH A O   1 
HETATM 1521 O O   . HOH B 2 .   ? -14.750 -12.334 -8.496  1.00 42.84 ? 1236 HOH A O   1 
HETATM 1522 O O   . HOH B 2 .   ? 12.958  -2.460  17.042  1.00 45.40 ? 1237 HOH A O   1 
HETATM 1523 O O   . HOH B 2 .   ? 14.875  9.292   -17.031 1.00 62.96 ? 1238 HOH A O   1 
HETATM 1524 O O   . HOH B 2 .   ? -17.394 0.862   2.710   1.00 68.44 ? 1239 HOH A O   1 
HETATM 1525 O O   . HOH B 2 .   ? 12.284  13.398  -13.332 1.00 45.92 ? 1240 HOH A O   1 
HETATM 1526 O O   . HOH B 2 .   ? 6.837   10.375  15.428  1.00 33.22 ? 1241 HOH A O   1 
HETATM 1527 O O   . HOH B 2 .   ? -9.082  15.709  -1.937  1.00 32.14 ? 1242 HOH A O   1 
HETATM 1528 O O   . HOH B 2 .   ? -6.046  -12.588 2.080   1.00 46.21 ? 1243 HOH A O   1 
HETATM 1529 O O   . HOH B 2 .   ? 21.531  -2.345  9.373   1.00 45.72 ? 1244 HOH A O   1 
HETATM 1530 O O   . HOH B 2 .   ? -28.652 0.029   -3.698  1.00 51.32 ? 1245 HOH A O   1 
HETATM 1531 O O   . HOH B 2 .   ? -1.707  -11.460 14.653  1.00 34.62 ? 1246 HOH A O   1 
HETATM 1532 O O   . HOH B 2 .   ? -10.039 -5.526  12.284  1.00 41.16 ? 1247 HOH A O   1 
HETATM 1533 O O   . HOH B 2 .   ? -9.155  13.494  4.646   1.00 52.36 ? 1248 HOH A O   1 
HETATM 1534 O O   . HOH B 2 .   ? -27.142 10.286  0.177   1.00 44.52 ? 1250 HOH A O   1 
HETATM 1535 O O   . HOH B 2 .   ? 13.081  0.835   17.224  1.00 39.67 ? 1251 HOH A O   1 
HETATM 1536 O O   . HOH B 2 .   ? 14.616  10.564  9.354   1.00 33.74 ? 1252 HOH A O   1 
HETATM 1537 O O   . HOH B 2 .   ? -3.510  1.514   9.441   1.00 30.99 ? 1253 HOH A O   1 
HETATM 1538 O O   . HOH B 2 .   ? -5.122  12.504  2.250   0.50 35.71 ? 1254 HOH A O   1 
HETATM 1539 O O   . HOH B 2 .   ? 13.411  10.140  15.679  1.00 44.93 ? 1255 HOH A O   1 
HETATM 1540 O O   . HOH B 2 .   ? 17.615  5.522   10.266  1.00 35.75 ? 1256 HOH A O   1 
HETATM 1541 O O   . HOH B 2 .   ? 5.926   5.061   16.276  1.00 38.95 ? 1257 HOH A O   1 
HETATM 1542 O O   . HOH B 2 .   ? -18.351 -5.060  -11.693 1.00 39.81 ? 1258 HOH A O   1 
HETATM 1543 O O   . HOH B 2 .   ? -12.410 -3.004  -14.129 1.00 37.19 ? 1259 HOH A O   1 
HETATM 1544 O O   . HOH B 2 .   ? -12.510 3.654   10.000  1.00 36.34 ? 1260 HOH A O   1 
HETATM 1545 O O   . HOH B 2 .   ? 2.893   -20.140 11.235  1.00 37.10 ? 1261 HOH A O   1 
HETATM 1546 O O   . HOH B 2 .   ? -18.500 -2.706  -16.204 1.00 35.44 ? 1262 HOH A O   1 
HETATM 1547 O O   . HOH B 2 .   ? 10.889  -14.119 13.513  1.00 31.25 ? 1263 HOH A O   1 
HETATM 1548 O O   . HOH B 2 .   ? 1.512   -18.914 -0.018  1.00 39.42 ? 1264 HOH A O   1 
HETATM 1549 O O   . HOH B 2 .   ? 4.900   7.680   16.114  1.00 43.57 ? 1265 HOH A O   1 
HETATM 1550 O O   . HOH B 2 .   ? 3.866   -17.943 7.650   1.00 36.57 ? 1266 HOH A O   1 
HETATM 1551 O O   . HOH B 2 .   ? -30.102 8.515   -9.654  1.00 59.60 ? 1267 HOH A O   1 
HETATM 1552 O O   . HOH B 2 .   ? 1.284   -0.870  -9.712  1.00 41.65 ? 1268 HOH A O   1 
HETATM 1553 O O   . HOH B 2 .   ? 22.261  -0.917  7.724   1.00 57.68 ? 1269 HOH A O   1 
HETATM 1554 O O   . HOH B 2 .   ? -16.264 -3.067  2.654   1.00 45.38 ? 1270 HOH A O   1 
HETATM 1555 O O   . HOH B 2 .   ? 15.450  -17.292 15.225  1.00 33.35 ? 1271 HOH A O   1 
HETATM 1556 O O   . HOH B 2 .   ? 11.644  16.529  -14.285 1.00 51.42 ? 1272 HOH A O   1 
HETATM 1557 O O   . HOH B 2 .   ? 13.814  -4.665  19.917  1.00 44.05 ? 1273 HOH A O   1 
# 
